data_1X5A
#
_entry.id   1X5A
#
_entity_poly.entity_id   1
_entity_poly.type   'polypeptide(L)'
_entity_poly.pdbx_seq_one_letter_code
;GSSGSSGAESLSGLSLKLVKKEPRQLELTWAGSRPRNPGGNLSYELHVLNQDEEWHQMVLEPRVLLTKLQPDTTYIVRVR
TLTPLGPGPFSPDHEFRTSPPSGPSSG
;
_entity_poly.pdbx_strand_id   A
#
# COMPACT_ATOMS: atom_id res chain seq x y z
N GLY A 1 14.56 9.80 -11.64
CA GLY A 1 13.61 10.73 -11.07
C GLY A 1 14.12 12.16 -11.11
N SER A 2 13.39 13.02 -11.80
CA SER A 2 13.77 14.42 -11.92
C SER A 2 13.04 15.28 -10.89
N SER A 3 13.80 15.86 -9.95
CA SER A 3 13.22 16.69 -8.91
C SER A 3 12.27 17.72 -9.50
N GLY A 4 12.81 18.59 -10.35
CA GLY A 4 11.99 19.62 -10.97
C GLY A 4 10.92 20.15 -10.04
N SER A 5 9.75 20.45 -10.59
CA SER A 5 8.64 20.98 -9.80
C SER A 5 8.28 20.03 -8.67
N SER A 6 7.31 20.43 -7.84
CA SER A 6 6.88 19.61 -6.72
C SER A 6 6.71 18.16 -7.15
N GLY A 7 6.57 17.28 -6.16
CA GLY A 7 6.41 15.86 -6.44
C GLY A 7 7.53 15.01 -5.87
N ALA A 8 8.75 15.51 -5.98
CA ALA A 8 9.91 14.79 -5.48
C ALA A 8 10.01 14.91 -3.95
N GLU A 9 9.45 13.92 -3.25
CA GLU A 9 9.47 13.92 -1.80
C GLU A 9 10.54 12.97 -1.28
N SER A 10 11.58 12.76 -2.07
CA SER A 10 12.67 11.88 -1.69
C SER A 10 12.15 10.69 -0.89
N LEU A 11 11.02 10.15 -1.32
CA LEU A 11 10.41 9.00 -0.64
C LEU A 11 11.48 8.02 -0.18
N SER A 12 11.24 7.39 0.97
CA SER A 12 12.18 6.42 1.53
C SER A 12 11.97 5.04 0.92
N GLY A 13 11.73 5.01 -0.39
CA GLY A 13 11.52 3.75 -1.08
C GLY A 13 10.27 3.02 -0.60
N LEU A 14 9.14 3.72 -0.62
CA LEU A 14 7.87 3.14 -0.19
C LEU A 14 6.80 3.31 -1.25
N SER A 15 6.99 2.67 -2.39
CA SER A 15 6.03 2.76 -3.48
C SER A 15 5.20 1.48 -3.57
N LEU A 16 4.10 1.45 -2.81
CA LEU A 16 3.21 0.29 -2.81
C LEU A 16 3.09 -0.31 -4.20
N LYS A 17 3.09 -1.64 -4.27
CA LYS A 17 2.97 -2.34 -5.54
C LYS A 17 1.91 -3.44 -5.47
N LEU A 18 1.18 -3.62 -6.56
CA LEU A 18 0.14 -4.65 -6.61
C LEU A 18 0.75 -6.04 -6.77
N VAL A 19 0.78 -6.79 -5.67
CA VAL A 19 1.33 -8.14 -5.69
C VAL A 19 0.39 -9.11 -6.39
N LYS A 20 -0.85 -9.17 -5.93
CA LYS A 20 -1.86 -10.05 -6.51
C LYS A 20 -3.22 -9.38 -6.56
N LYS A 21 -3.88 -9.48 -7.70
CA LYS A 21 -5.21 -8.88 -7.88
C LYS A 21 -6.30 -9.93 -7.74
N GLU A 22 -7.08 -9.83 -6.66
CA GLU A 22 -8.17 -10.78 -6.42
C GLU A 22 -9.47 -10.04 -6.14
N PRO A 23 -10.60 -10.74 -6.38
CA PRO A 23 -11.93 -10.16 -6.17
C PRO A 23 -12.25 -9.96 -4.69
N ARG A 24 -11.62 -10.76 -3.84
CA ARG A 24 -11.84 -10.68 -2.40
C ARG A 24 -10.52 -10.71 -1.65
N GLN A 25 -9.47 -10.21 -2.29
CA GLN A 25 -8.14 -10.20 -1.69
C GLN A 25 -7.20 -9.25 -2.44
N LEU A 26 -6.25 -8.68 -1.73
CA LEU A 26 -5.29 -7.75 -2.33
C LEU A 26 -3.98 -7.73 -1.56
N GLU A 27 -2.90 -8.13 -2.21
CA GLU A 27 -1.58 -8.16 -1.58
C GLU A 27 -0.67 -7.07 -2.15
N LEU A 28 0.17 -6.50 -1.30
CA LEU A 28 1.09 -5.45 -1.72
C LEU A 28 2.44 -5.59 -1.02
N THR A 29 3.49 -5.09 -1.66
CA THR A 29 4.82 -5.15 -1.10
C THR A 29 5.64 -3.91 -1.46
N TRP A 30 6.34 -3.36 -0.48
CA TRP A 30 7.16 -2.18 -0.69
C TRP A 30 8.58 -2.39 -0.18
N ALA A 31 9.55 -2.41 -1.09
CA ALA A 31 10.94 -2.60 -0.73
C ALA A 31 11.83 -1.57 -1.40
N GLY A 32 12.94 -1.23 -0.75
CA GLY A 32 13.86 -0.25 -1.31
C GLY A 32 14.83 0.28 -0.27
N SER A 33 15.33 -0.60 0.58
CA SER A 33 16.26 -0.21 1.63
C SER A 33 17.66 -0.78 1.36
N ARG A 34 18.62 -0.35 2.16
CA ARG A 34 20.00 -0.81 2.00
C ARG A 34 20.38 -1.77 3.12
N PRO A 35 21.22 -2.77 2.78
CA PRO A 35 21.68 -3.78 3.74
C PRO A 35 22.63 -3.20 4.78
N ARG A 36 23.17 -4.05 5.64
CA ARG A 36 24.09 -3.63 6.69
C ARG A 36 23.39 -2.69 7.66
N ASN A 37 22.13 -2.97 7.95
CA ASN A 37 21.35 -2.14 8.88
C ASN A 37 21.54 -2.61 10.31
N PRO A 38 21.65 -1.65 11.23
CA PRO A 38 21.83 -1.94 12.66
C PRO A 38 20.59 -2.54 13.30
N GLY A 39 20.71 -2.93 14.57
CA GLY A 39 19.58 -3.52 15.26
C GLY A 39 18.39 -2.58 15.33
N GLY A 40 17.34 -3.02 16.02
CA GLY A 40 16.14 -2.20 16.14
C GLY A 40 15.16 -2.44 15.02
N ASN A 41 14.71 -3.69 14.87
CA ASN A 41 13.77 -4.05 13.82
C ASN A 41 12.75 -2.93 13.60
N LEU A 42 12.96 -2.15 12.54
CA LEU A 42 12.06 -1.06 12.22
C LEU A 42 10.63 -1.55 12.04
N SER A 43 9.71 -0.63 11.75
CA SER A 43 8.31 -0.97 11.56
C SER A 43 7.70 -0.17 10.41
N TYR A 44 6.45 -0.45 10.10
CA TYR A 44 5.75 0.25 9.03
C TYR A 44 4.26 0.39 9.34
N GLU A 45 3.72 1.58 9.10
CA GLU A 45 2.31 1.85 9.36
C GLU A 45 1.49 1.75 8.07
N LEU A 46 0.52 0.86 8.05
CA LEU A 46 -0.33 0.67 6.88
C LEU A 46 -1.69 1.32 7.09
N HIS A 47 -2.16 2.04 6.08
CA HIS A 47 -3.46 2.71 6.14
C HIS A 47 -4.24 2.53 4.85
N VAL A 48 -5.35 1.80 4.93
CA VAL A 48 -6.18 1.55 3.76
C VAL A 48 -7.47 2.37 3.81
N LEU A 49 -7.86 2.93 2.68
CA LEU A 49 -9.07 3.73 2.59
C LEU A 49 -9.95 3.26 1.44
N ASN A 50 -11.26 3.27 1.67
CA ASN A 50 -12.23 2.85 0.65
C ASN A 50 -13.28 3.94 0.42
N GLN A 51 -14.16 3.69 -0.54
CA GLN A 51 -15.22 4.65 -0.88
C GLN A 51 -15.86 5.19 0.40
N ASP A 52 -16.41 4.29 1.21
CA ASP A 52 -17.07 4.68 2.45
C ASP A 52 -16.58 3.82 3.61
N GLU A 53 -15.34 3.35 3.52
CA GLU A 53 -14.76 2.52 4.56
C GLU A 53 -13.27 2.79 4.71
N GLU A 54 -12.87 3.32 5.86
CA GLU A 54 -11.48 3.63 6.13
C GLU A 54 -10.96 2.82 7.32
N TRP A 55 -9.86 2.11 7.11
CA TRP A 55 -9.26 1.30 8.16
C TRP A 55 -7.74 1.31 8.06
N HIS A 56 -7.07 1.22 9.20
CA HIS A 56 -5.62 1.21 9.24
C HIS A 56 -5.09 0.03 10.06
N GLN A 57 -3.88 -0.41 9.77
CA GLN A 57 -3.27 -1.53 10.47
C GLN A 57 -1.74 -1.46 10.38
N MET A 58 -1.10 -1.27 11.52
CA MET A 58 0.35 -1.19 11.57
C MET A 58 0.98 -2.57 11.37
N VAL A 59 1.88 -2.67 10.39
CA VAL A 59 2.55 -3.93 10.09
C VAL A 59 4.04 -3.82 10.33
N LEU A 60 4.63 -4.90 10.83
CA LEU A 60 6.08 -4.93 11.11
C LEU A 60 6.83 -5.55 9.94
N GLU A 61 6.18 -5.62 8.78
CA GLU A 61 6.81 -6.19 7.59
C GLU A 61 6.46 -5.36 6.36
N PRO A 62 7.35 -5.40 5.36
CA PRO A 62 7.16 -4.66 4.10
C PRO A 62 6.04 -5.25 3.25
N ARG A 63 5.39 -6.28 3.76
CA ARG A 63 4.31 -6.94 3.05
C ARG A 63 3.00 -6.84 3.84
N VAL A 64 1.88 -7.04 3.16
CA VAL A 64 0.57 -6.97 3.80
C VAL A 64 -0.47 -7.74 2.99
N LEU A 65 -1.26 -8.55 3.68
CA LEU A 65 -2.31 -9.33 3.02
C LEU A 65 -3.69 -8.90 3.49
N LEU A 66 -4.46 -8.29 2.59
CA LEU A 66 -5.80 -7.84 2.91
C LEU A 66 -6.85 -8.81 2.39
N THR A 67 -7.81 -9.17 3.25
CA THR A 67 -8.87 -10.09 2.86
C THR A 67 -10.24 -9.49 3.16
N LYS A 68 -11.28 -10.23 2.78
CA LYS A 68 -12.65 -9.77 3.01
C LYS A 68 -12.92 -8.47 2.27
N LEU A 69 -12.44 -8.38 1.04
CA LEU A 69 -12.63 -7.19 0.21
C LEU A 69 -13.75 -7.39 -0.79
N GLN A 70 -14.22 -6.29 -1.38
CA GLN A 70 -15.30 -6.35 -2.36
C GLN A 70 -14.74 -6.38 -3.77
N PRO A 71 -15.38 -7.17 -4.65
CA PRO A 71 -14.96 -7.30 -6.05
C PRO A 71 -15.23 -6.04 -6.85
N ASP A 72 -14.33 -5.72 -7.78
CA ASP A 72 -14.46 -4.54 -8.62
C ASP A 72 -14.59 -3.28 -7.77
N THR A 73 -13.63 -3.08 -6.87
CA THR A 73 -13.64 -1.91 -5.99
C THR A 73 -12.24 -1.33 -5.84
N THR A 74 -12.15 0.00 -5.92
CA THR A 74 -10.87 0.68 -5.79
C THR A 74 -10.48 0.87 -4.32
N TYR A 75 -9.39 0.25 -3.91
CA TYR A 75 -8.92 0.34 -2.54
C TYR A 75 -7.60 1.11 -2.47
N ILE A 76 -7.60 2.23 -1.75
CA ILE A 76 -6.40 3.04 -1.61
C ILE A 76 -5.53 2.54 -0.46
N VAL A 77 -4.23 2.44 -0.72
CA VAL A 77 -3.29 1.96 0.29
C VAL A 77 -2.10 2.91 0.41
N ARG A 78 -1.60 3.07 1.63
CA ARG A 78 -0.46 3.95 1.87
C ARG A 78 0.33 3.48 3.10
N VAL A 79 1.61 3.19 2.90
CA VAL A 79 2.47 2.73 3.98
C VAL A 79 3.61 3.73 4.23
N ARG A 80 3.99 3.88 5.49
CA ARG A 80 5.06 4.79 5.86
C ARG A 80 5.94 4.18 6.96
N THR A 81 7.25 4.29 6.79
CA THR A 81 8.19 3.75 7.76
C THR A 81 8.16 4.56 9.06
N LEU A 82 8.07 3.85 10.18
CA LEU A 82 8.04 4.50 11.49
C LEU A 82 9.45 4.79 12.00
N THR A 83 9.62 5.93 12.65
CA THR A 83 10.93 6.31 13.18
C THR A 83 10.78 6.99 14.55
N PRO A 84 11.82 6.87 15.38
CA PRO A 84 11.83 7.46 16.72
C PRO A 84 11.91 8.99 16.67
N LEU A 85 12.65 9.51 15.70
CA LEU A 85 12.80 10.95 15.54
C LEU A 85 12.41 11.40 14.15
N GLY A 86 11.14 11.79 13.99
CA GLY A 86 10.66 12.24 12.69
C GLY A 86 10.29 11.08 11.79
N PRO A 87 9.04 10.59 11.92
CA PRO A 87 8.54 9.48 11.11
C PRO A 87 8.34 9.86 9.64
N GLY A 88 8.66 8.93 8.75
CA GLY A 88 8.50 9.20 7.33
C GLY A 88 7.09 9.60 6.96
N PRO A 89 6.94 10.30 5.82
CA PRO A 89 5.63 10.77 5.34
C PRO A 89 4.76 9.62 4.87
N PHE A 90 3.48 9.91 4.64
CA PHE A 90 2.53 8.90 4.18
C PHE A 90 2.54 8.80 2.66
N SER A 91 2.96 7.65 2.15
CA SER A 91 3.02 7.42 0.71
C SER A 91 1.81 8.02 0.01
N PRO A 92 1.96 8.34 -1.27
CA PRO A 92 0.88 8.92 -2.09
C PRO A 92 -0.24 7.93 -2.37
N ASP A 93 -1.48 8.39 -2.25
CA ASP A 93 -2.63 7.54 -2.49
C ASP A 93 -2.41 6.65 -3.70
N HIS A 94 -2.25 5.35 -3.47
CA HIS A 94 -2.02 4.39 -4.54
C HIS A 94 -3.35 3.83 -5.05
N GLU A 95 -3.77 4.30 -6.22
CA GLU A 95 -5.02 3.84 -6.81
C GLU A 95 -4.91 2.37 -7.25
N PHE A 96 -5.57 1.50 -6.50
CA PHE A 96 -5.56 0.07 -6.81
C PHE A 96 -6.96 -0.45 -7.05
N ARG A 97 -7.08 -1.41 -7.96
CA ARG A 97 -8.38 -2.00 -8.30
C ARG A 97 -8.36 -3.51 -8.09
N THR A 98 -9.39 -4.03 -7.43
CA THR A 98 -9.50 -5.45 -7.16
C THR A 98 -9.93 -6.22 -8.41
N SER A 99 -9.76 -7.53 -8.38
CA SER A 99 -10.13 -8.38 -9.51
C SER A 99 -11.64 -8.36 -9.73
N PRO A 100 -12.05 -8.40 -11.00
CA PRO A 100 -13.48 -8.38 -11.38
C PRO A 100 -14.19 -9.68 -11.00
N PRO A 101 -15.49 -9.57 -10.68
CA PRO A 101 -16.30 -10.72 -10.30
C PRO A 101 -16.57 -11.65 -11.47
N SER A 102 -17.18 -12.80 -11.18
CA SER A 102 -17.49 -13.79 -12.21
C SER A 102 -17.94 -13.10 -13.50
N GLY A 103 -17.11 -13.21 -14.54
CA GLY A 103 -17.43 -12.59 -15.82
C GLY A 103 -16.93 -13.40 -16.99
N PRO A 104 -17.34 -13.00 -18.21
CA PRO A 104 -16.96 -13.69 -19.44
C PRO A 104 -15.47 -13.49 -19.77
N SER A 105 -15.01 -14.11 -20.86
CA SER A 105 -13.63 -14.00 -21.27
C SER A 105 -13.50 -14.08 -22.79
N SER A 106 -12.86 -13.07 -23.37
CA SER A 106 -12.68 -13.02 -24.83
C SER A 106 -11.91 -14.24 -25.31
N GLY A 107 -12.33 -14.76 -26.48
CA GLY A 107 -11.66 -15.93 -27.04
C GLY A 107 -10.41 -15.57 -27.81
N GLY A 1 -11.24 24.66 -3.28
CA GLY A 1 -11.07 25.87 -2.51
C GLY A 1 -10.30 25.64 -1.22
N SER A 2 -10.63 24.56 -0.53
CA SER A 2 -9.97 24.23 0.73
C SER A 2 -8.45 24.26 0.56
N SER A 3 -7.94 23.47 -0.37
CA SER A 3 -6.51 23.40 -0.63
C SER A 3 -6.23 22.76 -1.98
N GLY A 4 -5.09 23.11 -2.57
CA GLY A 4 -4.72 22.56 -3.87
C GLY A 4 -3.68 21.47 -3.75
N SER A 5 -2.81 21.37 -4.75
CA SER A 5 -1.77 20.36 -4.76
C SER A 5 -0.38 21.01 -4.75
N SER A 6 0.08 21.39 -3.56
CA SER A 6 1.38 22.03 -3.42
C SER A 6 2.08 21.55 -2.14
N GLY A 7 3.40 21.61 -2.14
CA GLY A 7 4.16 21.19 -0.98
C GLY A 7 5.30 20.25 -1.34
N ALA A 8 6.52 20.72 -1.17
CA ALA A 8 7.70 19.92 -1.48
C ALA A 8 7.63 18.56 -0.78
N GLU A 9 7.68 17.50 -1.57
CA GLU A 9 7.62 16.14 -1.03
C GLU A 9 8.26 15.14 -2.00
N SER A 10 9.06 14.23 -1.45
CA SER A 10 9.73 13.22 -2.26
C SER A 10 9.75 11.87 -1.55
N LEU A 11 8.99 10.93 -2.08
CA LEU A 11 8.90 9.58 -1.51
C LEU A 11 10.27 8.91 -1.50
N SER A 12 10.82 8.68 -0.31
CA SER A 12 12.12 8.04 -0.17
C SER A 12 12.19 6.77 -1.01
N GLY A 13 11.38 5.78 -0.65
CA GLY A 13 11.37 4.53 -1.38
C GLY A 13 10.28 3.58 -0.90
N LEU A 14 9.05 4.09 -0.83
CA LEU A 14 7.92 3.29 -0.38
C LEU A 14 6.79 3.33 -1.40
N SER A 15 7.12 3.03 -2.66
CA SER A 15 6.13 3.02 -3.73
C SER A 15 5.36 1.71 -3.76
N LEU A 16 4.19 1.70 -3.13
CA LEU A 16 3.35 0.50 -3.08
C LEU A 16 3.31 -0.18 -4.44
N LYS A 17 3.09 -1.49 -4.43
CA LYS A 17 3.03 -2.27 -5.66
C LYS A 17 1.96 -3.36 -5.56
N LEU A 18 1.22 -3.57 -6.64
CA LEU A 18 0.18 -4.58 -6.68
C LEU A 18 0.76 -5.95 -6.98
N VAL A 19 0.97 -6.75 -5.94
CA VAL A 19 1.52 -8.10 -6.10
C VAL A 19 0.48 -9.05 -6.69
N LYS A 20 -0.65 -9.18 -6.01
CA LYS A 20 -1.72 -10.05 -6.46
C LYS A 20 -3.06 -9.31 -6.51
N LYS A 21 -3.79 -9.50 -7.59
CA LYS A 21 -5.09 -8.84 -7.76
C LYS A 21 -6.22 -9.85 -7.58
N GLU A 22 -6.82 -9.87 -6.40
CA GLU A 22 -7.92 -10.78 -6.11
C GLU A 22 -9.20 -10.01 -5.80
N PRO A 23 -10.35 -10.65 -6.02
CA PRO A 23 -11.66 -10.05 -5.77
C PRO A 23 -11.94 -9.88 -4.28
N ARG A 24 -11.49 -10.82 -3.48
CA ARG A 24 -11.70 -10.78 -2.04
C ARG A 24 -10.36 -10.79 -1.30
N GLN A 25 -9.32 -10.27 -1.94
CA GLN A 25 -7.99 -10.24 -1.35
C GLN A 25 -7.08 -9.30 -2.13
N LEU A 26 -6.05 -8.78 -1.45
CA LEU A 26 -5.10 -7.87 -2.07
C LEU A 26 -3.77 -7.90 -1.35
N GLU A 27 -2.71 -8.24 -2.07
CA GLU A 27 -1.37 -8.30 -1.50
C GLU A 27 -0.45 -7.28 -2.16
N LEU A 28 0.30 -6.55 -1.33
CA LEU A 28 1.22 -5.54 -1.83
C LEU A 28 2.57 -5.63 -1.12
N THR A 29 3.59 -5.01 -1.72
CA THR A 29 4.93 -5.03 -1.13
C THR A 29 5.70 -3.78 -1.52
N TRP A 30 6.41 -3.20 -0.55
CA TRP A 30 7.20 -1.99 -0.79
C TRP A 30 8.64 -2.20 -0.36
N ALA A 31 9.55 -2.27 -1.33
CA ALA A 31 10.96 -2.45 -1.05
C ALA A 31 11.82 -1.47 -1.84
N GLY A 32 13.10 -1.39 -1.49
CA GLY A 32 14.00 -0.48 -2.18
C GLY A 32 15.24 -0.16 -1.36
N SER A 33 15.04 0.49 -0.22
CA SER A 33 16.15 0.86 0.65
C SER A 33 16.72 -0.38 1.36
N ARG A 34 17.94 -0.75 0.98
CA ARG A 34 18.61 -1.90 1.58
C ARG A 34 19.19 -1.55 2.95
N PRO A 35 18.89 -2.40 3.94
CA PRO A 35 19.37 -2.22 5.31
C PRO A 35 20.87 -2.43 5.44
N ARG A 36 21.58 -1.40 5.88
CA ARG A 36 23.03 -1.48 6.04
C ARG A 36 23.42 -2.75 6.79
N ASN A 37 22.73 -3.01 7.90
CA ASN A 37 23.00 -4.18 8.71
C ASN A 37 22.03 -5.32 8.39
N PRO A 38 22.49 -6.56 8.56
CA PRO A 38 21.68 -7.75 8.29
C PRO A 38 20.54 -7.92 9.30
N GLY A 39 19.32 -7.62 8.87
CA GLY A 39 18.18 -7.75 9.75
C GLY A 39 17.10 -6.73 9.43
N GLY A 40 16.70 -5.96 10.45
CA GLY A 40 15.67 -4.96 10.26
C GLY A 40 14.64 -4.97 11.37
N ASN A 41 14.94 -4.25 12.46
CA ASN A 41 14.03 -4.18 13.59
C ASN A 41 13.13 -2.96 13.49
N LEU A 42 12.68 -2.65 12.28
CA LEU A 42 11.82 -1.50 12.06
C LEU A 42 10.39 -1.94 11.76
N SER A 43 9.44 -1.03 11.93
CA SER A 43 8.04 -1.33 11.67
C SER A 43 7.51 -0.50 10.50
N TYR A 44 6.24 -0.69 10.18
CA TYR A 44 5.60 0.04 9.08
C TYR A 44 4.12 0.25 9.36
N GLU A 45 3.65 1.46 9.08
CA GLU A 45 2.25 1.80 9.30
C GLU A 45 1.46 1.71 8.00
N LEU A 46 0.43 0.86 7.98
CA LEU A 46 -0.40 0.68 6.80
C LEU A 46 -1.77 1.31 6.99
N HIS A 47 -2.21 2.06 5.99
CA HIS A 47 -3.52 2.72 6.05
C HIS A 47 -4.30 2.51 4.76
N VAL A 48 -5.45 1.83 4.86
CA VAL A 48 -6.29 1.56 3.71
C VAL A 48 -7.58 2.34 3.78
N LEU A 49 -7.95 2.98 2.68
CA LEU A 49 -9.17 3.76 2.61
C LEU A 49 -10.10 3.24 1.52
N ASN A 50 -11.41 3.48 1.68
CA ASN A 50 -12.39 3.04 0.71
C ASN A 50 -13.49 4.08 0.53
N GLN A 51 -14.39 3.83 -0.41
CA GLN A 51 -15.49 4.74 -0.68
C GLN A 51 -16.14 5.20 0.62
N ASP A 52 -16.56 4.25 1.44
CA ASP A 52 -17.20 4.57 2.71
C ASP A 52 -16.62 3.70 3.84
N GLU A 53 -15.42 3.17 3.61
CA GLU A 53 -14.76 2.33 4.60
C GLU A 53 -13.27 2.60 4.64
N GLU A 54 -12.80 3.13 5.78
CA GLU A 54 -11.38 3.44 5.94
C GLU A 54 -10.84 2.83 7.23
N TRP A 55 -9.81 2.00 7.10
CA TRP A 55 -9.20 1.35 8.25
C TRP A 55 -7.68 1.39 8.16
N HIS A 56 -7.02 1.25 9.30
CA HIS A 56 -5.56 1.27 9.36
C HIS A 56 -5.03 0.12 10.19
N GLN A 57 -3.86 -0.39 9.82
CA GLN A 57 -3.24 -1.50 10.53
C GLN A 57 -1.72 -1.42 10.44
N MET A 58 -1.06 -1.37 11.59
CA MET A 58 0.39 -1.30 11.64
C MET A 58 1.01 -2.67 11.38
N VAL A 59 1.82 -2.76 10.33
CA VAL A 59 2.48 -4.01 9.98
C VAL A 59 3.98 -3.95 10.26
N LEU A 60 4.55 -5.08 10.66
CA LEU A 60 5.97 -5.15 10.96
C LEU A 60 6.76 -5.72 9.78
N GLU A 61 6.17 -5.62 8.59
CA GLU A 61 6.80 -6.12 7.38
C GLU A 61 6.39 -5.29 6.17
N PRO A 62 7.25 -5.28 5.14
CA PRO A 62 7.00 -4.53 3.91
C PRO A 62 5.88 -5.14 3.08
N ARG A 63 5.26 -6.19 3.61
CA ARG A 63 4.18 -6.86 2.91
C ARG A 63 2.90 -6.82 3.73
N VAL A 64 1.77 -6.64 3.05
CA VAL A 64 0.47 -6.58 3.72
C VAL A 64 -0.58 -7.37 2.95
N LEU A 65 -1.34 -8.19 3.67
CA LEU A 65 -2.39 -9.01 3.06
C LEU A 65 -3.77 -8.56 3.53
N LEU A 66 -4.55 -7.99 2.63
CA LEU A 66 -5.90 -7.53 2.95
C LEU A 66 -6.94 -8.56 2.53
N THR A 67 -7.75 -8.99 3.48
CA THR A 67 -8.80 -9.98 3.21
C THR A 67 -10.18 -9.39 3.48
N LYS A 68 -11.22 -10.16 3.15
CA LYS A 68 -12.59 -9.72 3.35
C LYS A 68 -12.88 -8.45 2.56
N LEU A 69 -12.38 -8.39 1.33
CA LEU A 69 -12.59 -7.22 0.48
C LEU A 69 -13.69 -7.49 -0.54
N GLN A 70 -13.90 -6.53 -1.43
CA GLN A 70 -14.94 -6.66 -2.46
C GLN A 70 -14.32 -6.60 -3.85
N PRO A 71 -14.88 -7.37 -4.78
CA PRO A 71 -14.41 -7.43 -6.17
C PRO A 71 -14.71 -6.15 -6.93
N ASP A 72 -13.88 -5.84 -7.93
CA ASP A 72 -14.06 -4.65 -8.73
C ASP A 72 -14.31 -3.43 -7.85
N THR A 73 -13.50 -3.28 -6.81
CA THR A 73 -13.63 -2.16 -5.88
C THR A 73 -12.31 -1.43 -5.71
N THR A 74 -12.36 -0.11 -5.77
CA THR A 74 -11.16 0.71 -5.62
C THR A 74 -10.78 0.88 -4.16
N TYR A 75 -9.58 0.43 -3.82
CA TYR A 75 -9.09 0.51 -2.44
C TYR A 75 -7.76 1.27 -2.38
N ILE A 76 -7.74 2.37 -1.65
CA ILE A 76 -6.53 3.17 -1.49
C ILE A 76 -5.63 2.61 -0.40
N VAL A 77 -4.34 2.51 -0.69
CA VAL A 77 -3.37 2.01 0.28
C VAL A 77 -2.14 2.90 0.35
N ARG A 78 -1.60 3.05 1.55
CA ARG A 78 -0.43 3.89 1.77
C ARG A 78 0.36 3.42 2.99
N VAL A 79 1.63 3.11 2.78
CA VAL A 79 2.49 2.65 3.86
C VAL A 79 3.63 3.63 4.12
N ARG A 80 4.00 3.78 5.38
CA ARG A 80 5.08 4.69 5.77
C ARG A 80 5.93 4.09 6.87
N THR A 81 7.25 4.16 6.69
CA THR A 81 8.19 3.63 7.67
C THR A 81 8.18 4.46 8.95
N LEU A 82 7.96 3.80 10.08
CA LEU A 82 7.94 4.48 11.37
C LEU A 82 9.34 4.67 11.91
N THR A 83 9.60 5.84 12.50
CA THR A 83 10.91 6.15 13.06
C THR A 83 10.78 6.76 14.44
N PRO A 84 11.81 6.56 15.28
CA PRO A 84 11.84 7.10 16.64
C PRO A 84 11.98 8.61 16.67
N LEU A 85 12.76 9.15 15.74
CA LEU A 85 12.98 10.58 15.66
C LEU A 85 12.64 11.11 14.26
N GLY A 86 11.40 11.57 14.10
CA GLY A 86 10.97 12.09 12.82
C GLY A 86 10.55 10.99 11.85
N PRO A 87 9.30 10.55 11.96
CA PRO A 87 8.75 9.49 11.10
C PRO A 87 8.56 9.96 9.66
N GLY A 88 8.65 9.02 8.72
CA GLY A 88 8.50 9.35 7.32
C GLY A 88 7.06 9.70 6.96
N PRO A 89 6.88 10.40 5.83
CA PRO A 89 5.56 10.81 5.37
C PRO A 89 4.72 9.63 4.89
N PHE A 90 3.45 9.90 4.60
CA PHE A 90 2.54 8.85 4.13
C PHE A 90 2.53 8.78 2.61
N SER A 91 2.89 7.61 2.08
CA SER A 91 2.93 7.41 0.64
C SER A 91 1.74 8.07 -0.04
N PRO A 92 1.91 8.41 -1.32
CA PRO A 92 0.87 9.06 -2.12
C PRO A 92 -0.30 8.14 -2.42
N ASP A 93 -1.51 8.66 -2.27
CA ASP A 93 -2.72 7.88 -2.53
C ASP A 93 -2.52 6.95 -3.73
N HIS A 94 -2.57 5.65 -3.48
CA HIS A 94 -2.40 4.65 -4.53
C HIS A 94 -3.73 4.06 -4.95
N GLU A 95 -4.13 4.33 -6.18
CA GLU A 95 -5.39 3.82 -6.70
C GLU A 95 -5.27 2.35 -7.12
N PHE A 96 -5.83 1.47 -6.29
CA PHE A 96 -5.78 0.03 -6.56
C PHE A 96 -7.18 -0.51 -6.87
N ARG A 97 -7.23 -1.49 -7.76
CA ARG A 97 -8.50 -2.10 -8.15
C ARG A 97 -8.44 -3.62 -8.00
N THR A 98 -9.40 -4.18 -7.27
CA THR A 98 -9.46 -5.62 -7.05
C THR A 98 -9.86 -6.34 -8.33
N SER A 99 -9.64 -7.66 -8.36
CA SER A 99 -9.98 -8.48 -9.52
C SER A 99 -11.48 -8.40 -9.80
N PRO A 100 -11.83 -8.39 -11.10
CA PRO A 100 -13.22 -8.33 -11.54
C PRO A 100 -13.99 -9.61 -11.24
N PRO A 101 -15.28 -9.47 -10.91
CA PRO A 101 -16.15 -10.61 -10.60
C PRO A 101 -16.45 -11.46 -11.83
N SER A 102 -17.22 -12.53 -11.63
CA SER A 102 -17.58 -13.43 -12.72
C SER A 102 -17.94 -12.64 -13.97
N GLY A 103 -17.12 -12.78 -15.02
CA GLY A 103 -17.37 -12.08 -16.26
C GLY A 103 -16.09 -11.54 -16.89
N PRO A 104 -15.41 -12.40 -17.65
CA PRO A 104 -14.16 -12.04 -18.33
C PRO A 104 -14.38 -11.05 -19.47
N SER A 105 -15.63 -10.67 -19.68
CA SER A 105 -15.98 -9.73 -20.74
C SER A 105 -14.89 -8.68 -20.92
N SER A 106 -14.75 -8.17 -22.14
CA SER A 106 -13.74 -7.17 -22.45
C SER A 106 -14.39 -5.81 -22.70
N GLY A 107 -14.44 -4.98 -21.67
CA GLY A 107 -15.04 -3.66 -21.81
C GLY A 107 -14.04 -2.61 -22.23
N GLY A 1 -16.11 19.27 2.05
CA GLY A 1 -15.08 18.53 1.34
C GLY A 1 -13.77 19.29 1.25
N SER A 2 -12.70 18.57 0.95
CA SER A 2 -11.38 19.19 0.84
C SER A 2 -10.84 19.08 -0.58
N SER A 3 -11.22 18.00 -1.27
CA SER A 3 -10.77 17.77 -2.64
C SER A 3 -9.36 18.29 -2.85
N GLY A 4 -8.49 18.02 -1.88
CA GLY A 4 -7.11 18.46 -1.97
C GLY A 4 -6.15 17.56 -1.21
N SER A 5 -5.84 16.40 -1.79
CA SER A 5 -4.94 15.46 -1.15
C SER A 5 -3.86 15.00 -2.12
N SER A 6 -4.29 14.43 -3.25
CA SER A 6 -3.36 13.93 -4.26
C SER A 6 -2.14 14.85 -4.37
N GLY A 7 -0.96 14.25 -4.44
CA GLY A 7 0.27 15.02 -4.54
C GLY A 7 1.46 14.16 -4.88
N ALA A 8 1.91 14.24 -6.14
CA ALA A 8 3.06 13.47 -6.58
C ALA A 8 4.34 13.92 -5.88
N GLU A 9 4.59 13.35 -4.70
CA GLU A 9 5.78 13.70 -3.93
C GLU A 9 6.44 12.44 -3.37
N SER A 10 7.56 12.04 -3.97
CA SER A 10 8.28 10.86 -3.52
C SER A 10 8.67 10.98 -2.06
N LEU A 11 8.71 9.85 -1.37
CA LEU A 11 9.07 9.83 0.06
C LEU A 11 10.40 9.11 0.25
N SER A 12 10.80 8.96 1.52
CA SER A 12 12.04 8.29 1.86
C SER A 12 12.34 7.18 0.88
N GLY A 13 11.39 6.25 0.71
CA GLY A 13 11.58 5.14 -0.20
C GLY A 13 10.55 4.05 0.02
N LEU A 14 9.34 4.27 -0.47
CA LEU A 14 8.26 3.30 -0.33
C LEU A 14 7.33 3.34 -1.54
N SER A 15 7.01 2.16 -2.08
CA SER A 15 6.13 2.06 -3.23
C SER A 15 5.23 0.84 -3.13
N LEU A 16 3.92 1.08 -3.02
CA LEU A 16 2.94 0.01 -2.91
C LEU A 16 2.75 -0.69 -4.25
N LYS A 17 3.35 -1.87 -4.39
CA LYS A 17 3.24 -2.64 -5.62
C LYS A 17 2.17 -3.72 -5.49
N LEU A 18 1.29 -3.79 -6.50
CA LEU A 18 0.21 -4.78 -6.50
C LEU A 18 0.71 -6.12 -7.01
N VAL A 19 0.81 -7.09 -6.10
CA VAL A 19 1.28 -8.43 -6.46
C VAL A 19 0.10 -9.38 -6.66
N LYS A 20 -0.86 -9.32 -5.75
CA LYS A 20 -2.04 -10.18 -5.83
C LYS A 20 -3.28 -9.36 -6.17
N LYS A 21 -3.73 -9.48 -7.42
CA LYS A 21 -4.91 -8.76 -7.88
C LYS A 21 -6.13 -9.66 -7.88
N GLU A 22 -6.72 -9.85 -6.70
CA GLU A 22 -7.90 -10.69 -6.57
C GLU A 22 -9.13 -9.86 -6.22
N PRO A 23 -10.31 -10.40 -6.52
CA PRO A 23 -11.59 -9.72 -6.24
C PRO A 23 -11.89 -9.63 -4.75
N ARG A 24 -11.43 -10.62 -4.00
CA ARG A 24 -11.66 -10.65 -2.56
C ARG A 24 -10.34 -10.79 -1.81
N GLN A 25 -9.26 -10.28 -2.41
CA GLN A 25 -7.94 -10.34 -1.80
C GLN A 25 -6.97 -9.43 -2.53
N LEU A 26 -6.00 -8.88 -1.80
CA LEU A 26 -5.00 -8.00 -2.38
C LEU A 26 -3.74 -7.97 -1.52
N GLU A 27 -2.59 -8.16 -2.16
CA GLU A 27 -1.32 -8.14 -1.44
C GLU A 27 -0.39 -7.06 -2.01
N LEU A 28 0.29 -6.35 -1.11
CA LEU A 28 1.21 -5.29 -1.52
C LEU A 28 2.61 -5.56 -1.00
N THR A 29 3.60 -4.92 -1.62
CA THR A 29 4.99 -5.09 -1.21
C THR A 29 5.80 -3.82 -1.47
N TRP A 30 6.43 -3.29 -0.43
CA TRP A 30 7.24 -2.09 -0.55
C TRP A 30 8.64 -2.32 -0.02
N ALA A 31 9.61 -2.47 -0.93
CA ALA A 31 10.99 -2.69 -0.55
C ALA A 31 11.91 -1.67 -1.22
N GLY A 32 13.14 -1.59 -0.74
CA GLY A 32 14.10 -0.67 -1.30
C GLY A 32 15.52 -1.19 -1.25
N SER A 33 16.19 -1.18 -2.40
CA SER A 33 17.57 -1.67 -2.50
C SER A 33 18.46 -0.98 -1.47
N ARG A 34 18.87 -1.73 -0.46
CA ARG A 34 19.73 -1.19 0.60
C ARG A 34 20.98 -2.05 0.78
N PRO A 35 22.14 -1.39 0.84
CA PRO A 35 23.43 -2.08 1.02
C PRO A 35 23.58 -2.68 2.40
N ARG A 36 23.20 -1.92 3.42
CA ARG A 36 23.30 -2.38 4.81
C ARG A 36 21.96 -2.25 5.51
N ASN A 37 21.76 -3.06 6.55
CA ASN A 37 20.52 -3.03 7.31
C ASN A 37 20.51 -1.87 8.30
N PRO A 38 19.35 -1.23 8.44
CA PRO A 38 19.17 -0.09 9.35
C PRO A 38 19.22 -0.51 10.82
N GLY A 39 20.20 0.03 11.55
CA GLY A 39 20.34 -0.30 12.95
C GLY A 39 19.05 -0.11 13.73
N GLY A 40 18.67 -1.13 14.50
CA GLY A 40 17.45 -1.05 15.28
C GLY A 40 16.24 -1.50 14.50
N ASN A 41 15.50 -2.46 15.05
CA ASN A 41 14.30 -2.99 14.40
C ASN A 41 13.30 -1.86 14.12
N LEU A 42 12.86 -1.78 12.87
CA LEU A 42 11.89 -0.75 12.48
C LEU A 42 10.54 -1.36 12.18
N SER A 43 9.55 -0.50 11.92
CA SER A 43 8.20 -0.97 11.62
C SER A 43 7.60 -0.18 10.46
N TYR A 44 6.40 -0.56 10.06
CA TYR A 44 5.71 0.12 8.95
C TYR A 44 4.24 0.31 9.26
N GLU A 45 3.73 1.52 8.99
CA GLU A 45 2.33 1.84 9.24
C GLU A 45 1.51 1.75 7.96
N LEU A 46 0.50 0.88 7.96
CA LEU A 46 -0.35 0.70 6.80
C LEU A 46 -1.70 1.38 7.00
N HIS A 47 -2.17 2.09 5.97
CA HIS A 47 -3.45 2.78 6.04
C HIS A 47 -4.27 2.52 4.78
N VAL A 48 -5.38 1.81 4.95
CA VAL A 48 -6.26 1.49 3.83
C VAL A 48 -7.56 2.27 3.92
N LEU A 49 -7.96 2.88 2.81
CA LEU A 49 -9.20 3.67 2.77
C LEU A 49 -10.10 3.19 1.63
N ASN A 50 -11.39 3.43 1.78
CA ASN A 50 -12.37 3.02 0.77
C ASN A 50 -13.46 4.08 0.60
N GLN A 51 -14.36 3.84 -0.34
CA GLN A 51 -15.45 4.77 -0.60
C GLN A 51 -16.08 5.25 0.71
N ASP A 52 -16.57 4.31 1.50
CA ASP A 52 -17.20 4.63 2.77
C ASP A 52 -16.65 3.75 3.89
N GLU A 53 -15.39 3.34 3.75
CA GLU A 53 -14.75 2.50 4.75
C GLU A 53 -13.26 2.81 4.84
N GLU A 54 -12.84 3.31 5.99
CA GLU A 54 -11.43 3.65 6.22
C GLU A 54 -10.90 2.97 7.47
N TRP A 55 -9.86 2.16 7.31
CA TRP A 55 -9.26 1.45 8.42
C TRP A 55 -7.74 1.37 8.27
N HIS A 56 -7.02 1.59 9.37
CA HIS A 56 -5.56 1.55 9.35
C HIS A 56 -5.04 0.41 10.23
N GLN A 57 -3.85 -0.07 9.92
CA GLN A 57 -3.25 -1.16 10.68
C GLN A 57 -1.73 -1.17 10.50
N MET A 58 -1.01 -1.11 11.62
CA MET A 58 0.45 -1.12 11.59
C MET A 58 0.99 -2.52 11.36
N VAL A 59 1.87 -2.66 10.38
CA VAL A 59 2.46 -3.96 10.06
C VAL A 59 3.97 -3.94 10.27
N LEU A 60 4.51 -5.07 10.71
CA LEU A 60 5.94 -5.18 10.96
C LEU A 60 6.69 -5.54 9.68
N GLU A 61 6.02 -6.26 8.78
CA GLU A 61 6.62 -6.66 7.52
C GLU A 61 6.22 -5.70 6.40
N PRO A 62 7.10 -5.55 5.40
CA PRO A 62 6.87 -4.67 4.26
C PRO A 62 5.77 -5.19 3.34
N ARG A 63 5.17 -6.31 3.72
CA ARG A 63 4.10 -6.91 2.92
C ARG A 63 2.85 -7.10 3.76
N VAL A 64 1.70 -6.73 3.20
CA VAL A 64 0.42 -6.86 3.89
C VAL A 64 -0.59 -7.62 3.03
N LEU A 65 -1.37 -8.48 3.68
CA LEU A 65 -2.38 -9.26 2.98
C LEU A 65 -3.79 -8.82 3.38
N LEU A 66 -4.51 -8.24 2.43
CA LEU A 66 -5.87 -7.77 2.68
C LEU A 66 -6.90 -8.73 2.09
N THR A 67 -7.72 -9.32 2.94
CA THR A 67 -8.74 -10.25 2.50
C THR A 67 -10.13 -9.74 2.83
N LYS A 68 -11.15 -10.48 2.41
CA LYS A 68 -12.53 -10.10 2.65
C LYS A 68 -12.87 -8.77 1.98
N LEU A 69 -12.38 -8.60 0.75
CA LEU A 69 -12.62 -7.38 0.00
C LEU A 69 -13.73 -7.59 -1.03
N GLN A 70 -14.29 -6.49 -1.52
CA GLN A 70 -15.35 -6.55 -2.52
C GLN A 70 -14.78 -6.48 -3.94
N PRO A 71 -15.38 -7.26 -4.86
CA PRO A 71 -14.94 -7.30 -6.26
C PRO A 71 -15.26 -6.01 -7.00
N ASP A 72 -14.37 -5.64 -7.92
CA ASP A 72 -14.56 -4.41 -8.70
C ASP A 72 -14.75 -3.21 -7.79
N THR A 73 -13.84 -3.03 -6.83
CA THR A 73 -13.91 -1.93 -5.90
C THR A 73 -12.53 -1.30 -5.68
N THR A 74 -12.47 0.02 -5.80
CA THR A 74 -11.21 0.74 -5.63
C THR A 74 -10.82 0.81 -4.16
N TYR A 75 -9.56 0.51 -3.87
CA TYR A 75 -9.06 0.53 -2.49
C TYR A 75 -7.75 1.31 -2.41
N ILE A 76 -7.74 2.35 -1.58
CA ILE A 76 -6.55 3.17 -1.40
C ILE A 76 -5.70 2.65 -0.26
N VAL A 77 -4.38 2.65 -0.46
CA VAL A 77 -3.45 2.19 0.56
C VAL A 77 -2.19 3.03 0.57
N ARG A 78 -1.64 3.25 1.78
CA ARG A 78 -0.43 4.05 1.93
C ARG A 78 0.39 3.55 3.11
N VAL A 79 1.62 3.10 2.83
CA VAL A 79 2.50 2.61 3.87
C VAL A 79 3.65 3.58 4.13
N ARG A 80 4.08 3.67 5.39
CA ARG A 80 5.17 4.56 5.76
C ARG A 80 6.08 3.90 6.80
N THR A 81 7.38 4.17 6.68
CA THR A 81 8.35 3.60 7.60
C THR A 81 8.34 4.34 8.94
N LEU A 82 7.62 3.77 9.91
CA LEU A 82 7.53 4.38 11.24
C LEU A 82 8.90 4.46 11.90
N THR A 83 9.17 5.57 12.56
CA THR A 83 10.44 5.77 13.24
C THR A 83 10.23 6.33 14.65
N PRO A 84 11.19 6.03 15.55
CA PRO A 84 11.13 6.49 16.94
C PRO A 84 11.36 7.99 17.05
N LEU A 85 12.24 8.52 16.22
CA LEU A 85 12.55 9.95 16.23
C LEU A 85 12.35 10.56 14.85
N GLY A 86 11.16 11.09 14.60
CA GLY A 86 10.85 11.70 13.32
C GLY A 86 10.45 10.67 12.27
N PRO A 87 9.16 10.31 12.27
CA PRO A 87 8.62 9.33 11.32
C PRO A 87 8.57 9.87 9.89
N GLY A 88 8.73 8.98 8.92
CA GLY A 88 8.71 9.39 7.53
C GLY A 88 7.31 9.78 7.06
N PRO A 89 7.24 10.52 5.96
CA PRO A 89 5.97 10.97 5.38
C PRO A 89 5.16 9.82 4.78
N PHE A 90 3.84 9.90 4.93
CA PHE A 90 2.96 8.85 4.40
C PHE A 90 3.06 8.79 2.87
N SER A 91 2.98 7.58 2.34
CA SER A 91 3.05 7.37 0.89
C SER A 91 1.88 8.04 0.18
N PRO A 92 2.07 8.36 -1.11
CA PRO A 92 1.04 9.01 -1.92
C PRO A 92 -0.12 8.07 -2.23
N ASP A 93 -1.34 8.59 -2.09
CA ASP A 93 -2.54 7.80 -2.35
C ASP A 93 -2.33 6.89 -3.57
N HIS A 94 -2.43 5.59 -3.35
CA HIS A 94 -2.26 4.62 -4.43
C HIS A 94 -3.61 4.03 -4.86
N GLU A 95 -4.13 4.52 -5.98
CA GLU A 95 -5.41 4.04 -6.49
C GLU A 95 -5.29 2.61 -7.00
N PHE A 96 -5.93 1.68 -6.29
CA PHE A 96 -5.88 0.27 -6.68
C PHE A 96 -7.28 -0.22 -7.05
N ARG A 97 -7.33 -1.24 -7.90
CA ARG A 97 -8.60 -1.82 -8.34
C ARG A 97 -8.57 -3.34 -8.23
N THR A 98 -9.59 -3.90 -7.57
CA THR A 98 -9.69 -5.34 -7.39
C THR A 98 -10.26 -6.00 -8.64
N SER A 99 -9.87 -7.25 -8.86
CA SER A 99 -10.35 -8.01 -10.02
C SER A 99 -11.87 -7.93 -10.13
N PRO A 100 -12.38 -7.88 -11.37
CA PRO A 100 -13.82 -7.81 -11.64
C PRO A 100 -14.54 -9.11 -11.29
N PRO A 101 -15.75 -8.98 -10.75
CA PRO A 101 -16.57 -10.15 -10.37
C PRO A 101 -17.08 -10.92 -11.58
N SER A 102 -17.68 -10.20 -12.53
CA SER A 102 -18.22 -10.82 -13.73
C SER A 102 -17.68 -10.12 -14.97
N GLY A 103 -16.76 -10.80 -15.67
CA GLY A 103 -16.18 -10.24 -16.87
C GLY A 103 -15.16 -11.17 -17.51
N PRO A 104 -15.64 -12.17 -18.25
CA PRO A 104 -14.79 -13.14 -18.93
C PRO A 104 -14.02 -12.53 -20.08
N SER A 105 -14.29 -11.26 -20.37
CA SER A 105 -13.63 -10.56 -21.46
C SER A 105 -12.30 -9.96 -20.99
N SER A 106 -12.37 -9.08 -20.01
CA SER A 106 -11.18 -8.43 -19.47
C SER A 106 -10.31 -9.43 -18.73
N GLY A 107 -10.92 -10.25 -17.89
CA GLY A 107 -10.19 -11.24 -17.14
C GLY A 107 -10.03 -12.55 -17.89
N GLY A 1 -15.15 4.11 -12.66
CA GLY A 1 -14.90 5.49 -12.26
C GLY A 1 -14.09 6.25 -13.29
N SER A 2 -13.50 7.37 -12.87
CA SER A 2 -12.70 8.20 -13.77
C SER A 2 -11.47 7.44 -14.25
N SER A 3 -10.91 7.89 -15.38
CA SER A 3 -9.73 7.26 -15.96
C SER A 3 -8.46 7.82 -15.34
N GLY A 4 -7.76 6.99 -14.57
CA GLY A 4 -6.52 7.42 -13.94
C GLY A 4 -5.91 6.34 -13.07
N SER A 5 -4.58 6.31 -13.03
CA SER A 5 -3.86 5.30 -12.25
C SER A 5 -2.51 5.84 -11.80
N SER A 6 -2.26 5.77 -10.50
CA SER A 6 -1.00 6.26 -9.94
C SER A 6 0.17 5.44 -10.47
N GLY A 7 1.39 5.97 -10.28
CA GLY A 7 2.58 5.28 -10.76
C GLY A 7 3.70 6.23 -11.08
N ALA A 8 3.39 7.32 -11.77
CA ALA A 8 4.39 8.31 -12.13
C ALA A 8 5.16 8.79 -10.90
N GLU A 9 4.44 9.03 -9.82
CA GLU A 9 5.05 9.51 -8.59
C GLU A 9 5.25 8.35 -7.60
N SER A 10 6.35 7.62 -7.76
CA SER A 10 6.66 6.50 -6.90
C SER A 10 7.59 6.91 -5.77
N LEU A 11 7.02 7.15 -4.59
CA LEU A 11 7.80 7.56 -3.43
C LEU A 11 9.06 6.72 -3.30
N SER A 12 10.13 7.34 -2.81
CA SER A 12 11.40 6.64 -2.64
C SER A 12 11.45 5.93 -1.29
N GLY A 13 12.15 4.80 -1.25
CA GLY A 13 12.25 4.04 -0.02
C GLY A 13 11.03 3.18 0.25
N LEU A 14 9.86 3.71 -0.07
CA LEU A 14 8.61 2.99 0.14
C LEU A 14 7.67 3.17 -1.05
N SER A 15 7.29 2.05 -1.66
CA SER A 15 6.40 2.09 -2.82
C SER A 15 5.49 0.86 -2.85
N LEU A 16 4.19 1.09 -2.78
CA LEU A 16 3.22 0.00 -2.79
C LEU A 16 3.06 -0.56 -4.21
N LYS A 17 3.07 -1.88 -4.32
CA LYS A 17 2.91 -2.55 -5.61
C LYS A 17 1.84 -3.63 -5.54
N LEU A 18 1.13 -3.83 -6.65
CA LEU A 18 0.09 -4.83 -6.72
C LEU A 18 0.67 -6.23 -6.91
N VAL A 19 0.72 -7.00 -5.82
CA VAL A 19 1.25 -8.35 -5.86
C VAL A 19 0.23 -9.33 -6.41
N LYS A 20 -0.93 -9.39 -5.77
CA LYS A 20 -2.00 -10.28 -6.18
C LYS A 20 -3.31 -9.52 -6.35
N LYS A 21 -3.85 -9.53 -7.57
CA LYS A 21 -5.10 -8.84 -7.87
C LYS A 21 -6.28 -9.81 -7.82
N GLU A 22 -7.05 -9.76 -6.74
CA GLU A 22 -8.21 -10.63 -6.58
C GLU A 22 -9.47 -9.82 -6.34
N PRO A 23 -10.62 -10.44 -6.59
CA PRO A 23 -11.93 -9.80 -6.41
C PRO A 23 -12.27 -9.58 -4.94
N ARG A 24 -11.75 -10.46 -4.08
CA ARG A 24 -12.00 -10.36 -2.65
C ARG A 24 -10.69 -10.43 -1.87
N GLN A 25 -9.62 -9.93 -2.48
CA GLN A 25 -8.31 -9.93 -1.84
C GLN A 25 -7.32 -9.05 -2.60
N LEU A 26 -6.39 -8.45 -1.89
CA LEU A 26 -5.39 -7.58 -2.50
C LEU A 26 -4.07 -7.64 -1.74
N GLU A 27 -3.03 -8.16 -2.39
CA GLU A 27 -1.72 -8.27 -1.77
C GLU A 27 -0.76 -7.23 -2.35
N LEU A 28 0.01 -6.61 -1.46
CA LEU A 28 0.98 -5.59 -1.87
C LEU A 28 2.29 -5.75 -1.11
N THR A 29 3.37 -5.31 -1.73
CA THR A 29 4.70 -5.39 -1.11
C THR A 29 5.58 -4.23 -1.55
N TRP A 30 6.33 -3.68 -0.60
CA TRP A 30 7.22 -2.56 -0.89
C TRP A 30 8.64 -2.88 -0.43
N ALA A 31 9.55 -2.99 -1.39
CA ALA A 31 10.95 -3.28 -1.09
C ALA A 31 11.88 -2.38 -1.90
N GLY A 32 13.16 -2.37 -1.51
CA GLY A 32 14.13 -1.54 -2.20
C GLY A 32 14.84 -0.59 -1.28
N SER A 33 16.01 -0.99 -0.79
CA SER A 33 16.79 -0.16 0.13
C SER A 33 18.25 -0.09 -0.32
N ARG A 34 18.67 1.09 -0.77
CA ARG A 34 20.04 1.30 -1.22
C ARG A 34 21.04 0.82 -0.17
N PRO A 35 20.96 1.43 1.03
CA PRO A 35 21.85 1.09 2.14
C PRO A 35 21.56 -0.29 2.71
N ARG A 36 22.47 -0.78 3.56
CA ARG A 36 22.31 -2.10 4.17
C ARG A 36 23.13 -2.19 5.45
N ASN A 37 22.44 -2.35 6.57
CA ASN A 37 23.10 -2.45 7.87
C ASN A 37 22.68 -3.73 8.60
N PRO A 38 23.67 -4.44 9.14
CA PRO A 38 23.43 -5.70 9.87
C PRO A 38 22.72 -5.47 11.20
N GLY A 39 21.41 -5.64 11.20
CA GLY A 39 20.63 -5.46 12.41
C GLY A 39 19.92 -4.11 12.44
N GLY A 40 18.59 -4.14 12.55
CA GLY A 40 17.82 -2.92 12.59
C GLY A 40 16.46 -3.11 13.22
N ASN A 41 15.92 -2.03 13.78
CA ASN A 41 14.60 -2.09 14.43
C ASN A 41 13.71 -0.96 13.93
N LEU A 42 12.86 -1.29 12.95
CA LEU A 42 11.95 -0.31 12.38
C LEU A 42 10.60 -0.95 12.07
N SER A 43 9.54 -0.13 12.05
CA SER A 43 8.20 -0.61 11.76
C SER A 43 7.59 0.15 10.60
N TYR A 44 6.39 -0.26 10.19
CA TYR A 44 5.70 0.39 9.08
C TYR A 44 4.19 0.46 9.36
N GLU A 45 3.62 1.65 9.13
CA GLU A 45 2.20 1.86 9.35
C GLU A 45 1.42 1.78 8.05
N LEU A 46 0.47 0.85 7.99
CA LEU A 46 -0.34 0.66 6.79
C LEU A 46 -1.75 1.22 7.00
N HIS A 47 -2.20 2.05 6.05
CA HIS A 47 -3.53 2.64 6.14
C HIS A 47 -4.29 2.43 4.83
N VAL A 48 -5.32 1.60 4.88
CA VAL A 48 -6.13 1.32 3.70
C VAL A 48 -7.47 2.05 3.77
N LEU A 49 -7.76 2.83 2.72
CA LEU A 49 -9.00 3.60 2.66
C LEU A 49 -9.90 3.06 1.55
N ASN A 50 -11.19 3.37 1.65
CA ASN A 50 -12.16 2.92 0.66
C ASN A 50 -13.33 3.91 0.57
N GLN A 51 -14.20 3.68 -0.41
CA GLN A 51 -15.36 4.54 -0.61
C GLN A 51 -15.96 4.96 0.73
N ASP A 52 -16.52 4.00 1.46
CA ASP A 52 -17.12 4.27 2.76
C ASP A 52 -16.51 3.39 3.83
N GLU A 53 -15.27 2.97 3.62
CA GLU A 53 -14.57 2.12 4.58
C GLU A 53 -13.11 2.54 4.72
N GLU A 54 -12.75 3.00 5.92
CA GLU A 54 -11.38 3.44 6.18
C GLU A 54 -10.82 2.74 7.41
N TRP A 55 -9.75 1.97 7.20
CA TRP A 55 -9.12 1.24 8.30
C TRP A 55 -7.60 1.25 8.15
N HIS A 56 -6.90 1.20 9.28
CA HIS A 56 -5.43 1.20 9.27
C HIS A 56 -4.89 0.11 10.18
N GLN A 57 -3.82 -0.55 9.73
CA GLN A 57 -3.20 -1.62 10.50
C GLN A 57 -1.68 -1.55 10.40
N MET A 58 -1.02 -1.47 11.55
CA MET A 58 0.43 -1.40 11.58
C MET A 58 1.05 -2.76 11.28
N VAL A 59 1.93 -2.79 10.29
CA VAL A 59 2.60 -4.03 9.89
C VAL A 59 4.09 -3.96 10.17
N LEU A 60 4.64 -5.05 10.69
CA LEU A 60 6.08 -5.12 11.00
C LEU A 60 6.85 -5.72 9.82
N GLU A 61 6.23 -5.73 8.66
CA GLU A 61 6.88 -6.26 7.46
C GLU A 61 6.47 -5.47 6.22
N PRO A 62 7.36 -5.48 5.21
CA PRO A 62 7.12 -4.76 3.95
C PRO A 62 6.00 -5.38 3.12
N ARG A 63 5.41 -6.45 3.64
CA ARG A 63 4.33 -7.15 2.95
C ARG A 63 3.05 -7.12 3.78
N VAL A 64 1.93 -6.88 3.11
CA VAL A 64 0.63 -6.83 3.77
C VAL A 64 -0.43 -7.59 2.98
N LEU A 65 -1.24 -8.38 3.68
CA LEU A 65 -2.29 -9.15 3.05
C LEU A 65 -3.67 -8.66 3.49
N LEU A 66 -4.42 -8.11 2.55
CA LEU A 66 -5.76 -7.61 2.84
C LEU A 66 -6.83 -8.57 2.33
N THR A 67 -7.81 -8.86 3.18
CA THR A 67 -8.89 -9.77 2.81
C THR A 67 -10.25 -9.12 3.07
N LYS A 68 -11.31 -9.86 2.72
CA LYS A 68 -12.67 -9.36 2.92
C LYS A 68 -12.90 -8.08 2.11
N LEU A 69 -12.48 -8.10 0.85
CA LEU A 69 -12.64 -6.94 -0.02
C LEU A 69 -13.80 -7.15 -1.00
N GLN A 70 -14.24 -6.07 -1.63
CA GLN A 70 -15.33 -6.14 -2.59
C GLN A 70 -14.80 -6.13 -4.02
N PRO A 71 -15.44 -6.93 -4.89
CA PRO A 71 -15.05 -7.04 -6.30
C PRO A 71 -15.36 -5.76 -7.09
N ASP A 72 -14.46 -5.40 -7.98
CA ASP A 72 -14.64 -4.20 -8.80
C ASP A 72 -14.71 -2.95 -7.93
N THR A 73 -13.79 -2.84 -6.98
CA THR A 73 -13.76 -1.69 -6.08
C THR A 73 -12.35 -1.13 -5.96
N THR A 74 -12.25 0.19 -5.76
CA THR A 74 -10.96 0.84 -5.63
C THR A 74 -10.53 0.95 -4.18
N TYR A 75 -9.39 0.37 -3.86
CA TYR A 75 -8.87 0.39 -2.49
C TYR A 75 -7.55 1.15 -2.42
N ILE A 76 -7.55 2.24 -1.65
CA ILE A 76 -6.34 3.05 -1.50
C ILE A 76 -5.45 2.52 -0.38
N VAL A 77 -4.16 2.39 -0.68
CA VAL A 77 -3.20 1.89 0.30
C VAL A 77 -2.01 2.84 0.44
N ARG A 78 -1.54 2.99 1.67
CA ARG A 78 -0.41 3.87 1.96
C ARG A 78 0.42 3.34 3.11
N VAL A 79 1.73 3.25 2.91
CA VAL A 79 2.64 2.76 3.94
C VAL A 79 3.77 3.75 4.20
N ARG A 80 4.14 3.89 5.46
CA ARG A 80 5.20 4.80 5.85
C ARG A 80 6.08 4.19 6.94
N THR A 81 7.33 4.66 7.01
CA THR A 81 8.27 4.16 8.01
C THR A 81 8.14 4.92 9.32
N LEU A 82 7.96 4.19 10.41
CA LEU A 82 7.83 4.80 11.73
C LEU A 82 9.20 5.15 12.31
N THR A 83 9.27 6.29 12.98
CA THR A 83 10.52 6.74 13.58
C THR A 83 10.28 7.30 14.98
N PRO A 84 11.31 7.21 15.83
CA PRO A 84 11.25 7.69 17.22
C PRO A 84 11.18 9.22 17.29
N LEU A 85 11.90 9.88 16.39
CA LEU A 85 11.91 11.34 16.36
C LEU A 85 11.51 11.86 14.99
N GLY A 86 10.22 12.14 14.82
CA GLY A 86 9.72 12.65 13.55
C GLY A 86 9.47 11.54 12.55
N PRO A 87 8.24 11.00 12.56
CA PRO A 87 7.85 9.92 11.66
C PRO A 87 7.73 10.39 10.20
N GLY A 88 8.21 9.56 9.27
CA GLY A 88 8.14 9.91 7.88
C GLY A 88 6.73 10.19 7.41
N PRO A 89 6.60 10.84 6.24
CA PRO A 89 5.30 11.18 5.66
C PRO A 89 4.55 9.95 5.16
N PHE A 90 3.24 10.08 4.99
CA PHE A 90 2.41 8.98 4.51
C PHE A 90 2.44 8.89 2.99
N SER A 91 2.90 7.76 2.48
CA SER A 91 2.98 7.55 1.04
C SER A 91 1.75 8.11 0.33
N PRO A 92 1.92 8.45 -0.95
CA PRO A 92 0.83 9.01 -1.77
C PRO A 92 -0.25 7.97 -2.08
N ASP A 93 -1.51 8.38 -1.97
CA ASP A 93 -2.63 7.50 -2.24
C ASP A 93 -2.41 6.71 -3.52
N HIS A 94 -2.38 5.39 -3.41
CA HIS A 94 -2.17 4.53 -4.57
C HIS A 94 -3.49 4.01 -5.11
N GLU A 95 -3.85 4.45 -6.32
CA GLU A 95 -5.10 4.04 -6.95
C GLU A 95 -5.03 2.58 -7.39
N PHE A 96 -5.69 1.71 -6.64
CA PHE A 96 -5.71 0.29 -6.96
C PHE A 96 -7.13 -0.20 -7.22
N ARG A 97 -7.24 -1.27 -8.00
CA ARG A 97 -8.54 -1.83 -8.34
C ARG A 97 -8.52 -3.36 -8.24
N THR A 98 -9.57 -3.93 -7.67
CA THR A 98 -9.66 -5.37 -7.51
C THR A 98 -10.18 -6.03 -8.79
N SER A 99 -10.38 -7.34 -8.74
CA SER A 99 -10.86 -8.09 -9.89
C SER A 99 -12.38 -8.01 -9.99
N PRO A 100 -12.88 -7.93 -11.23
CA PRO A 100 -14.33 -7.84 -11.49
C PRO A 100 -15.06 -9.13 -11.17
N PRO A 101 -16.33 -9.01 -10.75
CA PRO A 101 -17.16 -10.17 -10.40
C PRO A 101 -17.54 -10.99 -11.62
N SER A 102 -18.08 -12.19 -11.38
CA SER A 102 -18.49 -13.07 -12.47
C SER A 102 -19.61 -12.44 -13.29
N GLY A 103 -19.66 -12.80 -14.57
CA GLY A 103 -20.68 -12.26 -15.44
C GLY A 103 -21.62 -13.32 -15.98
N PRO A 104 -22.89 -12.97 -16.15
CA PRO A 104 -23.91 -13.89 -16.66
C PRO A 104 -23.71 -14.23 -18.13
N SER A 105 -24.56 -15.11 -18.65
CA SER A 105 -24.46 -15.52 -20.05
C SER A 105 -24.39 -14.30 -20.98
N SER A 106 -23.42 -14.32 -21.89
CA SER A 106 -23.24 -13.22 -22.83
C SER A 106 -24.19 -13.36 -24.02
N GLY A 107 -24.25 -14.56 -24.59
CA GLY A 107 -25.12 -14.81 -25.72
C GLY A 107 -26.30 -15.68 -25.37
N GLY A 1 -7.26 13.41 -7.30
CA GLY A 1 -6.97 14.02 -8.59
C GLY A 1 -5.53 13.81 -9.02
N SER A 2 -5.18 14.33 -10.19
CA SER A 2 -3.83 14.20 -10.72
C SER A 2 -3.12 15.55 -10.72
N SER A 3 -3.82 16.59 -11.14
CA SER A 3 -3.25 17.93 -11.20
C SER A 3 -1.78 17.88 -11.60
N GLY A 4 -1.49 17.10 -12.64
CA GLY A 4 -0.12 16.98 -13.11
C GLY A 4 0.89 17.01 -11.97
N SER A 5 0.74 16.07 -11.04
CA SER A 5 1.63 16.00 -9.88
C SER A 5 1.47 14.67 -9.16
N SER A 6 2.57 14.15 -8.62
CA SER A 6 2.55 12.87 -7.92
C SER A 6 3.25 13.00 -6.56
N GLY A 7 4.41 13.65 -6.57
CA GLY A 7 5.17 13.83 -5.33
C GLY A 7 6.66 13.83 -5.57
N ALA A 8 7.40 14.44 -4.65
CA ALA A 8 8.85 14.52 -4.75
C ALA A 8 9.46 13.14 -5.02
N GLU A 9 10.65 13.12 -5.61
CA GLU A 9 11.32 11.87 -5.92
C GLU A 9 11.59 11.07 -4.66
N SER A 10 12.25 11.70 -3.69
CA SER A 10 12.57 11.04 -2.42
C SER A 10 11.34 10.93 -1.54
N LEU A 11 10.78 9.72 -1.47
CA LEU A 11 9.59 9.47 -0.66
C LEU A 11 9.85 8.36 0.36
N SER A 12 10.62 8.69 1.39
CA SER A 12 10.94 7.73 2.44
C SER A 12 11.22 6.35 1.84
N GLY A 13 11.82 6.33 0.66
CA GLY A 13 12.13 5.07 0.00
C GLY A 13 11.00 4.07 0.11
N LEU A 14 9.85 4.40 -0.47
CA LEU A 14 8.70 3.52 -0.43
C LEU A 14 7.95 3.54 -1.76
N SER A 15 7.56 2.36 -2.23
CA SER A 15 6.84 2.23 -3.49
C SER A 15 5.83 1.09 -3.43
N LEU A 16 4.56 1.44 -3.33
CA LEU A 16 3.49 0.45 -3.25
C LEU A 16 3.31 -0.23 -4.61
N LYS A 17 3.72 -1.50 -4.69
CA LYS A 17 3.59 -2.26 -5.92
C LYS A 17 2.53 -3.35 -5.78
N LEU A 18 1.63 -3.43 -6.76
CA LEU A 18 0.56 -4.42 -6.74
C LEU A 18 1.13 -5.82 -6.98
N VAL A 19 1.24 -6.60 -5.90
CA VAL A 19 1.77 -7.96 -6.00
C VAL A 19 0.73 -8.90 -6.60
N LYS A 20 -0.38 -9.07 -5.91
CA LYS A 20 -1.45 -9.94 -6.38
C LYS A 20 -2.80 -9.24 -6.33
N LYS A 21 -3.58 -9.38 -7.39
CA LYS A 21 -4.90 -8.75 -7.46
C LYS A 21 -6.00 -9.79 -7.38
N GLU A 22 -6.73 -9.78 -6.26
CA GLU A 22 -7.82 -10.73 -6.06
C GLU A 22 -9.14 -10.00 -5.82
N PRO A 23 -10.26 -10.69 -6.09
CA PRO A 23 -11.59 -10.12 -5.91
C PRO A 23 -11.95 -9.95 -4.43
N ARG A 24 -11.47 -10.86 -3.60
CA ARG A 24 -11.73 -10.81 -2.17
C ARG A 24 -10.44 -10.78 -1.37
N GLN A 25 -9.39 -10.22 -1.97
CA GLN A 25 -8.09 -10.14 -1.32
C GLN A 25 -7.19 -9.12 -2.02
N LEU A 26 -6.15 -8.69 -1.34
CA LEU A 26 -5.21 -7.72 -1.89
C LEU A 26 -3.84 -7.85 -1.24
N GLU A 27 -2.83 -8.13 -2.06
CA GLU A 27 -1.46 -8.27 -1.56
C GLU A 27 -0.54 -7.23 -2.18
N LEU A 28 0.21 -6.53 -1.33
CA LEU A 28 1.13 -5.50 -1.79
C LEU A 28 2.51 -5.69 -1.16
N THR A 29 3.50 -5.03 -1.74
CA THR A 29 4.87 -5.12 -1.24
C THR A 29 5.65 -3.84 -1.53
N TRP A 30 6.25 -3.27 -0.49
CA TRP A 30 7.02 -2.05 -0.63
C TRP A 30 8.46 -2.25 -0.13
N ALA A 31 9.41 -2.23 -1.06
CA ALA A 31 10.81 -2.41 -0.72
C ALA A 31 11.67 -1.29 -1.30
N GLY A 32 12.32 -0.53 -0.44
CA GLY A 32 13.17 0.56 -0.89
C GLY A 32 14.34 0.08 -1.73
N SER A 33 15.49 0.71 -1.56
CA SER A 33 16.68 0.34 -2.31
C SER A 33 17.80 -0.12 -1.39
N ARG A 34 17.76 -1.40 -1.02
CA ARG A 34 18.76 -1.98 -0.13
C ARG A 34 18.91 -3.48 -0.39
N PRO A 35 20.10 -4.01 -0.05
CA PRO A 35 20.40 -5.44 -0.24
C PRO A 35 19.61 -6.32 0.72
N ARG A 36 19.28 -7.52 0.26
CA ARG A 36 18.52 -8.47 1.08
C ARG A 36 19.41 -9.10 2.15
N ASN A 37 19.39 -8.54 3.35
CA ASN A 37 20.20 -9.05 4.45
C ASN A 37 19.63 -8.60 5.79
N PRO A 38 19.40 -9.57 6.69
CA PRO A 38 18.86 -9.30 8.03
C PRO A 38 19.85 -8.58 8.92
N GLY A 39 19.61 -7.29 9.14
CA GLY A 39 20.50 -6.50 9.98
C GLY A 39 19.75 -5.70 11.02
N GLY A 40 18.97 -4.72 10.57
CA GLY A 40 18.21 -3.90 11.48
C GLY A 40 16.77 -4.35 11.62
N ASN A 41 15.98 -3.60 12.38
CA ASN A 41 14.58 -3.94 12.60
C ASN A 41 13.73 -2.67 12.67
N LEU A 42 12.69 -2.61 11.84
CA LEU A 42 11.79 -1.46 11.81
C LEU A 42 10.36 -1.90 11.51
N SER A 43 9.42 -0.98 11.73
CA SER A 43 8.01 -1.28 11.49
C SER A 43 7.47 -0.42 10.35
N TYR A 44 6.17 -0.54 10.09
CA TYR A 44 5.53 0.23 9.03
C TYR A 44 4.05 0.44 9.33
N GLU A 45 3.56 1.63 9.01
CA GLU A 45 2.16 1.97 9.25
C GLU A 45 1.35 1.85 7.96
N LEU A 46 0.32 0.98 8.00
CA LEU A 46 -0.53 0.77 6.84
C LEU A 46 -1.91 1.40 7.04
N HIS A 47 -2.36 2.16 6.06
CA HIS A 47 -3.65 2.83 6.14
C HIS A 47 -4.45 2.60 4.85
N VAL A 48 -5.52 1.82 4.95
CA VAL A 48 -6.36 1.53 3.80
C VAL A 48 -7.63 2.39 3.82
N LEU A 49 -8.02 2.86 2.64
CA LEU A 49 -9.22 3.69 2.53
C LEU A 49 -10.12 3.19 1.40
N ASN A 50 -11.38 2.90 1.74
CA ASN A 50 -12.33 2.41 0.75
C ASN A 50 -13.42 3.45 0.49
N GLN A 51 -14.38 3.09 -0.35
CA GLN A 51 -15.48 4.00 -0.68
C GLN A 51 -15.89 4.83 0.52
N ASP A 52 -16.42 4.17 1.55
CA ASP A 52 -16.85 4.84 2.75
C ASP A 52 -16.29 4.15 4.00
N GLU A 53 -15.43 3.17 3.77
CA GLU A 53 -14.82 2.43 4.87
C GLU A 53 -13.31 2.59 4.86
N GLU A 54 -12.77 3.19 5.92
CA GLU A 54 -11.33 3.40 6.02
C GLU A 54 -10.78 2.74 7.28
N TRP A 55 -9.82 1.83 7.10
CA TRP A 55 -9.21 1.12 8.23
C TRP A 55 -7.71 1.02 8.05
N HIS A 56 -6.96 1.25 9.12
CA HIS A 56 -5.50 1.17 9.08
C HIS A 56 -4.99 0.05 9.97
N GLN A 57 -3.86 -0.53 9.59
CA GLN A 57 -3.26 -1.62 10.36
C GLN A 57 -1.73 -1.55 10.30
N MET A 58 -1.11 -1.43 11.47
CA MET A 58 0.35 -1.37 11.54
C MET A 58 0.96 -2.74 11.33
N VAL A 59 1.75 -2.87 10.26
CA VAL A 59 2.40 -4.13 9.95
C VAL A 59 3.92 -4.03 10.14
N LEU A 60 4.53 -5.17 10.45
CA LEU A 60 5.98 -5.20 10.66
C LEU A 60 6.72 -5.52 9.36
N GLU A 61 6.10 -6.33 8.52
CA GLU A 61 6.69 -6.71 7.24
C GLU A 61 6.21 -5.78 6.13
N PRO A 62 7.05 -5.61 5.09
CA PRO A 62 6.73 -4.74 3.95
C PRO A 62 5.63 -5.32 3.08
N ARG A 63 5.07 -6.45 3.51
CA ARG A 63 4.00 -7.10 2.76
C ARG A 63 2.72 -7.18 3.60
N VAL A 64 1.66 -6.55 3.11
CA VAL A 64 0.38 -6.55 3.81
C VAL A 64 -0.67 -7.34 3.03
N LEU A 65 -1.35 -8.23 3.73
CA LEU A 65 -2.40 -9.06 3.11
C LEU A 65 -3.78 -8.68 3.65
N LEU A 66 -4.58 -8.05 2.79
CA LEU A 66 -5.93 -7.63 3.17
C LEU A 66 -6.96 -8.68 2.74
N THR A 67 -7.97 -8.89 3.58
CA THR A 67 -9.02 -9.85 3.29
C THR A 67 -10.40 -9.25 3.51
N LYS A 68 -11.43 -10.07 3.35
CA LYS A 68 -12.81 -9.61 3.55
C LYS A 68 -13.07 -8.35 2.74
N LEU A 69 -12.61 -8.34 1.49
CA LEU A 69 -12.80 -7.19 0.62
C LEU A 69 -13.91 -7.46 -0.40
N GLN A 70 -14.27 -6.43 -1.17
CA GLN A 70 -15.30 -6.56 -2.19
C GLN A 70 -14.70 -6.57 -3.59
N PRO A 71 -15.28 -7.37 -4.48
CA PRO A 71 -14.82 -7.49 -5.87
C PRO A 71 -15.10 -6.23 -6.68
N ASP A 72 -14.28 -5.99 -7.70
CA ASP A 72 -14.45 -4.82 -8.56
C ASP A 72 -14.64 -3.56 -7.72
N THR A 73 -13.70 -3.31 -6.81
CA THR A 73 -13.77 -2.15 -5.94
C THR A 73 -12.38 -1.54 -5.74
N THR A 74 -12.30 -0.21 -5.86
CA THR A 74 -11.04 0.49 -5.69
C THR A 74 -10.67 0.61 -4.21
N TYR A 75 -9.45 0.21 -3.87
CA TYR A 75 -8.98 0.27 -2.50
C TYR A 75 -7.66 1.04 -2.41
N ILE A 76 -7.71 2.19 -1.76
CA ILE A 76 -6.51 3.02 -1.60
C ILE A 76 -5.64 2.51 -0.46
N VAL A 77 -4.34 2.40 -0.71
CA VAL A 77 -3.40 1.93 0.29
C VAL A 77 -2.18 2.86 0.39
N ARG A 78 -1.73 3.09 1.61
CA ARG A 78 -0.58 3.96 1.85
C ARG A 78 0.23 3.49 3.05
N VAL A 79 1.50 3.18 2.82
CA VAL A 79 2.39 2.71 3.87
C VAL A 79 3.51 3.72 4.14
N ARG A 80 4.05 3.67 5.35
CA ARG A 80 5.13 4.58 5.74
C ARG A 80 6.04 3.93 6.78
N THR A 81 7.33 4.24 6.69
CA THR A 81 8.30 3.69 7.63
C THR A 81 8.26 4.42 8.97
N LEU A 82 8.51 3.69 10.05
CA LEU A 82 8.50 4.27 11.38
C LEU A 82 9.91 4.63 11.83
N THR A 83 10.04 5.79 12.48
CA THR A 83 11.34 6.25 12.96
C THR A 83 11.25 6.75 14.40
N PRO A 84 12.35 6.65 15.14
CA PRO A 84 12.43 7.10 16.53
C PRO A 84 12.36 8.62 16.65
N LEU A 85 12.99 9.32 15.71
CA LEU A 85 13.00 10.77 15.72
C LEU A 85 12.49 11.32 14.39
N GLY A 86 11.18 11.61 14.35
CA GLY A 86 10.59 12.14 13.14
C GLY A 86 10.30 11.07 12.10
N PRO A 87 9.09 10.48 12.17
CA PRO A 87 8.67 9.43 11.25
C PRO A 87 8.44 9.95 9.84
N GLY A 88 8.63 9.08 8.86
CA GLY A 88 8.44 9.46 7.47
C GLY A 88 6.99 9.78 7.14
N PRO A 89 6.77 10.53 6.06
CA PRO A 89 5.43 10.91 5.61
C PRO A 89 4.64 9.73 5.07
N PHE A 90 3.33 9.92 4.91
CA PHE A 90 2.46 8.87 4.40
C PHE A 90 2.45 8.87 2.87
N SER A 91 2.75 7.71 2.28
CA SER A 91 2.78 7.57 0.84
C SER A 91 1.52 8.17 0.21
N PRO A 92 1.64 8.62 -1.04
CA PRO A 92 0.53 9.21 -1.78
C PRO A 92 -0.54 8.18 -2.15
N ASP A 93 -1.81 8.56 -1.97
CA ASP A 93 -2.92 7.68 -2.29
C ASP A 93 -2.65 6.90 -3.57
N HIS A 94 -2.66 5.58 -3.48
CA HIS A 94 -2.41 4.73 -4.64
C HIS A 94 -3.72 4.11 -5.13
N GLU A 95 -4.20 4.59 -6.27
CA GLU A 95 -5.44 4.08 -6.85
C GLU A 95 -5.26 2.66 -7.37
N PHE A 96 -5.82 1.70 -6.65
CA PHE A 96 -5.72 0.29 -7.03
C PHE A 96 -7.10 -0.29 -7.35
N ARG A 97 -7.12 -1.43 -8.02
CA ARG A 97 -8.37 -2.08 -8.39
C ARG A 97 -8.28 -3.59 -8.14
N THR A 98 -9.31 -4.14 -7.50
CA THR A 98 -9.35 -5.57 -7.20
C THR A 98 -9.84 -6.36 -8.40
N SER A 99 -9.46 -7.63 -8.47
CA SER A 99 -9.87 -8.50 -9.57
C SER A 99 -11.38 -8.46 -9.77
N PRO A 100 -11.82 -8.51 -11.03
CA PRO A 100 -13.25 -8.48 -11.38
C PRO A 100 -13.97 -9.75 -10.96
N PRO A 101 -15.26 -9.61 -10.60
CA PRO A 101 -16.08 -10.74 -10.17
C PRO A 101 -16.43 -11.68 -11.33
N SER A 102 -16.21 -11.20 -12.55
CA SER A 102 -16.49 -12.00 -13.74
C SER A 102 -15.24 -12.15 -14.60
N GLY A 103 -14.72 -11.02 -15.08
CA GLY A 103 -13.53 -11.05 -15.91
C GLY A 103 -12.54 -12.11 -15.48
N PRO A 104 -11.70 -12.57 -16.42
CA PRO A 104 -10.69 -13.60 -16.15
C PRO A 104 -9.57 -13.09 -15.25
N SER A 105 -8.77 -14.02 -14.74
CA SER A 105 -7.66 -13.66 -13.86
C SER A 105 -6.42 -13.31 -14.67
N SER A 106 -5.65 -12.35 -14.16
CA SER A 106 -4.43 -11.91 -14.85
C SER A 106 -3.38 -13.02 -14.85
N GLY A 107 -3.09 -13.54 -16.04
CA GLY A 107 -2.10 -14.60 -16.16
C GLY A 107 -2.25 -15.37 -17.45
N GLY A 1 -17.06 19.61 -12.56
CA GLY A 1 -16.53 19.65 -11.22
C GLY A 1 -15.62 18.47 -10.91
N SER A 2 -14.32 18.67 -11.11
CA SER A 2 -13.34 17.61 -10.86
C SER A 2 -11.96 18.20 -10.61
N SER A 3 -11.15 17.46 -9.86
CA SER A 3 -9.79 17.92 -9.53
C SER A 3 -8.99 16.80 -8.90
N GLY A 4 -7.67 16.99 -8.82
CA GLY A 4 -6.80 15.98 -8.23
C GLY A 4 -5.34 16.27 -8.49
N SER A 5 -4.49 15.83 -7.56
CA SER A 5 -3.05 16.05 -7.67
C SER A 5 -2.35 14.78 -8.15
N SER A 6 -1.28 14.96 -8.93
CA SER A 6 -0.52 13.83 -9.45
C SER A 6 0.91 13.84 -8.92
N GLY A 7 1.62 12.73 -9.12
CA GLY A 7 2.98 12.63 -8.66
C GLY A 7 3.18 11.54 -7.63
N ALA A 8 3.14 10.29 -8.09
CA ALA A 8 3.31 9.14 -7.20
C ALA A 8 4.78 8.79 -7.03
N GLU A 9 5.62 9.82 -6.87
CA GLU A 9 7.06 9.61 -6.70
C GLU A 9 7.36 9.01 -5.33
N SER A 10 8.16 7.95 -5.32
CA SER A 10 8.53 7.28 -4.07
C SER A 10 9.38 8.18 -3.20
N LEU A 11 9.05 8.25 -1.92
CA LEU A 11 9.78 9.08 -0.97
C LEU A 11 11.12 8.44 -0.63
N SER A 12 11.08 7.31 0.05
CA SER A 12 12.29 6.60 0.44
C SER A 12 12.32 5.20 -0.14
N GLY A 13 11.83 5.06 -1.38
CA GLY A 13 11.81 3.77 -2.02
C GLY A 13 10.70 2.87 -1.50
N LEU A 14 9.48 3.40 -1.45
CA LEU A 14 8.34 2.64 -0.96
C LEU A 14 7.21 2.62 -1.99
N SER A 15 7.53 2.11 -3.18
CA SER A 15 6.55 2.02 -4.26
C SER A 15 5.57 0.86 -4.03
N LEU A 16 4.32 1.21 -3.78
CA LEU A 16 3.29 0.19 -3.54
C LEU A 16 3.06 -0.66 -4.79
N LYS A 17 3.66 -1.85 -4.79
CA LYS A 17 3.53 -2.76 -5.93
C LYS A 17 2.33 -3.70 -5.73
N LEU A 18 1.57 -3.90 -6.79
CA LEU A 18 0.40 -4.77 -6.74
C LEU A 18 0.75 -6.18 -7.18
N VAL A 19 1.21 -6.99 -6.23
CA VAL A 19 1.58 -8.37 -6.52
C VAL A 19 0.44 -9.12 -7.19
N LYS A 20 -0.64 -9.34 -6.44
CA LYS A 20 -1.80 -10.05 -6.96
C LYS A 20 -3.07 -9.23 -6.76
N LYS A 21 -3.95 -9.23 -7.77
CA LYS A 21 -5.19 -8.49 -7.69
C LYS A 21 -6.39 -9.43 -7.66
N GLU A 22 -6.91 -9.68 -6.45
CA GLU A 22 -8.05 -10.57 -6.28
C GLU A 22 -9.31 -9.77 -5.96
N PRO A 23 -10.48 -10.36 -6.28
CA PRO A 23 -11.78 -9.72 -6.03
C PRO A 23 -12.11 -9.66 -4.54
N ARG A 24 -11.47 -10.53 -3.76
CA ARG A 24 -11.70 -10.57 -2.33
C ARG A 24 -10.39 -10.50 -1.55
N GLN A 25 -9.29 -10.59 -2.28
CA GLN A 25 -7.96 -10.53 -1.67
C GLN A 25 -7.09 -9.48 -2.34
N LEU A 26 -6.12 -8.96 -1.60
CA LEU A 26 -5.22 -7.94 -2.13
C LEU A 26 -3.93 -7.86 -1.32
N GLU A 27 -2.81 -8.12 -1.97
CA GLU A 27 -1.52 -8.09 -1.30
C GLU A 27 -0.63 -7.00 -1.89
N LEU A 28 0.25 -6.44 -1.06
CA LEU A 28 1.16 -5.38 -1.50
C LEU A 28 2.54 -5.57 -0.90
N THR A 29 3.55 -5.07 -1.60
CA THR A 29 4.93 -5.18 -1.15
C THR A 29 5.72 -3.90 -1.42
N TRP A 30 6.36 -3.37 -0.38
CA TRP A 30 7.14 -2.15 -0.51
C TRP A 30 8.57 -2.37 -0.04
N ALA A 31 9.51 -2.36 -0.97
CA ALA A 31 10.92 -2.54 -0.65
C ALA A 31 11.80 -1.57 -1.42
N GLY A 32 12.70 -0.90 -0.71
CA GLY A 32 13.59 0.05 -1.36
C GLY A 32 15.00 -0.47 -1.47
N SER A 33 15.84 -0.18 -0.48
CA SER A 33 17.22 -0.62 -0.48
C SER A 33 17.65 -1.08 0.91
N ARG A 34 18.01 -2.36 1.02
CA ARG A 34 18.43 -2.93 2.29
C ARG A 34 19.25 -1.92 3.08
N PRO A 35 19.08 -1.92 4.42
CA PRO A 35 19.79 -1.02 5.32
C PRO A 35 21.28 -1.35 5.42
N ARG A 36 22.10 -0.32 5.54
CA ARG A 36 23.54 -0.50 5.65
C ARG A 36 23.91 -1.14 6.99
N ASN A 37 23.38 -0.59 8.07
CA ASN A 37 23.66 -1.10 9.41
C ASN A 37 22.46 -1.88 9.95
N PRO A 38 22.74 -2.88 10.80
CA PRO A 38 21.69 -3.71 11.41
C PRO A 38 20.85 -2.94 12.42
N GLY A 39 21.52 -2.17 13.28
CA GLY A 39 20.82 -1.40 14.28
C GLY A 39 19.71 -2.19 14.95
N GLY A 40 18.63 -1.50 15.32
CA GLY A 40 17.51 -2.16 15.97
C GLY A 40 16.45 -2.60 14.98
N ASN A 41 15.22 -2.75 15.47
CA ASN A 41 14.12 -3.18 14.62
C ASN A 41 13.23 -2.00 14.25
N LEU A 42 12.60 -2.08 13.07
CA LEU A 42 11.73 -1.01 12.60
C LEU A 42 10.34 -1.55 12.29
N SER A 43 9.37 -0.65 12.13
CA SER A 43 8.00 -1.05 11.83
C SER A 43 7.46 -0.24 10.65
N TYR A 44 6.22 -0.53 10.29
CA TYR A 44 5.57 0.16 9.17
C TYR A 44 4.09 0.37 9.43
N GLU A 45 3.60 1.57 9.16
CA GLU A 45 2.19 1.90 9.37
C GLU A 45 1.41 1.80 8.06
N LEU A 46 0.40 0.94 8.04
CA LEU A 46 -0.42 0.76 6.85
C LEU A 46 -1.80 1.37 7.05
N HIS A 47 -2.25 2.16 6.07
CA HIS A 47 -3.55 2.80 6.12
C HIS A 47 -4.36 2.53 4.86
N VAL A 48 -5.45 1.79 5.00
CA VAL A 48 -6.30 1.47 3.86
C VAL A 48 -7.64 2.19 3.95
N LEU A 49 -7.92 3.03 2.97
CA LEU A 49 -9.17 3.79 2.95
C LEU A 49 -10.11 3.25 1.86
N ASN A 50 -11.38 3.06 2.22
CA ASN A 50 -12.37 2.56 1.27
C ASN A 50 -13.32 3.66 0.84
N GLN A 51 -14.16 3.36 -0.14
CA GLN A 51 -15.13 4.33 -0.64
C GLN A 51 -15.74 5.14 0.50
N ASP A 52 -16.65 4.51 1.24
CA ASP A 52 -17.31 5.18 2.35
C ASP A 52 -16.82 4.60 3.68
N GLU A 53 -15.55 4.24 3.74
CA GLU A 53 -14.96 3.68 4.95
C GLU A 53 -13.46 3.96 5.01
N GLU A 54 -12.89 3.81 6.20
CA GLU A 54 -11.46 4.05 6.39
C GLU A 54 -10.92 3.22 7.55
N TRP A 55 -9.86 2.46 7.29
CA TRP A 55 -9.24 1.62 8.31
C TRP A 55 -7.75 1.50 8.08
N HIS A 56 -6.99 1.52 9.17
CA HIS A 56 -5.53 1.40 9.08
C HIS A 56 -5.02 0.34 10.05
N GLN A 57 -3.93 -0.32 9.66
CA GLN A 57 -3.33 -1.36 10.50
C GLN A 57 -1.81 -1.34 10.40
N MET A 58 -1.15 -1.30 11.55
CA MET A 58 0.30 -1.27 11.60
C MET A 58 0.88 -2.66 11.36
N VAL A 59 1.79 -2.75 10.39
CA VAL A 59 2.43 -4.02 10.05
C VAL A 59 3.93 -3.96 10.27
N LEU A 60 4.48 -5.01 10.85
CA LEU A 60 5.92 -5.08 11.12
C LEU A 60 6.69 -5.47 9.86
N GLU A 61 6.04 -6.26 9.00
CA GLU A 61 6.67 -6.70 7.76
C GLU A 61 6.40 -5.71 6.63
N PRO A 62 7.34 -5.63 5.68
CA PRO A 62 7.23 -4.72 4.52
C PRO A 62 6.14 -5.16 3.55
N ARG A 63 5.42 -6.21 3.91
CA ARG A 63 4.35 -6.73 3.07
C ARG A 63 3.10 -7.02 3.89
N VAL A 64 1.98 -6.45 3.46
CA VAL A 64 0.71 -6.64 4.16
C VAL A 64 -0.22 -7.55 3.36
N LEU A 65 -1.13 -8.23 4.07
CA LEU A 65 -2.07 -9.12 3.42
C LEU A 65 -3.52 -8.71 3.73
N LEU A 66 -4.23 -8.27 2.71
CA LEU A 66 -5.62 -7.84 2.87
C LEU A 66 -6.58 -8.88 2.31
N THR A 67 -7.61 -9.21 3.08
CA THR A 67 -8.60 -10.19 2.65
C THR A 67 -10.01 -9.71 2.96
N LYS A 68 -11.01 -10.50 2.56
CA LYS A 68 -12.40 -10.16 2.78
C LYS A 68 -12.75 -8.83 2.14
N LEU A 69 -12.37 -8.66 0.88
CA LEU A 69 -12.64 -7.44 0.14
C LEU A 69 -13.78 -7.64 -0.85
N GLN A 70 -14.26 -6.53 -1.42
CA GLN A 70 -15.35 -6.58 -2.38
C GLN A 70 -14.82 -6.48 -3.81
N PRO A 71 -15.40 -7.28 -4.71
CA PRO A 71 -15.00 -7.30 -6.13
C PRO A 71 -15.40 -6.02 -6.85
N ASP A 72 -14.61 -5.65 -7.87
CA ASP A 72 -14.88 -4.44 -8.64
C ASP A 72 -15.01 -3.23 -7.73
N THR A 73 -14.08 -3.09 -6.79
CA THR A 73 -14.09 -1.97 -5.86
C THR A 73 -12.70 -1.35 -5.73
N THR A 74 -12.66 -0.03 -5.61
CA THR A 74 -11.40 0.69 -5.48
C THR A 74 -10.97 0.78 -4.02
N TYR A 75 -9.73 0.40 -3.74
CA TYR A 75 -9.19 0.44 -2.39
C TYR A 75 -7.89 1.23 -2.34
N ILE A 76 -7.86 2.26 -1.50
CA ILE A 76 -6.67 3.09 -1.36
C ILE A 76 -5.77 2.56 -0.24
N VAL A 77 -4.47 2.50 -0.53
CA VAL A 77 -3.50 2.02 0.45
C VAL A 77 -2.26 2.89 0.48
N ARG A 78 -1.72 3.13 1.67
CA ARG A 78 -0.52 3.96 1.82
C ARG A 78 0.33 3.47 2.99
N VAL A 79 1.58 3.12 2.70
CA VAL A 79 2.50 2.64 3.72
C VAL A 79 3.71 3.56 3.85
N ARG A 80 4.26 3.64 5.06
CA ARG A 80 5.42 4.48 5.31
C ARG A 80 6.25 3.92 6.46
N THR A 81 7.57 4.08 6.37
CA THR A 81 8.48 3.60 7.40
C THR A 81 8.18 4.25 8.75
N LEU A 82 7.60 3.47 9.66
CA LEU A 82 7.26 3.98 10.99
C LEU A 82 8.47 3.93 11.91
N THR A 83 8.83 5.08 12.47
CA THR A 83 9.98 5.17 13.39
C THR A 83 9.58 5.82 14.70
N PRO A 84 10.29 5.44 15.78
CA PRO A 84 10.03 5.97 17.12
C PRO A 84 10.41 7.44 17.25
N LEU A 85 11.52 7.82 16.62
CA LEU A 85 12.00 9.20 16.65
C LEU A 85 12.18 9.76 15.24
N GLY A 86 11.14 10.40 14.73
CA GLY A 86 11.22 10.97 13.39
C GLY A 86 10.62 10.06 12.34
N PRO A 87 9.28 9.89 12.39
CA PRO A 87 8.56 9.03 11.44
C PRO A 87 8.53 9.63 10.04
N GLY A 88 8.60 8.76 9.03
CA GLY A 88 8.58 9.22 7.66
C GLY A 88 7.19 9.62 7.21
N PRO A 89 7.11 10.37 6.10
CA PRO A 89 5.85 10.83 5.54
C PRO A 89 5.03 9.69 4.93
N PHE A 90 3.71 9.86 4.95
CA PHE A 90 2.82 8.83 4.40
C PHE A 90 2.85 8.84 2.87
N SER A 91 2.90 7.65 2.28
CA SER A 91 2.93 7.53 0.82
C SER A 91 1.70 8.14 0.19
N PRO A 92 1.80 8.49 -1.10
CA PRO A 92 0.70 9.10 -1.84
C PRO A 92 -0.43 8.10 -2.11
N ASP A 93 -1.66 8.54 -1.90
CA ASP A 93 -2.83 7.69 -2.12
C ASP A 93 -2.69 6.92 -3.43
N HIS A 94 -2.64 5.59 -3.33
CA HIS A 94 -2.52 4.75 -4.51
C HIS A 94 -3.88 4.18 -4.92
N GLU A 95 -4.36 4.60 -6.08
CA GLU A 95 -5.65 4.15 -6.58
C GLU A 95 -5.55 2.72 -7.12
N PHE A 96 -6.14 1.77 -6.39
CA PHE A 96 -6.12 0.37 -6.77
C PHE A 96 -7.52 -0.15 -7.04
N ARG A 97 -7.63 -1.24 -7.79
CA ARG A 97 -8.91 -1.84 -8.11
C ARG A 97 -8.84 -3.36 -8.01
N THR A 98 -9.89 -3.96 -7.45
CA THR A 98 -9.95 -5.41 -7.31
C THR A 98 -10.47 -6.07 -8.58
N SER A 99 -10.04 -7.31 -8.82
CA SER A 99 -10.46 -8.04 -10.00
C SER A 99 -11.98 -8.06 -10.12
N PRO A 100 -12.48 -7.97 -11.36
CA PRO A 100 -13.92 -7.98 -11.64
C PRO A 100 -14.56 -9.34 -11.38
N PRO A 101 -15.81 -9.32 -10.91
CA PRO A 101 -16.56 -10.54 -10.61
C PRO A 101 -16.94 -11.32 -11.87
N SER A 102 -17.53 -10.61 -12.83
CA SER A 102 -17.95 -11.24 -14.08
C SER A 102 -16.98 -10.89 -15.21
N GLY A 103 -17.01 -11.67 -16.27
CA GLY A 103 -16.14 -11.44 -17.40
C GLY A 103 -16.14 -12.58 -18.40
N PRO A 104 -15.46 -13.69 -18.04
CA PRO A 104 -15.38 -14.88 -18.88
C PRO A 104 -16.71 -15.61 -19.00
N SER A 105 -17.71 -15.12 -18.28
CA SER A 105 -19.04 -15.73 -18.29
C SER A 105 -19.77 -15.37 -19.58
N SER A 106 -20.18 -16.39 -20.33
CA SER A 106 -20.90 -16.20 -21.58
C SER A 106 -21.88 -15.04 -21.46
N GLY A 107 -21.79 -14.10 -22.40
CA GLY A 107 -22.68 -12.95 -22.38
C GLY A 107 -22.18 -11.81 -23.25
N GLY A 1 18.02 7.45 -20.34
CA GLY A 1 18.25 8.75 -19.74
C GLY A 1 16.96 9.42 -19.29
N SER A 2 16.17 9.89 -20.25
CA SER A 2 14.92 10.56 -19.94
C SER A 2 14.13 9.78 -18.89
N SER A 3 13.49 10.50 -17.97
CA SER A 3 12.71 9.88 -16.91
C SER A 3 11.88 8.73 -17.46
N GLY A 4 11.06 9.02 -18.46
CA GLY A 4 10.22 7.99 -19.05
C GLY A 4 9.15 7.50 -18.10
N SER A 5 9.08 6.19 -17.92
CA SER A 5 8.09 5.59 -17.04
C SER A 5 8.76 4.89 -15.86
N SER A 6 8.99 5.65 -14.79
CA SER A 6 9.63 5.10 -13.60
C SER A 6 8.84 5.47 -12.34
N GLY A 7 9.04 4.70 -11.28
CA GLY A 7 8.35 4.96 -10.03
C GLY A 7 8.80 6.25 -9.37
N ALA A 8 8.23 7.37 -9.82
CA ALA A 8 8.59 8.68 -9.27
C ALA A 8 7.97 8.87 -7.89
N GLU A 9 6.71 8.49 -7.75
CA GLU A 9 6.00 8.63 -6.48
C GLU A 9 6.63 7.74 -5.41
N SER A 10 7.48 8.34 -4.59
CA SER A 10 8.15 7.60 -3.53
C SER A 10 8.95 8.55 -2.64
N LEU A 11 8.91 8.30 -1.33
CA LEU A 11 9.64 9.13 -0.36
C LEU A 11 10.97 8.49 0.01
N SER A 12 10.92 7.22 0.38
CA SER A 12 12.13 6.49 0.76
C SER A 12 12.16 5.11 0.11
N GLY A 13 11.82 5.06 -1.17
CA GLY A 13 11.82 3.79 -1.88
C GLY A 13 10.65 2.91 -1.49
N LEU A 14 9.48 3.52 -1.33
CA LEU A 14 8.28 2.78 -0.95
C LEU A 14 7.19 2.92 -2.02
N SER A 15 7.44 2.33 -3.19
CA SER A 15 6.49 2.39 -4.29
C SER A 15 5.51 1.23 -4.22
N LEU A 16 4.43 1.40 -3.47
CA LEU A 16 3.42 0.37 -3.31
C LEU A 16 3.22 -0.40 -4.62
N LYS A 17 3.78 -1.60 -4.68
CA LYS A 17 3.67 -2.45 -5.86
C LYS A 17 2.53 -3.45 -5.71
N LEU A 18 1.74 -3.61 -6.77
CA LEU A 18 0.63 -4.54 -6.77
C LEU A 18 1.08 -5.94 -7.15
N VAL A 19 1.29 -6.80 -6.16
CA VAL A 19 1.72 -8.16 -6.40
C VAL A 19 0.57 -9.03 -6.90
N LYS A 20 -0.46 -9.17 -6.07
CA LYS A 20 -1.63 -9.97 -6.43
C LYS A 20 -2.91 -9.14 -6.30
N LYS A 21 -3.73 -9.18 -7.33
CA LYS A 21 -4.99 -8.44 -7.34
C LYS A 21 -6.18 -9.40 -7.39
N GLU A 22 -6.75 -9.69 -6.24
CA GLU A 22 -7.90 -10.58 -6.14
C GLU A 22 -9.18 -9.80 -5.89
N PRO A 23 -10.32 -10.38 -6.28
CA PRO A 23 -11.64 -9.76 -6.10
C PRO A 23 -12.05 -9.71 -4.63
N ARG A 24 -11.49 -10.61 -3.82
CA ARG A 24 -11.80 -10.65 -2.40
C ARG A 24 -10.53 -10.67 -1.56
N GLN A 25 -9.42 -10.31 -2.19
CA GLN A 25 -8.13 -10.28 -1.50
C GLN A 25 -7.15 -9.36 -2.21
N LEU A 26 -6.12 -8.92 -1.49
CA LEU A 26 -5.12 -8.03 -2.06
C LEU A 26 -3.77 -8.22 -1.36
N GLU A 27 -2.71 -8.35 -2.15
CA GLU A 27 -1.37 -8.54 -1.61
C GLU A 27 -0.37 -7.59 -2.29
N LEU A 28 0.28 -6.77 -1.48
CA LEU A 28 1.26 -5.81 -1.98
C LEU A 28 2.63 -6.08 -1.40
N THR A 29 3.64 -5.38 -1.93
CA THR A 29 5.01 -5.55 -1.47
C THR A 29 5.83 -4.29 -1.71
N TRP A 30 6.29 -3.68 -0.63
CA TRP A 30 7.09 -2.46 -0.73
C TRP A 30 8.47 -2.67 -0.14
N ALA A 31 9.49 -2.73 -1.00
CA ALA A 31 10.86 -2.92 -0.57
C ALA A 31 11.77 -1.83 -1.12
N GLY A 32 11.74 -1.65 -2.43
CA GLY A 32 12.58 -0.64 -3.06
C GLY A 32 14.00 -0.66 -2.55
N SER A 33 14.34 0.32 -1.70
CA SER A 33 15.68 0.41 -1.15
C SER A 33 15.66 0.18 0.37
N ARG A 34 16.67 -0.54 0.86
CA ARG A 34 16.76 -0.82 2.29
C ARG A 34 18.09 -0.32 2.86
N PRO A 35 18.04 0.23 4.07
CA PRO A 35 19.22 0.76 4.75
C PRO A 35 20.18 -0.35 5.19
N ARG A 36 21.46 -0.18 4.86
CA ARG A 36 22.47 -1.17 5.22
C ARG A 36 23.25 -0.72 6.46
N ASN A 37 22.63 -0.88 7.63
CA ASN A 37 23.26 -0.49 8.88
C ASN A 37 22.48 -1.04 10.07
N PRO A 38 23.22 -1.44 11.12
CA PRO A 38 22.62 -1.98 12.34
C PRO A 38 21.86 -0.93 13.15
N GLY A 39 20.60 -1.23 13.48
CA GLY A 39 19.81 -0.30 14.24
C GLY A 39 18.88 -0.99 15.22
N GLY A 40 18.15 -0.21 16.01
CA GLY A 40 17.23 -0.78 16.98
C GLY A 40 16.15 -1.62 16.34
N ASN A 41 14.97 -1.02 16.15
CA ASN A 41 13.85 -1.72 15.54
C ASN A 41 12.85 -0.75 14.94
N LEU A 42 12.55 -0.93 13.66
CA LEU A 42 11.63 -0.06 12.95
C LEU A 42 10.31 -0.79 12.66
N SER A 43 9.34 -0.06 12.12
CA SER A 43 8.04 -0.64 11.78
C SER A 43 7.44 0.05 10.57
N TYR A 44 6.27 -0.42 10.15
CA TYR A 44 5.58 0.14 9.00
C TYR A 44 4.10 0.37 9.31
N GLU A 45 3.62 1.58 9.00
CA GLU A 45 2.22 1.92 9.25
C GLU A 45 1.40 1.82 7.97
N LEU A 46 0.38 0.98 7.99
CA LEU A 46 -0.48 0.79 6.82
C LEU A 46 -1.85 1.42 7.05
N HIS A 47 -2.32 2.18 6.07
CA HIS A 47 -3.62 2.84 6.17
C HIS A 47 -4.43 2.62 4.90
N VAL A 48 -5.47 1.78 5.01
CA VAL A 48 -6.33 1.48 3.87
C VAL A 48 -7.66 2.22 3.97
N LEU A 49 -8.14 2.73 2.85
CA LEU A 49 -9.40 3.46 2.81
C LEU A 49 -10.36 2.85 1.78
N ASN A 50 -11.58 2.59 2.21
CA ASN A 50 -12.59 2.01 1.32
C ASN A 50 -13.54 3.08 0.81
N GLN A 51 -14.37 2.71 -0.16
CA GLN A 51 -15.34 3.64 -0.74
C GLN A 51 -15.92 4.56 0.33
N ASP A 52 -16.70 3.99 1.24
CA ASP A 52 -17.31 4.77 2.32
C ASP A 52 -16.82 4.28 3.68
N GLU A 53 -15.53 3.93 3.74
CA GLU A 53 -14.94 3.45 4.98
C GLU A 53 -13.43 3.73 5.00
N GLU A 54 -12.84 3.64 6.19
CA GLU A 54 -11.41 3.88 6.34
C GLU A 54 -10.88 3.20 7.60
N TRP A 55 -9.81 2.41 7.44
CA TRP A 55 -9.21 1.70 8.56
C TRP A 55 -7.69 1.62 8.38
N HIS A 56 -6.98 1.55 9.49
CA HIS A 56 -5.52 1.45 9.47
C HIS A 56 -5.04 0.26 10.29
N GLN A 57 -3.95 -0.35 9.85
CA GLN A 57 -3.39 -1.51 10.54
C GLN A 57 -1.87 -1.52 10.43
N MET A 58 -1.19 -1.34 11.56
CA MET A 58 0.27 -1.33 11.58
C MET A 58 0.82 -2.74 11.36
N VAL A 59 1.77 -2.85 10.43
CA VAL A 59 2.38 -4.14 10.12
C VAL A 59 3.88 -4.11 10.34
N LEU A 60 4.45 -5.27 10.67
CA LEU A 60 5.89 -5.37 10.92
C LEU A 60 6.63 -5.77 9.65
N GLU A 61 5.92 -6.44 8.75
CA GLU A 61 6.52 -6.89 7.49
C GLU A 61 6.37 -5.82 6.42
N PRO A 62 7.30 -5.82 5.44
CA PRO A 62 7.29 -4.86 4.33
C PRO A 62 6.12 -5.09 3.37
N ARG A 63 5.27 -6.05 3.70
CA ARG A 63 4.12 -6.37 2.86
C ARG A 63 2.83 -6.37 3.70
N VAL A 64 1.72 -6.71 3.05
CA VAL A 64 0.43 -6.76 3.73
C VAL A 64 -0.60 -7.53 2.90
N LEU A 65 -1.37 -8.38 3.57
CA LEU A 65 -2.38 -9.18 2.90
C LEU A 65 -3.78 -8.78 3.36
N LEU A 66 -4.51 -8.10 2.48
CA LEU A 66 -5.86 -7.65 2.79
C LEU A 66 -6.89 -8.68 2.32
N THR A 67 -7.88 -8.94 3.17
CA THR A 67 -8.94 -9.90 2.84
C THR A 67 -10.31 -9.31 3.11
N LYS A 68 -11.35 -10.13 2.93
CA LYS A 68 -12.72 -9.69 3.16
C LYS A 68 -13.00 -8.38 2.43
N LEU A 69 -12.64 -8.34 1.14
CA LEU A 69 -12.86 -7.15 0.33
C LEU A 69 -13.98 -7.37 -0.68
N GLN A 70 -14.21 -6.39 -1.54
CA GLN A 70 -15.25 -6.48 -2.56
C GLN A 70 -14.66 -6.39 -3.95
N PRO A 71 -15.23 -7.16 -4.90
CA PRO A 71 -14.78 -7.19 -6.29
C PRO A 71 -15.07 -5.89 -7.02
N ASP A 72 -14.25 -5.57 -8.01
CA ASP A 72 -14.42 -4.36 -8.79
C ASP A 72 -14.60 -3.15 -7.88
N THR A 73 -13.68 -2.98 -6.94
CA THR A 73 -13.74 -1.86 -6.00
C THR A 73 -12.36 -1.25 -5.79
N THR A 74 -12.31 0.08 -5.76
CA THR A 74 -11.05 0.79 -5.57
C THR A 74 -10.70 0.90 -4.09
N TYR A 75 -9.57 0.34 -3.71
CA TYR A 75 -9.12 0.38 -2.33
C TYR A 75 -7.79 1.12 -2.19
N ILE A 76 -7.82 2.27 -1.53
CA ILE A 76 -6.61 3.07 -1.33
C ILE A 76 -5.70 2.45 -0.27
N VAL A 77 -4.40 2.49 -0.52
CA VAL A 77 -3.43 1.94 0.41
C VAL A 77 -2.19 2.82 0.50
N ARG A 78 -1.71 3.05 1.73
CA ARG A 78 -0.53 3.88 1.94
C ARG A 78 0.31 3.33 3.10
N VAL A 79 1.59 3.12 2.84
CA VAL A 79 2.50 2.61 3.85
C VAL A 79 3.71 3.52 4.02
N ARG A 80 4.48 3.29 5.07
CA ARG A 80 5.68 4.08 5.35
C ARG A 80 6.57 3.40 6.38
N THR A 81 7.64 4.06 6.76
CA THR A 81 8.58 3.53 7.75
C THR A 81 8.52 4.31 9.05
N LEU A 82 7.57 3.94 9.92
CA LEU A 82 7.42 4.61 11.20
C LEU A 82 8.76 4.88 11.86
N THR A 83 8.85 5.98 12.60
CA THR A 83 10.09 6.34 13.28
C THR A 83 9.85 6.59 14.76
N PRO A 84 10.89 6.36 15.58
CA PRO A 84 10.82 6.55 17.02
C PRO A 84 10.72 8.01 17.41
N LEU A 85 11.50 8.85 16.73
CA LEU A 85 11.50 10.29 17.00
C LEU A 85 11.21 11.08 15.73
N GLY A 86 9.96 11.47 15.55
CA GLY A 86 9.56 12.23 14.38
C GLY A 86 9.26 11.35 13.18
N PRO A 87 8.02 10.87 13.10
CA PRO A 87 7.58 9.99 12.01
C PRO A 87 7.48 10.73 10.68
N GLY A 88 7.47 9.99 9.59
CA GLY A 88 7.38 10.59 8.27
C GLY A 88 5.97 10.62 7.74
N PRO A 89 5.78 11.24 6.57
CA PRO A 89 4.46 11.35 5.92
C PRO A 89 3.96 10.01 5.40
N PHE A 90 2.69 9.96 5.04
CA PHE A 90 2.08 8.74 4.52
C PHE A 90 2.08 8.73 3.00
N SER A 91 2.57 7.64 2.42
CA SER A 91 2.63 7.53 0.96
C SER A 91 1.40 8.15 0.31
N PRO A 92 1.54 8.56 -0.96
CA PRO A 92 0.45 9.17 -1.72
C PRO A 92 -0.66 8.18 -2.06
N ASP A 93 -1.91 8.62 -1.89
CA ASP A 93 -3.05 7.77 -2.18
C ASP A 93 -2.83 6.96 -3.45
N HIS A 94 -2.59 5.66 -3.29
CA HIS A 94 -2.35 4.77 -4.42
C HIS A 94 -3.66 4.17 -4.93
N GLU A 95 -4.10 4.60 -6.10
CA GLU A 95 -5.33 4.10 -6.69
C GLU A 95 -5.19 2.64 -7.11
N PHE A 96 -5.79 1.75 -6.32
CA PHE A 96 -5.72 0.31 -6.61
C PHE A 96 -7.12 -0.25 -6.81
N ARG A 97 -7.22 -1.25 -7.69
CA ARG A 97 -8.51 -1.88 -7.97
C ARG A 97 -8.37 -3.40 -7.95
N THR A 98 -9.34 -4.07 -7.32
CA THR A 98 -9.34 -5.53 -7.23
C THR A 98 -9.88 -6.16 -8.50
N SER A 99 -9.53 -7.42 -8.73
CA SER A 99 -9.99 -8.14 -9.91
C SER A 99 -11.51 -8.05 -10.05
N PRO A 100 -11.98 -7.95 -11.30
CA PRO A 100 -13.41 -7.85 -11.60
C PRO A 100 -14.15 -9.16 -11.32
N PRO A 101 -15.43 -9.05 -10.93
CA PRO A 101 -16.26 -10.21 -10.62
C PRO A 101 -16.62 -11.01 -11.87
N SER A 102 -17.23 -12.16 -11.67
CA SER A 102 -17.63 -13.03 -12.78
C SER A 102 -18.32 -12.22 -13.87
N GLY A 103 -18.32 -12.76 -15.09
CA GLY A 103 -18.95 -12.08 -16.20
C GLY A 103 -19.48 -13.04 -17.25
N PRO A 104 -20.61 -12.67 -17.89
CA PRO A 104 -21.23 -13.50 -18.92
C PRO A 104 -20.41 -13.55 -20.21
N SER A 105 -20.41 -14.71 -20.85
CA SER A 105 -19.65 -14.88 -22.09
C SER A 105 -20.60 -15.06 -23.28
N SER A 106 -21.13 -13.94 -23.78
CA SER A 106 -22.04 -13.98 -24.91
C SER A 106 -21.28 -14.08 -26.23
N GLY A 107 -22.00 -14.41 -27.30
CA GLY A 107 -21.38 -14.54 -28.60
C GLY A 107 -22.40 -14.62 -29.72
N GLY A 1 -0.08 11.84 -13.39
CA GLY A 1 0.18 13.26 -13.31
C GLY A 1 1.19 13.61 -12.25
N SER A 2 2.47 13.44 -12.58
CA SER A 2 3.55 13.73 -11.64
C SER A 2 4.62 14.60 -12.29
N SER A 3 4.17 15.60 -13.05
CA SER A 3 5.09 16.50 -13.73
C SER A 3 5.61 17.57 -12.78
N GLY A 4 6.90 17.49 -12.46
CA GLY A 4 7.50 18.46 -11.56
C GLY A 4 8.54 17.84 -10.65
N SER A 5 9.80 17.90 -11.08
CA SER A 5 10.90 17.33 -10.30
C SER A 5 11.78 18.43 -9.73
N SER A 6 11.69 18.65 -8.43
CA SER A 6 12.48 19.67 -7.75
C SER A 6 12.57 19.40 -6.26
N GLY A 7 13.54 20.02 -5.61
CA GLY A 7 13.72 19.84 -4.18
C GLY A 7 14.29 18.48 -3.83
N ALA A 8 13.63 17.76 -2.94
CA ALA A 8 14.08 16.44 -2.53
C ALA A 8 12.90 15.53 -2.19
N GLU A 9 12.86 14.36 -2.81
CA GLU A 9 11.79 13.41 -2.58
C GLU A 9 12.27 12.24 -1.72
N SER A 10 12.34 12.47 -0.41
CA SER A 10 12.78 11.45 0.53
C SER A 10 11.60 10.77 1.21
N LEU A 11 10.99 9.82 0.51
CA LEU A 11 9.84 9.09 1.04
C LEU A 11 10.29 7.86 1.83
N SER A 12 11.25 8.06 2.73
CA SER A 12 11.77 6.97 3.55
C SER A 12 11.86 5.68 2.74
N GLY A 13 12.24 5.82 1.47
CA GLY A 13 12.36 4.66 0.61
C GLY A 13 11.19 3.72 0.73
N LEU A 14 10.06 4.10 0.13
CA LEU A 14 8.86 3.28 0.17
C LEU A 14 8.05 3.44 -1.11
N SER A 15 7.32 2.39 -1.49
CA SER A 15 6.51 2.41 -2.69
C SER A 15 5.62 1.16 -2.78
N LEU A 16 4.32 1.37 -2.68
CA LEU A 16 3.37 0.26 -2.74
C LEU A 16 3.27 -0.29 -4.16
N LYS A 17 3.07 -1.59 -4.27
CA LYS A 17 2.95 -2.25 -5.58
C LYS A 17 1.86 -3.32 -5.55
N LEU A 18 1.33 -3.65 -6.72
CA LEU A 18 0.29 -4.66 -6.83
C LEU A 18 0.89 -6.03 -7.12
N VAL A 19 0.81 -6.92 -6.13
CA VAL A 19 1.34 -8.28 -6.28
C VAL A 19 0.22 -9.29 -6.48
N LYS A 20 -0.79 -9.22 -5.62
CA LYS A 20 -1.93 -10.14 -5.71
C LYS A 20 -3.23 -9.36 -5.92
N LYS A 21 -3.73 -9.38 -7.15
CA LYS A 21 -4.97 -8.68 -7.47
C LYS A 21 -6.15 -9.65 -7.49
N GLU A 22 -6.75 -9.87 -6.33
CA GLU A 22 -7.89 -10.77 -6.23
C GLU A 22 -9.19 -10.00 -6.00
N PRO A 23 -10.33 -10.65 -6.28
CA PRO A 23 -11.65 -10.05 -6.11
C PRO A 23 -12.01 -9.82 -4.65
N ARG A 24 -11.50 -10.69 -3.78
CA ARG A 24 -11.78 -10.60 -2.36
C ARG A 24 -10.48 -10.62 -1.55
N GLN A 25 -9.38 -10.24 -2.20
CA GLN A 25 -8.07 -10.24 -1.54
C GLN A 25 -7.09 -9.35 -2.29
N LEU A 26 -6.18 -8.73 -1.56
CA LEU A 26 -5.18 -7.85 -2.16
C LEU A 26 -3.84 -7.97 -1.43
N GLU A 27 -2.77 -8.21 -2.19
CA GLU A 27 -1.44 -8.33 -1.61
C GLU A 27 -0.47 -7.34 -2.26
N LEU A 28 0.19 -6.54 -1.42
CA LEU A 28 1.14 -5.55 -1.90
C LEU A 28 2.49 -5.70 -1.19
N THR A 29 3.51 -5.07 -1.76
CA THR A 29 4.85 -5.12 -1.18
C THR A 29 5.64 -3.85 -1.48
N TRP A 30 6.37 -3.36 -0.48
CA TRP A 30 7.17 -2.15 -0.64
C TRP A 30 8.61 -2.39 -0.20
N ALA A 31 9.51 -2.44 -1.17
CA ALA A 31 10.92 -2.67 -0.89
C ALA A 31 11.77 -1.49 -1.37
N GLY A 32 12.06 -0.56 -0.47
CA GLY A 32 12.85 0.60 -0.81
C GLY A 32 14.03 0.79 0.13
N SER A 33 15.15 0.16 -0.20
CA SER A 33 16.36 0.27 0.62
C SER A 33 17.57 0.61 -0.24
N ARG A 34 17.99 1.87 -0.19
CA ARG A 34 19.13 2.33 -0.96
C ARG A 34 20.43 1.80 -0.36
N PRO A 35 20.70 2.17 0.89
CA PRO A 35 21.91 1.75 1.61
C PRO A 35 21.89 0.26 1.95
N ARG A 36 22.87 -0.17 2.73
CA ARG A 36 22.97 -1.57 3.12
C ARG A 36 23.20 -1.70 4.62
N ASN A 37 23.00 -0.60 5.34
CA ASN A 37 23.19 -0.58 6.79
C ASN A 37 22.56 -1.82 7.43
N PRO A 38 23.33 -2.47 8.32
CA PRO A 38 22.88 -3.68 9.02
C PRO A 38 21.78 -3.38 10.04
N GLY A 39 21.32 -4.41 10.73
CA GLY A 39 20.28 -4.25 11.72
C GLY A 39 18.99 -3.71 11.13
N GLY A 40 17.88 -4.38 11.42
CA GLY A 40 16.60 -3.97 10.89
C GLY A 40 15.55 -3.82 11.98
N ASN A 41 15.80 -2.92 12.93
CA ASN A 41 14.87 -2.70 14.03
C ASN A 41 13.94 -1.53 13.71
N LEU A 42 12.92 -1.79 12.89
CA LEU A 42 11.96 -0.76 12.52
C LEU A 42 10.59 -1.37 12.25
N SER A 43 9.60 -0.52 11.97
CA SER A 43 8.25 -0.97 11.69
C SER A 43 7.64 -0.18 10.54
N TYR A 44 6.44 -0.58 10.13
CA TYR A 44 5.74 0.08 9.03
C TYR A 44 4.26 0.23 9.34
N GLU A 45 3.73 1.42 9.10
CA GLU A 45 2.32 1.69 9.34
C GLU A 45 1.51 1.63 8.05
N LEU A 46 0.52 0.73 8.03
CA LEU A 46 -0.33 0.57 6.85
C LEU A 46 -1.69 1.20 7.07
N HIS A 47 -2.17 1.94 6.07
CA HIS A 47 -3.47 2.59 6.15
C HIS A 47 -4.25 2.41 4.86
N VAL A 48 -5.35 1.67 4.94
CA VAL A 48 -6.18 1.43 3.77
C VAL A 48 -7.48 2.21 3.85
N LEU A 49 -7.83 2.90 2.77
CA LEU A 49 -9.05 3.69 2.72
C LEU A 49 -9.95 3.24 1.56
N ASN A 50 -11.25 3.45 1.72
CA ASN A 50 -12.20 3.07 0.68
C ASN A 50 -13.35 4.08 0.60
N GLN A 51 -14.16 3.97 -0.44
CA GLN A 51 -15.28 4.87 -0.64
C GLN A 51 -15.88 5.29 0.70
N ASP A 52 -16.42 4.33 1.43
CA ASP A 52 -17.03 4.60 2.74
C ASP A 52 -16.43 3.69 3.81
N GLU A 53 -15.19 3.27 3.61
CA GLU A 53 -14.52 2.39 4.57
C GLU A 53 -13.06 2.80 4.74
N GLU A 54 -12.72 3.26 5.94
CA GLU A 54 -11.36 3.69 6.24
C GLU A 54 -10.81 2.93 7.45
N TRP A 55 -9.79 2.10 7.21
CA TRP A 55 -9.17 1.33 8.27
C TRP A 55 -7.66 1.33 8.14
N HIS A 56 -6.97 1.33 9.29
CA HIS A 56 -5.51 1.34 9.30
C HIS A 56 -4.98 0.22 10.19
N GLN A 57 -3.89 -0.41 9.74
CA GLN A 57 -3.27 -1.50 10.49
C GLN A 57 -1.75 -1.46 10.35
N MET A 58 -1.07 -1.30 11.48
CA MET A 58 0.39 -1.25 11.49
C MET A 58 0.98 -2.63 11.25
N VAL A 59 1.91 -2.72 10.31
CA VAL A 59 2.56 -3.99 9.99
C VAL A 59 4.07 -3.90 10.19
N LEU A 60 4.66 -5.01 10.64
CA LEU A 60 6.10 -5.05 10.88
C LEU A 60 6.84 -5.51 9.62
N GLU A 61 6.15 -6.27 8.77
CA GLU A 61 6.75 -6.77 7.54
C GLU A 61 6.52 -5.78 6.40
N PRO A 62 7.43 -5.80 5.41
CA PRO A 62 7.35 -4.93 4.24
C PRO A 62 6.19 -5.28 3.31
N ARG A 63 5.42 -6.28 3.70
CA ARG A 63 4.28 -6.73 2.92
C ARG A 63 2.99 -6.68 3.73
N VAL A 64 1.86 -6.87 3.07
CA VAL A 64 0.57 -6.85 3.73
C VAL A 64 -0.48 -7.61 2.93
N LEU A 65 -1.32 -8.38 3.63
CA LEU A 65 -2.36 -9.15 2.98
C LEU A 65 -3.75 -8.67 3.41
N LEU A 66 -4.47 -8.07 2.46
CA LEU A 66 -5.81 -7.57 2.74
C LEU A 66 -6.87 -8.56 2.28
N THR A 67 -7.77 -8.93 3.19
CA THR A 67 -8.84 -9.87 2.87
C THR A 67 -10.22 -9.24 3.09
N LYS A 68 -11.26 -10.03 2.87
CA LYS A 68 -12.63 -9.55 3.04
C LYS A 68 -12.87 -8.28 2.22
N LEU A 69 -12.45 -8.31 0.96
CA LEU A 69 -12.61 -7.16 0.08
C LEU A 69 -13.77 -7.38 -0.89
N GLN A 70 -13.99 -6.42 -1.78
CA GLN A 70 -15.07 -6.51 -2.75
C GLN A 70 -14.52 -6.52 -4.17
N PRO A 71 -15.16 -7.29 -5.06
CA PRO A 71 -14.75 -7.40 -6.46
C PRO A 71 -15.01 -6.12 -7.25
N ASP A 72 -14.07 -5.76 -8.11
CA ASP A 72 -14.19 -4.56 -8.92
C ASP A 72 -14.45 -3.33 -8.04
N THR A 73 -13.56 -3.11 -7.07
CA THR A 73 -13.68 -1.98 -6.17
C THR A 73 -12.33 -1.29 -5.97
N THR A 74 -12.33 0.03 -6.11
CA THR A 74 -11.11 0.81 -5.95
C THR A 74 -10.76 0.98 -4.48
N TYR A 75 -9.58 0.51 -4.10
CA TYR A 75 -9.12 0.61 -2.72
C TYR A 75 -7.79 1.36 -2.63
N ILE A 76 -7.77 2.43 -1.83
CA ILE A 76 -6.57 3.23 -1.66
C ILE A 76 -5.69 2.67 -0.54
N VAL A 77 -4.39 2.63 -0.78
CA VAL A 77 -3.45 2.13 0.22
C VAL A 77 -2.25 3.06 0.35
N ARG A 78 -1.67 3.09 1.55
CA ARG A 78 -0.51 3.93 1.82
C ARG A 78 0.28 3.41 3.01
N VAL A 79 1.58 3.20 2.80
CA VAL A 79 2.45 2.70 3.85
C VAL A 79 3.61 3.66 4.11
N ARG A 80 4.04 3.72 5.37
CA ARG A 80 5.15 4.60 5.75
C ARG A 80 6.02 3.95 6.83
N THR A 81 7.30 4.32 6.85
CA THR A 81 8.23 3.78 7.82
C THR A 81 8.13 4.52 9.15
N LEU A 82 7.55 3.87 10.14
CA LEU A 82 7.40 4.47 11.47
C LEU A 82 8.75 4.62 12.15
N THR A 83 8.93 5.74 12.86
CA THR A 83 10.18 6.00 13.56
C THR A 83 9.92 6.44 15.00
N PRO A 84 10.89 6.17 15.88
CA PRO A 84 10.78 6.53 17.30
C PRO A 84 10.87 8.03 17.52
N LEU A 85 11.74 8.69 16.75
CA LEU A 85 11.91 10.13 16.86
C LEU A 85 11.70 10.81 15.52
N GLY A 86 10.47 11.26 15.27
CA GLY A 86 10.16 11.92 14.01
C GLY A 86 9.84 10.94 12.90
N PRO A 87 8.57 10.51 12.84
CA PRO A 87 8.11 9.55 11.82
C PRO A 87 8.07 10.17 10.43
N GLY A 88 8.27 9.35 9.41
CA GLY A 88 8.25 9.83 8.04
C GLY A 88 6.84 10.09 7.54
N PRO A 89 6.74 10.74 6.38
CA PRO A 89 5.44 11.06 5.75
C PRO A 89 4.73 9.82 5.24
N PHE A 90 3.47 9.98 4.85
CA PHE A 90 2.67 8.88 4.34
C PHE A 90 2.67 8.88 2.81
N SER A 91 2.98 7.72 2.24
CA SER A 91 3.02 7.57 0.78
C SER A 91 1.77 8.16 0.15
N PRO A 92 1.88 8.55 -1.13
CA PRO A 92 0.77 9.14 -1.89
C PRO A 92 -0.32 8.12 -2.20
N ASP A 93 -1.58 8.52 -2.01
CA ASP A 93 -2.71 7.65 -2.27
C ASP A 93 -2.51 6.85 -3.56
N HIS A 94 -2.35 5.55 -3.42
CA HIS A 94 -2.14 4.67 -4.57
C HIS A 94 -3.46 4.09 -5.06
N GLU A 95 -3.94 4.57 -6.20
CA GLU A 95 -5.19 4.09 -6.77
C GLU A 95 -5.06 2.64 -7.23
N PHE A 96 -5.71 1.73 -6.52
CA PHE A 96 -5.66 0.32 -6.85
C PHE A 96 -7.07 -0.24 -7.08
N ARG A 97 -7.16 -1.30 -7.87
CA ARG A 97 -8.44 -1.92 -8.18
C ARG A 97 -8.35 -3.43 -8.05
N THR A 98 -9.36 -4.04 -7.43
CA THR A 98 -9.41 -5.48 -7.24
C THR A 98 -9.86 -6.18 -8.52
N SER A 99 -9.69 -7.50 -8.55
CA SER A 99 -10.08 -8.29 -9.71
C SER A 99 -11.59 -8.28 -9.89
N PRO A 100 -12.04 -8.24 -11.15
CA PRO A 100 -13.47 -8.23 -11.49
C PRO A 100 -14.14 -9.56 -11.20
N PRO A 101 -15.45 -9.51 -10.88
CA PRO A 101 -16.23 -10.71 -10.58
C PRO A 101 -16.47 -11.58 -11.81
N SER A 102 -17.09 -12.74 -11.59
CA SER A 102 -17.36 -13.66 -12.68
C SER A 102 -18.61 -13.24 -13.46
N GLY A 103 -18.42 -12.30 -14.39
CA GLY A 103 -19.54 -11.83 -15.19
C GLY A 103 -20.76 -11.54 -14.35
N PRO A 104 -21.94 -11.55 -15.00
CA PRO A 104 -23.22 -11.29 -14.32
C PRO A 104 -23.62 -12.42 -13.39
N SER A 105 -24.64 -12.18 -12.58
CA SER A 105 -25.12 -13.18 -11.63
C SER A 105 -26.57 -13.58 -11.94
N SER A 106 -26.78 -14.86 -12.22
CA SER A 106 -28.11 -15.36 -12.54
C SER A 106 -28.73 -16.06 -11.34
N GLY A 107 -28.54 -15.47 -10.16
CA GLY A 107 -29.09 -16.05 -8.94
C GLY A 107 -28.56 -15.38 -7.69
N GLY A 1 0.71 9.87 -13.12
CA GLY A 1 0.44 8.62 -13.78
C GLY A 1 -0.85 8.65 -14.58
N SER A 2 -1.94 8.23 -13.95
CA SER A 2 -3.24 8.22 -14.62
C SER A 2 -3.78 9.63 -14.79
N SER A 3 -3.01 10.61 -14.33
CA SER A 3 -3.42 12.02 -14.42
C SER A 3 -2.21 12.92 -14.53
N GLY A 4 -2.42 14.13 -15.06
CA GLY A 4 -1.33 15.07 -15.21
C GLY A 4 -0.88 15.65 -13.88
N SER A 5 0.33 15.29 -13.46
CA SER A 5 0.88 15.76 -12.20
C SER A 5 2.18 16.54 -12.42
N SER A 6 2.11 17.85 -12.23
CA SER A 6 3.28 18.71 -12.42
C SER A 6 4.14 18.74 -11.16
N GLY A 7 4.33 17.57 -10.55
CA GLY A 7 5.13 17.49 -9.34
C GLY A 7 5.84 16.15 -9.20
N ALA A 8 7.09 16.19 -8.77
CA ALA A 8 7.86 14.97 -8.59
C ALA A 8 7.54 14.30 -7.27
N GLU A 9 7.22 13.00 -7.33
CA GLU A 9 6.87 12.24 -6.14
C GLU A 9 8.09 12.08 -5.23
N SER A 10 8.19 12.95 -4.24
CA SER A 10 9.31 12.91 -3.30
C SER A 10 9.11 11.81 -2.25
N LEU A 11 9.77 10.68 -2.47
CA LEU A 11 9.67 9.55 -1.55
C LEU A 11 10.98 8.78 -1.47
N SER A 12 11.32 8.33 -0.27
CA SER A 12 12.56 7.58 -0.06
C SER A 12 12.54 6.27 -0.84
N GLY A 13 11.52 5.44 -0.58
CA GLY A 13 11.41 4.17 -1.26
C GLY A 13 10.24 3.35 -0.75
N LEU A 14 9.08 3.98 -0.63
CA LEU A 14 7.89 3.29 -0.15
C LEU A 14 6.77 3.36 -1.19
N SER A 15 7.03 2.80 -2.36
CA SER A 15 6.05 2.80 -3.44
C SER A 15 5.26 1.49 -3.46
N LEU A 16 4.01 1.55 -3.00
CA LEU A 16 3.16 0.37 -2.96
C LEU A 16 3.03 -0.25 -4.34
N LYS A 17 2.90 -1.57 -4.38
CA LYS A 17 2.76 -2.30 -5.64
C LYS A 17 1.70 -3.38 -5.53
N LEU A 18 1.14 -3.77 -6.68
CA LEU A 18 0.11 -4.80 -6.72
C LEU A 18 0.72 -6.17 -6.97
N VAL A 19 0.97 -6.91 -5.90
CA VAL A 19 1.55 -8.24 -6.01
C VAL A 19 0.53 -9.25 -6.53
N LYS A 20 -0.60 -9.33 -5.85
CA LYS A 20 -1.67 -10.26 -6.24
C LYS A 20 -3.03 -9.55 -6.24
N LYS A 21 -3.72 -9.60 -7.38
CA LYS A 21 -5.03 -8.98 -7.51
C LYS A 21 -6.14 -10.02 -7.38
N GLU A 22 -7.08 -9.76 -6.48
CA GLU A 22 -8.20 -10.67 -6.26
C GLU A 22 -9.48 -9.89 -5.95
N PRO A 23 -10.63 -10.54 -6.17
CA PRO A 23 -11.94 -9.94 -5.92
C PRO A 23 -12.21 -9.74 -4.43
N ARG A 24 -11.66 -10.63 -3.60
CA ARG A 24 -11.84 -10.55 -2.16
C ARG A 24 -10.50 -10.62 -1.44
N GLN A 25 -9.46 -10.17 -2.10
CA GLN A 25 -8.11 -10.17 -1.52
C GLN A 25 -7.17 -9.25 -2.29
N LEU A 26 -6.14 -8.77 -1.61
CA LEU A 26 -5.17 -7.88 -2.22
C LEU A 26 -3.80 -8.01 -1.56
N GLU A 27 -2.77 -8.26 -2.36
CA GLU A 27 -1.42 -8.40 -1.84
C GLU A 27 -0.50 -7.32 -2.40
N LEU A 28 0.22 -6.65 -1.50
CA LEU A 28 1.14 -5.58 -1.91
C LEU A 28 2.47 -5.70 -1.17
N THR A 29 3.51 -5.13 -1.75
CA THR A 29 4.83 -5.17 -1.16
C THR A 29 5.62 -3.90 -1.47
N TRP A 30 6.26 -3.35 -0.45
CA TRP A 30 7.06 -2.13 -0.62
C TRP A 30 8.47 -2.31 -0.07
N ALA A 31 9.45 -2.31 -0.96
CA ALA A 31 10.84 -2.47 -0.58
C ALA A 31 11.65 -1.23 -0.90
N GLY A 32 11.49 -0.72 -2.12
CA GLY A 32 12.21 0.47 -2.53
C GLY A 32 13.22 0.18 -3.63
N SER A 33 13.98 1.20 -4.02
CA SER A 33 14.98 1.05 -5.07
C SER A 33 16.06 0.07 -4.66
N ARG A 34 16.71 0.35 -3.53
CA ARG A 34 17.77 -0.51 -3.02
C ARG A 34 17.78 -0.52 -1.50
N PRO A 35 18.08 -1.69 -0.92
CA PRO A 35 18.12 -1.86 0.54
C PRO A 35 19.31 -1.13 1.17
N ARG A 36 19.02 -0.23 2.09
CA ARG A 36 20.06 0.53 2.77
C ARG A 36 19.65 0.87 4.21
N ASN A 37 20.31 0.25 5.16
CA ASN A 37 20.01 0.48 6.58
C ASN A 37 21.29 0.55 7.40
N PRO A 38 21.31 1.44 8.40
CA PRO A 38 22.47 1.63 9.28
C PRO A 38 22.68 0.44 10.22
N GLY A 39 21.59 -0.23 10.56
CA GLY A 39 21.68 -1.38 11.45
C GLY A 39 20.53 -1.44 12.44
N GLY A 40 19.43 -2.05 12.02
CA GLY A 40 18.27 -2.16 12.90
C GLY A 40 16.97 -1.94 12.15
N ASN A 41 16.36 -3.03 11.69
CA ASN A 41 15.10 -2.96 10.96
C ASN A 41 14.13 -1.99 11.65
N LEU A 42 13.12 -1.54 10.91
CA LEU A 42 12.14 -0.62 11.44
C LEU A 42 10.72 -1.15 11.22
N SER A 43 9.73 -0.38 11.67
CA SER A 43 8.34 -0.77 11.52
C SER A 43 7.70 -0.07 10.33
N TYR A 44 6.45 -0.43 10.03
CA TYR A 44 5.73 0.16 8.92
C TYR A 44 4.24 0.30 9.25
N GLU A 45 3.71 1.51 9.04
CA GLU A 45 2.32 1.78 9.32
C GLU A 45 1.49 1.73 8.03
N LEU A 46 0.50 0.84 8.01
CA LEU A 46 -0.36 0.69 6.84
C LEU A 46 -1.73 1.34 7.09
N HIS A 47 -2.18 2.14 6.13
CA HIS A 47 -3.47 2.82 6.24
C HIS A 47 -4.26 2.68 4.96
N VAL A 48 -5.34 1.90 5.01
CA VAL A 48 -6.19 1.69 3.85
C VAL A 48 -7.47 2.53 3.93
N LEU A 49 -7.79 3.21 2.84
CA LEU A 49 -8.98 4.05 2.78
C LEU A 49 -9.90 3.63 1.64
N ASN A 50 -11.08 3.12 1.98
CA ASN A 50 -12.04 2.69 0.98
C ASN A 50 -12.92 3.85 0.52
N GLN A 51 -13.75 3.60 -0.48
CA GLN A 51 -14.65 4.62 -1.01
C GLN A 51 -15.57 5.15 0.07
N ASP A 52 -16.14 4.24 0.85
CA ASP A 52 -17.06 4.62 1.93
C ASP A 52 -16.56 4.07 3.27
N GLU A 53 -15.36 3.49 3.26
CA GLU A 53 -14.79 2.92 4.47
C GLU A 53 -13.35 3.39 4.66
N GLU A 54 -12.84 3.28 5.89
CA GLU A 54 -11.48 3.69 6.19
C GLU A 54 -10.94 2.91 7.40
N TRP A 55 -9.84 2.20 7.19
CA TRP A 55 -9.23 1.42 8.25
C TRP A 55 -7.71 1.36 8.07
N HIS A 56 -6.98 1.34 9.18
CA HIS A 56 -5.53 1.29 9.15
C HIS A 56 -5.02 0.14 10.02
N GLN A 57 -3.91 -0.45 9.60
CA GLN A 57 -3.31 -1.56 10.33
C GLN A 57 -1.79 -1.48 10.31
N MET A 58 -1.18 -1.50 11.49
CA MET A 58 0.28 -1.42 11.60
C MET A 58 0.91 -2.79 11.35
N VAL A 59 1.89 -2.82 10.45
CA VAL A 59 2.58 -4.07 10.12
C VAL A 59 4.08 -3.92 10.28
N LEU A 60 4.77 -5.05 10.45
CA LEU A 60 6.23 -5.03 10.61
C LEU A 60 6.91 -5.36 9.28
N GLU A 61 6.26 -6.18 8.47
CA GLU A 61 6.82 -6.56 7.17
C GLU A 61 6.42 -5.56 6.09
N PRO A 62 7.27 -5.43 5.06
CA PRO A 62 7.03 -4.51 3.95
C PRO A 62 5.88 -4.96 3.07
N ARG A 63 5.20 -6.03 3.47
CA ARG A 63 4.08 -6.56 2.71
C ARG A 63 2.81 -6.58 3.57
N VAL A 64 1.66 -6.61 2.90
CA VAL A 64 0.38 -6.63 3.59
C VAL A 64 -0.67 -7.38 2.78
N LEU A 65 -1.34 -8.34 3.41
CA LEU A 65 -2.36 -9.13 2.74
C LEU A 65 -3.75 -8.79 3.29
N LEU A 66 -4.56 -8.12 2.48
CA LEU A 66 -5.91 -7.74 2.88
C LEU A 66 -6.93 -8.76 2.38
N THR A 67 -7.90 -9.08 3.23
CA THR A 67 -8.95 -10.04 2.87
C THR A 67 -10.33 -9.48 3.19
N LYS A 68 -11.35 -10.23 2.81
CA LYS A 68 -12.73 -9.82 3.07
C LYS A 68 -13.06 -8.54 2.31
N LEU A 69 -12.65 -8.48 1.04
CA LEU A 69 -12.90 -7.31 0.22
C LEU A 69 -14.04 -7.57 -0.78
N GLN A 70 -14.30 -6.60 -1.64
CA GLN A 70 -15.36 -6.73 -2.64
C GLN A 70 -14.80 -6.61 -4.05
N PRO A 71 -15.35 -7.40 -4.98
CA PRO A 71 -14.92 -7.39 -6.38
C PRO A 71 -15.31 -6.10 -7.10
N ASP A 72 -14.44 -5.64 -7.99
CA ASP A 72 -14.69 -4.42 -8.75
C ASP A 72 -14.80 -3.22 -7.82
N THR A 73 -13.91 -3.17 -6.83
CA THR A 73 -13.91 -2.06 -5.87
C THR A 73 -12.51 -1.45 -5.74
N THR A 74 -12.47 -0.13 -5.65
CA THR A 74 -11.20 0.58 -5.54
C THR A 74 -10.79 0.73 -4.08
N TYR A 75 -9.58 0.29 -3.76
CA TYR A 75 -9.06 0.37 -2.40
C TYR A 75 -7.75 1.14 -2.35
N ILE A 76 -7.70 2.18 -1.54
CA ILE A 76 -6.49 2.99 -1.41
C ILE A 76 -5.60 2.47 -0.29
N VAL A 77 -4.31 2.34 -0.59
CA VAL A 77 -3.34 1.85 0.39
C VAL A 77 -2.14 2.78 0.48
N ARG A 78 -1.60 2.94 1.69
CA ARG A 78 -0.45 3.79 1.91
C ARG A 78 0.35 3.33 3.12
N VAL A 79 1.65 3.12 2.93
CA VAL A 79 2.52 2.67 4.00
C VAL A 79 3.62 3.69 4.28
N ARG A 80 4.04 3.77 5.54
CA ARG A 80 5.09 4.70 5.94
C ARG A 80 5.96 4.11 7.05
N THR A 81 7.27 4.26 6.91
CA THR A 81 8.21 3.75 7.90
C THR A 81 8.14 4.56 9.19
N LEU A 82 7.88 3.88 10.29
CA LEU A 82 7.79 4.53 11.60
C LEU A 82 9.18 4.75 12.19
N THR A 83 9.38 5.92 12.80
CA THR A 83 10.66 6.26 13.40
C THR A 83 10.47 6.88 14.78
N PRO A 84 11.48 6.70 15.66
CA PRO A 84 11.44 7.23 17.02
C PRO A 84 11.55 8.75 17.05
N LEU A 85 12.35 9.30 16.15
CA LEU A 85 12.55 10.75 16.07
C LEU A 85 12.24 11.26 14.67
N GLY A 86 11.00 11.67 14.45
CA GLY A 86 10.60 12.19 13.15
C GLY A 86 10.24 11.08 12.17
N PRO A 87 8.99 10.62 12.24
CA PRO A 87 8.50 9.55 11.36
C PRO A 87 8.36 10.00 9.92
N GLY A 88 8.56 9.07 8.98
CA GLY A 88 8.46 9.40 7.57
C GLY A 88 7.05 9.76 7.17
N PRO A 89 6.91 10.37 5.97
CA PRO A 89 5.60 10.78 5.45
C PRO A 89 4.74 9.58 5.04
N PHE A 90 3.52 9.87 4.60
CA PHE A 90 2.60 8.81 4.18
C PHE A 90 2.58 8.68 2.67
N SER A 91 2.97 7.51 2.17
CA SER A 91 3.00 7.25 0.74
C SER A 91 1.81 7.89 0.05
N PRO A 92 1.97 8.16 -1.26
CA PRO A 92 0.91 8.78 -2.07
C PRO A 92 -0.26 7.84 -2.31
N ASP A 93 -1.47 8.36 -2.18
CA ASP A 93 -2.68 7.57 -2.38
C ASP A 93 -2.53 6.67 -3.60
N HIS A 94 -2.43 5.37 -3.37
CA HIS A 94 -2.28 4.40 -4.44
C HIS A 94 -3.63 3.82 -4.85
N GLU A 95 -4.16 4.29 -5.97
CA GLU A 95 -5.46 3.83 -6.46
C GLU A 95 -5.34 2.42 -7.03
N PHE A 96 -5.95 1.46 -6.35
CA PHE A 96 -5.92 0.07 -6.79
C PHE A 96 -7.32 -0.44 -7.11
N ARG A 97 -7.40 -1.46 -7.95
CA ARG A 97 -8.69 -2.03 -8.34
C ARG A 97 -8.68 -3.55 -8.18
N THR A 98 -9.72 -4.08 -7.53
CA THR A 98 -9.82 -5.51 -7.31
C THR A 98 -10.38 -6.22 -8.54
N SER A 99 -10.37 -7.54 -8.51
CA SER A 99 -10.87 -8.35 -9.62
C SER A 99 -12.38 -8.20 -9.76
N PRO A 100 -12.88 -8.33 -10.99
CA PRO A 100 -14.31 -8.22 -11.29
C PRO A 100 -15.12 -9.39 -10.73
N PRO A 101 -16.37 -9.12 -10.35
CA PRO A 101 -17.28 -10.14 -9.80
C PRO A 101 -17.70 -11.17 -10.84
N SER A 102 -17.97 -10.70 -12.06
CA SER A 102 -18.39 -11.57 -13.15
C SER A 102 -18.18 -10.90 -14.50
N GLY A 103 -18.11 -11.70 -15.55
CA GLY A 103 -17.92 -11.17 -16.89
C GLY A 103 -18.59 -12.01 -17.95
N PRO A 104 -19.81 -11.61 -18.35
CA PRO A 104 -20.58 -12.32 -19.37
C PRO A 104 -19.97 -12.19 -20.77
N SER A 105 -18.88 -11.44 -20.85
CA SER A 105 -18.20 -11.23 -22.12
C SER A 105 -16.69 -11.34 -21.96
N SER A 106 -15.98 -11.50 -23.08
CA SER A 106 -14.53 -11.62 -23.05
C SER A 106 -13.86 -10.26 -23.27
N GLY A 107 -13.76 -9.49 -22.19
CA GLY A 107 -13.14 -8.17 -22.28
C GLY A 107 -11.91 -8.06 -21.41
N GLY A 1 13.06 33.37 -1.34
CA GLY A 1 11.69 33.55 -1.80
C GLY A 1 10.86 32.31 -1.64
N SER A 2 9.56 32.41 -1.94
CA SER A 2 8.66 31.28 -1.83
C SER A 2 8.46 30.60 -3.18
N SER A 3 9.40 29.73 -3.54
CA SER A 3 9.33 29.02 -4.81
C SER A 3 8.77 27.61 -4.61
N GLY A 4 8.06 27.12 -5.63
CA GLY A 4 7.47 25.80 -5.55
C GLY A 4 8.47 24.71 -5.89
N SER A 5 9.69 24.85 -5.38
CA SER A 5 10.74 23.87 -5.64
C SER A 5 10.73 22.77 -4.57
N SER A 6 9.90 21.76 -4.78
CA SER A 6 9.79 20.65 -3.83
C SER A 6 10.02 19.32 -4.54
N GLY A 7 10.23 18.27 -3.75
CA GLY A 7 10.46 16.94 -4.31
C GLY A 7 9.20 16.11 -4.39
N ALA A 8 8.53 16.19 -5.54
CA ALA A 8 7.29 15.44 -5.74
C ALA A 8 7.50 13.96 -5.49
N GLU A 9 8.38 13.34 -6.28
CA GLU A 9 8.67 11.93 -6.16
C GLU A 9 9.93 11.70 -5.31
N SER A 10 10.08 12.51 -4.26
CA SER A 10 11.23 12.40 -3.37
C SER A 10 10.89 11.56 -2.14
N LEU A 11 10.16 10.48 -2.35
CA LEU A 11 9.77 9.60 -1.25
C LEU A 11 10.98 8.90 -0.67
N SER A 12 10.81 8.30 0.51
CA SER A 12 11.90 7.60 1.19
C SER A 12 12.05 6.19 0.63
N GLY A 13 11.96 6.07 -0.69
CA GLY A 13 12.08 4.76 -1.32
C GLY A 13 10.77 4.02 -1.38
N LEU A 14 10.08 3.95 -0.25
CA LEU A 14 8.80 3.26 -0.17
C LEU A 14 8.03 3.37 -1.49
N SER A 15 7.50 2.25 -1.96
CA SER A 15 6.75 2.22 -3.21
C SER A 15 5.76 1.06 -3.22
N LEU A 16 4.47 1.38 -3.18
CA LEU A 16 3.42 0.36 -3.18
C LEU A 16 3.31 -0.29 -4.56
N LYS A 17 3.41 -1.62 -4.58
CA LYS A 17 3.33 -2.37 -5.83
C LYS A 17 2.27 -3.47 -5.72
N LEU A 18 1.39 -3.54 -6.71
CA LEU A 18 0.34 -4.54 -6.74
C LEU A 18 0.91 -5.93 -7.05
N VAL A 19 1.13 -6.72 -6.01
CA VAL A 19 1.67 -8.06 -6.16
C VAL A 19 0.61 -9.01 -6.70
N LYS A 20 -0.55 -9.04 -6.04
CA LYS A 20 -1.65 -9.91 -6.44
C LYS A 20 -2.96 -9.14 -6.47
N LYS A 21 -3.72 -9.31 -7.56
CA LYS A 21 -5.01 -8.63 -7.70
C LYS A 21 -6.15 -9.63 -7.58
N GLU A 22 -6.66 -9.79 -6.37
CA GLU A 22 -7.77 -10.71 -6.12
C GLU A 22 -9.05 -9.96 -5.78
N PRO A 23 -10.19 -10.61 -5.99
CA PRO A 23 -11.51 -10.01 -5.71
C PRO A 23 -11.76 -9.84 -4.22
N ARG A 24 -11.45 -10.89 -3.44
CA ARG A 24 -11.65 -10.86 -2.00
C ARG A 24 -10.31 -10.91 -1.27
N GLN A 25 -9.26 -10.44 -1.94
CA GLN A 25 -7.93 -10.43 -1.35
C GLN A 25 -7.02 -9.46 -2.08
N LEU A 26 -6.00 -8.96 -1.38
CA LEU A 26 -5.05 -8.02 -1.97
C LEU A 26 -3.68 -8.15 -1.32
N GLU A 27 -2.65 -8.35 -2.15
CA GLU A 27 -1.29 -8.50 -1.65
C GLU A 27 -0.38 -7.44 -2.26
N LEU A 28 0.32 -6.69 -1.40
CA LEU A 28 1.23 -5.65 -1.85
C LEU A 28 2.63 -5.87 -1.29
N THR A 29 3.61 -5.17 -1.86
CA THR A 29 4.99 -5.29 -1.41
C THR A 29 5.77 -4.02 -1.74
N TRP A 30 6.30 -3.38 -0.70
CA TRP A 30 7.08 -2.15 -0.87
C TRP A 30 8.50 -2.34 -0.35
N ALA A 31 9.44 -2.49 -1.27
CA ALA A 31 10.84 -2.67 -0.92
C ALA A 31 11.76 -2.11 -1.99
N GLY A 32 13.03 -1.88 -1.62
CA GLY A 32 13.99 -1.34 -2.56
C GLY A 32 14.63 -0.07 -2.07
N SER A 33 15.17 -0.11 -0.85
CA SER A 33 15.82 1.05 -0.25
C SER A 33 17.31 1.04 -0.53
N ARG A 34 17.98 -0.03 -0.12
CA ARG A 34 19.42 -0.16 -0.32
C ARG A 34 19.81 -1.64 -0.48
N PRO A 35 20.75 -1.90 -1.40
CA PRO A 35 21.24 -3.26 -1.67
C PRO A 35 22.06 -3.82 -0.52
N ARG A 36 22.20 -3.03 0.55
CA ARG A 36 22.97 -3.45 1.72
C ARG A 36 22.05 -3.69 2.91
N ASN A 37 22.62 -4.18 4.00
CA ASN A 37 21.85 -4.45 5.21
C ASN A 37 21.17 -3.18 5.71
N PRO A 38 19.93 -3.32 6.20
CA PRO A 38 19.14 -2.20 6.73
C PRO A 38 19.70 -1.67 8.04
N GLY A 39 19.08 -0.63 8.58
CA GLY A 39 19.53 -0.06 9.83
C GLY A 39 19.20 -0.93 11.02
N GLY A 40 18.24 -0.50 11.83
CA GLY A 40 17.84 -1.26 13.00
C GLY A 40 16.38 -1.64 12.98
N ASN A 41 15.86 -2.06 14.14
CA ASN A 41 14.46 -2.44 14.25
C ASN A 41 13.54 -1.31 13.82
N LEU A 42 12.70 -1.58 12.82
CA LEU A 42 11.77 -0.58 12.32
C LEU A 42 10.43 -1.21 11.96
N SER A 43 9.37 -0.41 11.99
CA SER A 43 8.03 -0.89 11.67
C SER A 43 7.45 -0.13 10.49
N TYR A 44 6.24 -0.52 10.08
CA TYR A 44 5.58 0.13 8.96
C TYR A 44 4.10 0.36 9.26
N GLU A 45 3.62 1.57 8.95
CA GLU A 45 2.22 1.91 9.20
C GLU A 45 1.40 1.80 7.92
N LEU A 46 0.38 0.95 7.96
CA LEU A 46 -0.48 0.74 6.80
C LEU A 46 -1.85 1.36 7.02
N HIS A 47 -2.31 2.14 6.05
CA HIS A 47 -3.62 2.79 6.14
C HIS A 47 -4.43 2.57 4.86
N VAL A 48 -5.53 1.83 4.99
CA VAL A 48 -6.39 1.54 3.87
C VAL A 48 -7.69 2.32 3.95
N LEU A 49 -8.08 2.95 2.85
CA LEU A 49 -9.32 3.73 2.79
C LEU A 49 -10.23 3.22 1.69
N ASN A 50 -11.53 3.53 1.82
CA ASN A 50 -12.51 3.11 0.84
C ASN A 50 -13.64 4.13 0.71
N GLN A 51 -14.47 3.96 -0.30
CA GLN A 51 -15.59 4.88 -0.53
C GLN A 51 -16.15 5.39 0.80
N ASP A 52 -16.70 4.47 1.59
CA ASP A 52 -17.28 4.83 2.88
C ASP A 52 -16.68 3.96 4.00
N GLU A 53 -15.43 3.56 3.82
CA GLU A 53 -14.76 2.72 4.82
C GLU A 53 -13.28 3.10 4.92
N GLU A 54 -12.89 3.60 6.09
CA GLU A 54 -11.51 3.99 6.33
C GLU A 54 -10.94 3.27 7.55
N TRP A 55 -9.92 2.45 7.31
CA TRP A 55 -9.28 1.70 8.38
C TRP A 55 -7.77 1.62 8.17
N HIS A 56 -7.03 1.55 9.27
CA HIS A 56 -5.58 1.46 9.21
C HIS A 56 -5.04 0.40 10.16
N GLN A 57 -3.98 -0.29 9.73
CA GLN A 57 -3.38 -1.34 10.54
C GLN A 57 -1.87 -1.35 10.38
N MET A 58 -1.16 -1.39 11.50
CA MET A 58 0.30 -1.40 11.49
C MET A 58 0.82 -2.79 11.17
N VAL A 59 1.85 -2.84 10.32
CA VAL A 59 2.45 -4.11 9.93
C VAL A 59 3.96 -4.11 10.17
N LEU A 60 4.49 -5.25 10.60
CA LEU A 60 5.91 -5.39 10.88
C LEU A 60 6.64 -5.98 9.68
N GLU A 61 6.03 -5.88 8.50
CA GLU A 61 6.62 -6.41 7.29
C GLU A 61 6.26 -5.53 6.08
N PRO A 62 7.16 -5.50 5.09
CA PRO A 62 6.98 -4.71 3.87
C PRO A 62 5.87 -5.28 2.98
N ARG A 63 5.22 -6.34 3.45
CA ARG A 63 4.14 -6.97 2.70
C ARG A 63 2.90 -7.14 3.56
N VAL A 64 1.77 -6.66 3.06
CA VAL A 64 0.51 -6.76 3.78
C VAL A 64 -0.51 -7.57 2.99
N LEU A 65 -1.28 -8.39 3.70
CA LEU A 65 -2.31 -9.21 3.07
C LEU A 65 -3.70 -8.81 3.54
N LEU A 66 -4.47 -8.21 2.64
CA LEU A 66 -5.83 -7.78 2.96
C LEU A 66 -6.86 -8.81 2.50
N THR A 67 -7.84 -9.08 3.35
CA THR A 67 -8.89 -10.04 3.02
C THR A 67 -10.26 -9.51 3.41
N LYS A 68 -11.30 -10.21 2.95
CA LYS A 68 -12.68 -9.81 3.25
C LYS A 68 -13.05 -8.55 2.47
N LEU A 69 -12.38 -8.33 1.34
CA LEU A 69 -12.65 -7.17 0.51
C LEU A 69 -13.72 -7.49 -0.54
N GLN A 70 -14.20 -6.45 -1.21
CA GLN A 70 -15.23 -6.62 -2.23
C GLN A 70 -14.62 -6.57 -3.63
N PRO A 71 -15.16 -7.40 -4.54
CA PRO A 71 -14.68 -7.48 -5.92
C PRO A 71 -15.02 -6.22 -6.72
N ASP A 72 -14.23 -5.95 -7.75
CA ASP A 72 -14.45 -4.79 -8.59
C ASP A 72 -14.59 -3.52 -7.75
N THR A 73 -13.67 -3.36 -6.80
CA THR A 73 -13.68 -2.18 -5.93
C THR A 73 -12.29 -1.58 -5.80
N THR A 74 -12.23 -0.26 -5.70
CA THR A 74 -10.96 0.45 -5.57
C THR A 74 -10.63 0.71 -4.10
N TYR A 75 -9.47 0.22 -3.67
CA TYR A 75 -9.04 0.40 -2.29
C TYR A 75 -7.72 1.16 -2.23
N ILE A 76 -7.72 2.28 -1.51
CA ILE A 76 -6.53 3.11 -1.37
C ILE A 76 -5.61 2.56 -0.28
N VAL A 77 -4.31 2.52 -0.57
CA VAL A 77 -3.33 2.02 0.37
C VAL A 77 -2.12 2.96 0.46
N ARG A 78 -1.55 3.06 1.65
CA ARG A 78 -0.39 3.92 1.87
C ARG A 78 0.44 3.44 3.06
N VAL A 79 1.69 3.07 2.80
CA VAL A 79 2.58 2.59 3.85
C VAL A 79 3.69 3.60 4.13
N ARG A 80 4.13 3.66 5.38
CA ARG A 80 5.19 4.58 5.77
C ARG A 80 6.12 3.93 6.79
N THR A 81 7.40 4.25 6.71
CA THR A 81 8.39 3.70 7.62
C THR A 81 8.32 4.37 8.98
N LEU A 82 7.74 3.66 9.96
CA LEU A 82 7.60 4.20 11.31
C LEU A 82 8.97 4.28 11.99
N THR A 83 9.20 5.38 12.71
CA THR A 83 10.45 5.59 13.42
C THR A 83 10.20 6.14 14.82
N PRO A 84 11.15 5.85 15.73
CA PRO A 84 11.05 6.30 17.13
C PRO A 84 11.25 7.81 17.26
N LEU A 85 12.07 8.37 16.38
CA LEU A 85 12.35 9.80 16.40
C LEU A 85 12.07 10.43 15.04
N GLY A 86 10.85 10.92 14.86
CA GLY A 86 10.48 11.55 13.60
C GLY A 86 10.14 10.53 12.53
N PRO A 87 8.89 10.03 12.56
CA PRO A 87 8.41 9.04 11.59
C PRO A 87 8.26 9.62 10.19
N GLY A 88 8.53 8.79 9.17
CA GLY A 88 8.41 9.25 7.80
C GLY A 88 6.98 9.57 7.42
N PRO A 89 6.82 10.32 6.30
CA PRO A 89 5.51 10.72 5.81
C PRO A 89 4.71 9.55 5.25
N PHE A 90 3.44 9.79 4.95
CA PHE A 90 2.58 8.75 4.40
C PHE A 90 2.63 8.74 2.88
N SER A 91 2.91 7.57 2.31
CA SER A 91 2.99 7.42 0.86
C SER A 91 1.81 8.10 0.18
N PRO A 92 2.00 8.50 -1.08
CA PRO A 92 0.97 9.16 -1.88
C PRO A 92 -0.18 8.22 -2.24
N ASP A 93 -1.41 8.72 -2.12
CA ASP A 93 -2.58 7.91 -2.44
C ASP A 93 -2.31 7.00 -3.64
N HIS A 94 -2.45 5.70 -3.42
CA HIS A 94 -2.21 4.72 -4.48
C HIS A 94 -3.52 4.10 -4.94
N GLU A 95 -4.01 4.53 -6.10
CA GLU A 95 -5.26 4.02 -6.64
C GLU A 95 -5.10 2.56 -7.07
N PHE A 96 -5.72 1.66 -6.32
CA PHE A 96 -5.65 0.23 -6.62
C PHE A 96 -7.05 -0.35 -6.81
N ARG A 97 -7.16 -1.32 -7.71
CA ARG A 97 -8.45 -1.96 -7.99
C ARG A 97 -8.33 -3.48 -7.86
N THR A 98 -9.36 -4.11 -7.31
CA THR A 98 -9.36 -5.56 -7.13
C THR A 98 -9.81 -6.26 -8.40
N SER A 99 -9.80 -7.59 -8.37
CA SER A 99 -10.20 -8.38 -9.53
C SER A 99 -11.72 -8.38 -9.70
N PRO A 100 -12.18 -8.34 -10.95
CA PRO A 100 -13.61 -8.34 -11.27
C PRO A 100 -14.28 -9.68 -10.96
N PRO A 101 -15.55 -9.63 -10.58
CA PRO A 101 -16.33 -10.84 -10.25
C PRO A 101 -16.64 -11.68 -11.48
N SER A 102 -16.95 -11.00 -12.59
CA SER A 102 -17.27 -11.69 -13.83
C SER A 102 -16.22 -11.39 -14.91
N GLY A 103 -14.95 -11.46 -14.51
CA GLY A 103 -13.87 -11.20 -15.45
C GLY A 103 -14.03 -9.86 -16.14
N PRO A 104 -12.98 -9.44 -16.86
CA PRO A 104 -12.97 -8.17 -17.60
C PRO A 104 -13.90 -8.21 -18.81
N SER A 105 -14.40 -7.03 -19.19
CA SER A 105 -15.30 -6.94 -20.34
C SER A 105 -14.86 -5.81 -21.27
N SER A 106 -14.73 -6.13 -22.55
CA SER A 106 -14.31 -5.16 -23.55
C SER A 106 -14.79 -5.56 -24.94
N GLY A 107 -14.72 -4.62 -25.88
CA GLY A 107 -15.16 -4.89 -27.24
C GLY A 107 -14.40 -6.05 -27.86
N GLY A 1 13.23 6.39 -5.74
CA GLY A 1 14.37 7.24 -6.04
C GLY A 1 13.96 8.57 -6.63
N SER A 2 14.92 9.26 -7.25
CA SER A 2 14.64 10.56 -7.87
C SER A 2 14.05 10.37 -9.27
N SER A 3 13.13 11.28 -9.62
CA SER A 3 12.48 11.22 -10.93
C SER A 3 12.32 12.61 -11.52
N GLY A 4 11.94 12.67 -12.79
CA GLY A 4 11.75 13.95 -13.44
C GLY A 4 10.29 14.28 -13.66
N SER A 5 9.57 14.50 -12.56
CA SER A 5 8.15 14.83 -12.63
C SER A 5 7.84 16.10 -11.84
N SER A 6 6.81 16.82 -12.27
CA SER A 6 6.41 18.06 -11.59
C SER A 6 5.72 17.75 -10.27
N GLY A 7 6.35 18.15 -9.17
CA GLY A 7 5.77 17.92 -7.86
C GLY A 7 6.82 17.51 -6.83
N ALA A 8 6.49 17.67 -5.56
CA ALA A 8 7.40 17.32 -4.48
C ALA A 8 7.43 15.80 -4.26
N GLU A 9 8.60 15.21 -4.47
CA GLU A 9 8.76 13.77 -4.29
C GLU A 9 9.74 13.47 -3.16
N SER A 10 9.44 13.97 -1.97
CA SER A 10 10.30 13.76 -0.82
C SER A 10 9.87 12.52 -0.04
N LEU A 11 9.66 11.43 -0.77
CA LEU A 11 9.25 10.17 -0.15
C LEU A 11 10.45 9.42 0.42
N SER A 12 10.20 8.58 1.41
CA SER A 12 11.27 7.80 2.05
C SER A 12 11.44 6.46 1.35
N GLY A 13 11.61 6.51 0.03
CA GLY A 13 11.80 5.29 -0.74
C GLY A 13 10.74 4.25 -0.43
N LEU A 14 9.55 4.43 -0.97
CA LEU A 14 8.45 3.50 -0.74
C LEU A 14 7.46 3.54 -1.91
N SER A 15 7.48 2.49 -2.73
CA SER A 15 6.59 2.39 -3.87
C SER A 15 5.67 1.19 -3.75
N LEU A 16 4.39 1.44 -3.46
CA LEU A 16 3.41 0.38 -3.31
C LEU A 16 3.21 -0.37 -4.63
N LYS A 17 3.74 -1.58 -4.70
CA LYS A 17 3.62 -2.40 -5.91
C LYS A 17 2.52 -3.45 -5.74
N LEU A 18 1.63 -3.52 -6.74
CA LEU A 18 0.54 -4.48 -6.70
C LEU A 18 1.02 -5.88 -7.06
N VAL A 19 1.27 -6.70 -6.04
CA VAL A 19 1.73 -8.06 -6.24
C VAL A 19 0.68 -8.91 -6.95
N LYS A 20 -0.45 -9.13 -6.28
CA LYS A 20 -1.54 -9.91 -6.85
C LYS A 20 -2.89 -9.43 -6.32
N LYS A 21 -3.69 -8.85 -7.21
CA LYS A 21 -5.01 -8.35 -6.83
C LYS A 21 -6.04 -9.46 -6.87
N GLU A 22 -7.11 -9.30 -6.10
CA GLU A 22 -8.19 -10.29 -6.05
C GLU A 22 -9.52 -9.63 -5.77
N PRO A 23 -10.62 -10.35 -6.08
CA PRO A 23 -11.98 -9.86 -5.87
C PRO A 23 -12.34 -9.77 -4.38
N ARG A 24 -11.71 -10.61 -3.58
CA ARG A 24 -11.96 -10.63 -2.14
C ARG A 24 -10.65 -10.59 -1.35
N GLN A 25 -9.59 -10.16 -2.01
CA GLN A 25 -8.28 -10.08 -1.38
C GLN A 25 -7.34 -9.17 -2.17
N LEU A 26 -6.25 -8.76 -1.53
CA LEU A 26 -5.27 -7.89 -2.18
C LEU A 26 -3.90 -8.04 -1.53
N GLU A 27 -2.90 -8.35 -2.35
CA GLU A 27 -1.54 -8.52 -1.85
C GLU A 27 -0.62 -7.44 -2.42
N LEU A 28 0.18 -6.84 -1.55
CA LEU A 28 1.10 -5.79 -1.95
C LEU A 28 2.49 -6.02 -1.35
N THR A 29 3.49 -5.33 -1.90
CA THR A 29 4.86 -5.47 -1.42
C THR A 29 5.65 -4.19 -1.68
N TRP A 30 6.30 -3.69 -0.64
CA TRP A 30 7.10 -2.48 -0.76
C TRP A 30 8.50 -2.69 -0.19
N ALA A 31 9.51 -2.64 -1.06
CA ALA A 31 10.89 -2.82 -0.65
C ALA A 31 11.77 -1.69 -1.16
N GLY A 32 12.47 -1.03 -0.24
CA GLY A 32 13.34 0.07 -0.62
C GLY A 32 14.54 0.19 0.29
N SER A 33 15.65 -0.43 -0.10
CA SER A 33 16.87 -0.39 0.69
C SER A 33 17.97 0.38 -0.04
N ARG A 34 17.77 1.69 -0.18
CA ARG A 34 18.74 2.55 -0.86
C ARG A 34 20.13 2.37 -0.25
N PRO A 35 20.25 2.68 1.05
CA PRO A 35 21.52 2.57 1.77
C PRO A 35 21.95 1.11 1.97
N ARG A 36 23.08 0.92 2.66
CA ARG A 36 23.59 -0.42 2.91
C ARG A 36 23.26 -0.87 4.33
N ASN A 37 22.03 -0.56 4.77
CA ASN A 37 21.60 -0.94 6.11
C ASN A 37 20.41 -1.89 6.04
N PRO A 38 20.50 -3.00 6.78
CA PRO A 38 19.44 -4.02 6.82
C PRO A 38 18.20 -3.52 7.55
N GLY A 39 18.40 -2.65 8.53
CA GLY A 39 17.29 -2.12 9.30
C GLY A 39 17.43 -2.39 10.78
N GLY A 40 16.46 -3.12 11.34
CA GLY A 40 16.50 -3.42 12.76
C GLY A 40 15.13 -3.80 13.31
N ASN A 41 14.69 -3.10 14.34
CA ASN A 41 13.39 -3.37 14.95
C ASN A 41 12.36 -2.34 14.51
N LEU A 42 12.60 -1.72 13.36
CA LEU A 42 11.69 -0.72 12.82
C LEU A 42 10.34 -1.34 12.48
N SER A 43 9.40 -0.49 12.07
CA SER A 43 8.06 -0.96 11.70
C SER A 43 7.49 -0.14 10.55
N TYR A 44 6.31 -0.52 10.10
CA TYR A 44 5.65 0.17 9.00
C TYR A 44 4.16 0.38 9.29
N GLU A 45 3.67 1.58 8.98
CA GLU A 45 2.27 1.90 9.21
C GLU A 45 1.47 1.77 7.92
N LEU A 46 0.44 0.92 7.95
CA LEU A 46 -0.40 0.70 6.78
C LEU A 46 -1.79 1.30 6.99
N HIS A 47 -2.24 2.10 6.03
CA HIS A 47 -3.55 2.74 6.11
C HIS A 47 -4.33 2.52 4.82
N VAL A 48 -5.36 1.68 4.90
CA VAL A 48 -6.20 1.39 3.74
C VAL A 48 -7.54 2.11 3.83
N LEU A 49 -7.97 2.71 2.72
CA LEU A 49 -9.23 3.43 2.68
C LEU A 49 -10.16 2.84 1.61
N ASN A 50 -11.37 2.48 2.01
CA ASN A 50 -12.35 1.92 1.09
C ASN A 50 -13.32 2.99 0.61
N GLN A 51 -14.10 2.64 -0.42
CA GLN A 51 -15.07 3.57 -0.97
C GLN A 51 -15.68 4.44 0.12
N ASP A 52 -16.58 3.85 0.91
CA ASP A 52 -17.23 4.56 2.00
C ASP A 52 -16.76 4.05 3.36
N GLU A 53 -15.50 3.65 3.42
CA GLU A 53 -14.91 3.13 4.67
C GLU A 53 -13.42 3.45 4.75
N GLU A 54 -12.86 3.33 5.94
CA GLU A 54 -11.45 3.61 6.15
C GLU A 54 -10.93 2.87 7.38
N TRP A 55 -9.80 2.17 7.22
CA TRP A 55 -9.21 1.43 8.32
C TRP A 55 -7.68 1.46 8.24
N HIS A 56 -7.03 1.41 9.39
CA HIS A 56 -5.57 1.43 9.44
C HIS A 56 -5.04 0.27 10.28
N GLN A 57 -3.93 -0.31 9.84
CA GLN A 57 -3.32 -1.44 10.54
C GLN A 57 -1.80 -1.37 10.46
N MET A 58 -1.14 -1.60 11.59
CA MET A 58 0.32 -1.58 11.64
C MET A 58 0.91 -2.94 11.33
N VAL A 59 1.91 -2.97 10.47
CA VAL A 59 2.56 -4.22 10.07
C VAL A 59 4.06 -4.14 10.27
N LEU A 60 4.65 -5.22 10.78
CA LEU A 60 6.09 -5.27 11.02
C LEU A 60 6.83 -5.68 9.76
N GLU A 61 6.13 -6.36 8.85
CA GLU A 61 6.72 -6.80 7.59
C GLU A 61 6.55 -5.76 6.50
N PRO A 62 7.44 -5.78 5.51
CA PRO A 62 7.41 -4.84 4.39
C PRO A 62 6.23 -5.09 3.46
N ARG A 63 5.40 -6.05 3.82
CA ARG A 63 4.23 -6.39 3.01
C ARG A 63 2.97 -6.45 3.87
N VAL A 64 1.83 -6.68 3.23
CA VAL A 64 0.56 -6.77 3.93
C VAL A 64 -0.46 -7.57 3.13
N LEU A 65 -1.32 -8.29 3.85
CA LEU A 65 -2.35 -9.11 3.21
C LEU A 65 -3.74 -8.65 3.63
N LEU A 66 -4.44 -7.99 2.71
CA LEU A 66 -5.79 -7.51 2.99
C LEU A 66 -6.84 -8.52 2.52
N THR A 67 -7.84 -8.74 3.36
CA THR A 67 -8.91 -9.69 3.04
C THR A 67 -10.28 -9.12 3.40
N LYS A 68 -11.33 -9.85 3.07
CA LYS A 68 -12.69 -9.43 3.36
C LYS A 68 -13.01 -8.13 2.62
N LEU A 69 -12.67 -8.09 1.34
CA LEU A 69 -12.93 -6.91 0.52
C LEU A 69 -14.05 -7.18 -0.48
N GLN A 70 -14.39 -6.17 -1.27
CA GLN A 70 -15.45 -6.29 -2.27
C GLN A 70 -14.86 -6.35 -3.67
N PRO A 71 -15.44 -7.21 -4.52
CA PRO A 71 -14.99 -7.39 -5.90
C PRO A 71 -15.33 -6.18 -6.77
N ASP A 72 -14.44 -5.86 -7.70
CA ASP A 72 -14.63 -4.73 -8.60
C ASP A 72 -14.81 -3.43 -7.81
N THR A 73 -13.91 -3.20 -6.86
CA THR A 73 -13.97 -2.00 -6.03
C THR A 73 -12.58 -1.40 -5.84
N THR A 74 -12.51 -0.07 -5.85
CA THR A 74 -11.25 0.63 -5.69
C THR A 74 -10.86 0.71 -4.21
N TYR A 75 -9.61 0.38 -3.92
CA TYR A 75 -9.11 0.41 -2.55
C TYR A 75 -7.80 1.18 -2.46
N ILE A 76 -7.79 2.23 -1.65
CA ILE A 76 -6.60 3.06 -1.47
C ILE A 76 -5.67 2.47 -0.42
N VAL A 77 -4.38 2.48 -0.70
CA VAL A 77 -3.38 1.95 0.23
C VAL A 77 -2.17 2.88 0.33
N ARG A 78 -1.64 3.01 1.54
CA ARG A 78 -0.48 3.87 1.77
C ARG A 78 0.35 3.36 2.95
N VAL A 79 1.64 3.11 2.70
CA VAL A 79 2.53 2.62 3.74
C VAL A 79 3.66 3.60 3.99
N ARG A 80 4.20 3.59 5.21
CA ARG A 80 5.28 4.48 5.58
C ARG A 80 6.12 3.88 6.71
N THR A 81 7.42 4.13 6.68
CA THR A 81 8.32 3.62 7.71
C THR A 81 8.21 4.43 8.99
N LEU A 82 7.66 3.81 10.03
CA LEU A 82 7.50 4.47 11.32
C LEU A 82 8.84 4.60 12.04
N THR A 83 9.07 5.76 12.64
CA THR A 83 10.31 6.01 13.36
C THR A 83 10.04 6.65 14.72
N PRO A 84 10.94 6.43 15.68
CA PRO A 84 10.82 6.97 17.03
C PRO A 84 11.02 8.49 17.07
N LEU A 85 11.92 8.98 16.22
CA LEU A 85 12.20 10.41 16.16
C LEU A 85 12.02 10.93 14.74
N GLY A 86 10.83 11.43 14.44
CA GLY A 86 10.54 11.97 13.12
C GLY A 86 10.20 10.87 12.12
N PRO A 87 8.92 10.45 12.11
CA PRO A 87 8.45 9.41 11.20
C PRO A 87 8.40 9.87 9.75
N GLY A 88 8.61 8.94 8.83
CA GLY A 88 8.59 9.28 7.42
C GLY A 88 7.21 9.66 6.92
N PRO A 89 7.16 10.29 5.74
CA PRO A 89 5.89 10.72 5.14
C PRO A 89 5.03 9.56 4.67
N PHE A 90 3.74 9.79 4.54
CA PHE A 90 2.81 8.76 4.11
C PHE A 90 2.75 8.69 2.58
N SER A 91 3.11 7.53 2.03
CA SER A 91 3.10 7.34 0.59
C SER A 91 1.90 8.04 -0.05
N PRO A 92 2.05 8.42 -1.32
CA PRO A 92 0.99 9.10 -2.08
C PRO A 92 -0.20 8.20 -2.37
N ASP A 93 -1.40 8.72 -2.17
CA ASP A 93 -2.62 7.95 -2.41
C ASP A 93 -2.47 7.06 -3.64
N HIS A 94 -2.18 5.79 -3.41
CA HIS A 94 -2.01 4.84 -4.50
C HIS A 94 -3.32 4.16 -4.85
N GLU A 95 -3.91 4.57 -5.97
CA GLU A 95 -5.19 4.01 -6.41
C GLU A 95 -5.02 2.54 -6.83
N PHE A 96 -5.96 1.71 -6.42
CA PHE A 96 -5.93 0.29 -6.74
C PHE A 96 -7.33 -0.25 -6.98
N ARG A 97 -7.42 -1.30 -7.79
CA ARG A 97 -8.71 -1.92 -8.10
C ARG A 97 -8.63 -3.44 -7.94
N THR A 98 -9.71 -4.02 -7.42
CA THR A 98 -9.78 -5.45 -7.21
C THR A 98 -10.19 -6.18 -8.49
N SER A 99 -9.96 -7.48 -8.53
CA SER A 99 -10.31 -8.30 -9.69
C SER A 99 -11.82 -8.36 -9.87
N PRO A 100 -12.26 -8.49 -11.13
CA PRO A 100 -13.69 -8.58 -11.46
C PRO A 100 -14.31 -9.89 -11.02
N PRO A 101 -15.60 -9.84 -10.65
CA PRO A 101 -16.34 -11.03 -10.20
C PRO A 101 -16.60 -12.02 -11.32
N SER A 102 -17.23 -13.14 -11.00
CA SER A 102 -17.52 -14.17 -11.98
C SER A 102 -18.40 -13.60 -13.10
N GLY A 103 -17.84 -13.56 -14.31
CA GLY A 103 -18.58 -13.04 -15.45
C GLY A 103 -19.00 -14.13 -16.42
N PRO A 104 -20.23 -14.64 -16.27
CA PRO A 104 -20.76 -15.70 -17.12
C PRO A 104 -21.04 -15.21 -18.53
N SER A 105 -21.50 -13.97 -18.65
CA SER A 105 -21.81 -13.38 -19.95
C SER A 105 -22.70 -14.31 -20.77
N SER A 106 -23.52 -15.09 -20.07
CA SER A 106 -24.43 -16.03 -20.73
C SER A 106 -25.67 -15.31 -21.25
N GLY A 107 -25.68 -15.01 -22.54
CA GLY A 107 -26.82 -14.33 -23.13
C GLY A 107 -27.19 -13.07 -22.38
N GLY A 1 19.05 15.43 -1.95
CA GLY A 1 19.69 14.43 -2.77
C GLY A 1 19.26 14.51 -4.22
N SER A 2 18.16 13.83 -4.54
CA SER A 2 17.64 13.81 -5.91
C SER A 2 16.97 15.15 -6.25
N SER A 3 16.06 15.59 -5.39
CA SER A 3 15.35 16.84 -5.59
C SER A 3 14.88 16.96 -7.04
N GLY A 4 14.36 15.86 -7.59
CA GLY A 4 13.89 15.86 -8.96
C GLY A 4 12.69 16.77 -9.15
N SER A 5 12.42 17.14 -10.40
CA SER A 5 11.30 18.02 -10.71
C SER A 5 10.03 17.21 -10.91
N SER A 6 10.03 16.34 -11.92
CA SER A 6 8.87 15.51 -12.21
C SER A 6 8.96 14.17 -11.50
N GLY A 7 7.80 13.62 -11.13
CA GLY A 7 7.77 12.35 -10.44
C GLY A 7 7.03 12.42 -9.12
N ALA A 8 6.23 11.41 -8.83
CA ALA A 8 5.45 11.36 -7.59
C ALA A 8 5.80 10.12 -6.77
N GLU A 9 6.32 10.34 -5.57
CA GLU A 9 6.70 9.24 -4.68
C GLU A 9 6.98 9.75 -3.27
N SER A 10 7.00 8.82 -2.32
CA SER A 10 7.26 9.18 -0.92
C SER A 10 8.76 9.32 -0.67
N LEU A 11 9.45 8.19 -0.61
CA LEU A 11 10.89 8.19 -0.37
C LEU A 11 11.58 7.13 -1.22
N SER A 12 12.88 6.96 -1.01
CA SER A 12 13.66 5.99 -1.76
C SER A 12 13.12 4.58 -1.56
N GLY A 13 12.01 4.28 -2.22
CA GLY A 13 11.39 2.97 -2.10
C GLY A 13 9.90 3.04 -1.83
N LEU A 14 9.48 2.46 -0.71
CA LEU A 14 8.07 2.47 -0.34
C LEU A 14 7.18 2.62 -1.56
N SER A 15 7.43 1.80 -2.59
CA SER A 15 6.65 1.86 -3.82
C SER A 15 5.60 0.76 -3.84
N LEU A 16 4.49 1.00 -3.14
CA LEU A 16 3.41 0.02 -3.08
C LEU A 16 3.28 -0.74 -4.39
N LYS A 17 3.42 -2.06 -4.32
CA LYS A 17 3.32 -2.91 -5.50
C LYS A 17 2.13 -3.85 -5.39
N LEU A 18 1.39 -4.00 -6.48
CA LEU A 18 0.23 -4.88 -6.51
C LEU A 18 0.60 -6.28 -7.02
N VAL A 19 1.06 -7.12 -6.11
CA VAL A 19 1.46 -8.48 -6.45
C VAL A 19 0.30 -9.24 -7.09
N LYS A 20 -0.72 -9.54 -6.29
CA LYS A 20 -1.89 -10.26 -6.77
C LYS A 20 -3.12 -9.36 -6.77
N LYS A 21 -3.88 -9.40 -7.85
CA LYS A 21 -5.09 -8.60 -7.98
C LYS A 21 -6.34 -9.48 -7.97
N GLU A 22 -6.87 -9.72 -6.78
CA GLU A 22 -8.06 -10.55 -6.63
C GLU A 22 -9.29 -9.68 -6.37
N PRO A 23 -10.47 -10.21 -6.76
CA PRO A 23 -11.74 -9.51 -6.58
C PRO A 23 -12.15 -9.41 -5.11
N ARG A 24 -11.54 -10.23 -4.28
CA ARG A 24 -11.84 -10.24 -2.86
C ARG A 24 -10.57 -10.08 -2.02
N GLN A 25 -9.43 -10.46 -2.61
CA GLN A 25 -8.15 -10.36 -1.92
C GLN A 25 -7.26 -9.33 -2.60
N LEU A 26 -6.24 -8.86 -1.88
CA LEU A 26 -5.31 -7.88 -2.42
C LEU A 26 -4.07 -7.77 -1.53
N GLU A 27 -2.93 -8.18 -2.08
CA GLU A 27 -1.67 -8.14 -1.34
C GLU A 27 -0.75 -7.05 -1.91
N LEU A 28 0.09 -6.50 -1.05
CA LEU A 28 1.02 -5.45 -1.46
C LEU A 28 2.39 -5.66 -0.82
N THR A 29 3.44 -5.22 -1.52
CA THR A 29 4.80 -5.36 -1.01
C THR A 29 5.64 -4.15 -1.39
N TRP A 30 6.34 -3.60 -0.41
CA TRP A 30 7.19 -2.43 -0.63
C TRP A 30 8.62 -2.71 -0.19
N ALA A 31 9.53 -2.83 -1.15
CA ALA A 31 10.93 -3.09 -0.85
C ALA A 31 11.85 -2.39 -1.86
N GLY A 32 13.10 -2.18 -1.46
CA GLY A 32 14.06 -1.52 -2.34
C GLY A 32 15.44 -1.44 -1.72
N SER A 33 16.26 -0.54 -2.26
CA SER A 33 17.62 -0.36 -1.77
C SER A 33 17.62 0.15 -0.33
N ARG A 34 18.73 -0.05 0.37
CA ARG A 34 18.85 0.40 1.75
C ARG A 34 19.34 1.84 1.82
N PRO A 35 18.86 2.58 2.83
CA PRO A 35 19.25 3.99 3.03
C PRO A 35 20.70 4.13 3.47
N ARG A 36 21.15 5.37 3.63
CA ARG A 36 22.51 5.65 4.06
C ARG A 36 22.65 5.50 5.57
N ASN A 37 21.60 4.97 6.20
CA ASN A 37 21.62 4.77 7.64
C ASN A 37 21.24 3.33 8.00
N PRO A 38 21.85 2.81 9.08
CA PRO A 38 21.59 1.45 9.55
C PRO A 38 20.20 1.28 10.13
N GLY A 39 19.86 0.06 10.53
CA GLY A 39 18.55 -0.21 11.09
C GLY A 39 18.59 -1.34 12.10
N GLY A 40 17.41 -1.86 12.43
CA GLY A 40 17.32 -2.95 13.40
C GLY A 40 15.93 -3.54 13.48
N ASN A 41 15.05 -2.89 14.25
CA ASN A 41 13.69 -3.36 14.41
C ASN A 41 12.69 -2.29 13.99
N LEU A 42 12.85 -1.79 12.77
CA LEU A 42 11.96 -0.75 12.24
C LEU A 42 10.59 -1.34 11.90
N SER A 43 9.57 -0.49 11.92
CA SER A 43 8.21 -0.92 11.63
C SER A 43 7.62 -0.09 10.48
N TYR A 44 6.40 -0.43 10.08
CA TYR A 44 5.73 0.27 9.00
C TYR A 44 4.24 0.42 9.28
N GLU A 45 3.72 1.62 9.03
CA GLU A 45 2.31 1.90 9.27
C GLU A 45 1.51 1.81 7.96
N LEU A 46 0.50 0.95 7.96
CA LEU A 46 -0.34 0.75 6.78
C LEU A 46 -1.73 1.35 7.00
N HIS A 47 -2.15 2.19 6.06
CA HIS A 47 -3.46 2.84 6.14
C HIS A 47 -4.27 2.58 4.88
N VAL A 48 -5.41 1.91 5.03
CA VAL A 48 -6.27 1.60 3.90
C VAL A 48 -7.55 2.42 3.95
N LEU A 49 -7.91 3.01 2.81
CA LEU A 49 -9.12 3.84 2.73
C LEU A 49 -9.99 3.39 1.56
N ASN A 50 -11.25 3.08 1.86
CA ASN A 50 -12.19 2.65 0.82
C ASN A 50 -13.29 3.69 0.62
N GLN A 51 -14.19 3.41 -0.32
CA GLN A 51 -15.29 4.32 -0.61
C GLN A 51 -15.74 5.05 0.65
N ASP A 52 -16.26 4.28 1.61
CA ASP A 52 -16.73 4.86 2.87
C ASP A 52 -16.17 4.11 4.06
N GLU A 53 -15.31 3.12 3.78
CA GLU A 53 -14.70 2.32 4.83
C GLU A 53 -13.19 2.50 4.86
N GLU A 54 -12.69 3.10 5.94
CA GLU A 54 -11.26 3.34 6.09
C GLU A 54 -10.73 2.69 7.36
N TRP A 55 -9.85 1.70 7.18
CA TRP A 55 -9.26 1.00 8.32
C TRP A 55 -7.75 0.90 8.17
N HIS A 56 -7.04 1.29 9.22
CA HIS A 56 -5.58 1.25 9.21
C HIS A 56 -5.06 0.14 10.12
N GLN A 57 -3.86 -0.35 9.84
CA GLN A 57 -3.26 -1.41 10.63
C GLN A 57 -1.74 -1.36 10.54
N MET A 58 -1.08 -1.34 11.70
CA MET A 58 0.38 -1.29 11.75
C MET A 58 0.98 -2.66 11.47
N VAL A 59 1.90 -2.71 10.51
CA VAL A 59 2.55 -3.97 10.15
C VAL A 59 4.05 -3.89 10.37
N LEU A 60 4.64 -5.00 10.83
CA LEU A 60 6.08 -5.04 11.08
C LEU A 60 6.84 -5.43 9.82
N GLU A 61 6.18 -6.18 8.94
CA GLU A 61 6.79 -6.62 7.69
C GLU A 61 6.45 -5.66 6.56
N PRO A 62 7.33 -5.59 5.55
CA PRO A 62 7.14 -4.73 4.39
C PRO A 62 6.01 -5.21 3.49
N ARG A 63 5.28 -6.22 3.94
CA ARG A 63 4.18 -6.77 3.17
C ARG A 63 2.89 -6.80 4.01
N VAL A 64 1.76 -6.67 3.34
CA VAL A 64 0.46 -6.68 4.02
C VAL A 64 -0.55 -7.53 3.26
N LEU A 65 -1.31 -8.34 4.00
CA LEU A 65 -2.32 -9.20 3.40
C LEU A 65 -3.72 -8.70 3.71
N LEU A 66 -4.43 -8.24 2.68
CA LEU A 66 -5.78 -7.73 2.85
C LEU A 66 -6.79 -8.68 2.21
N THR A 67 -7.81 -9.04 2.98
CA THR A 67 -8.85 -9.94 2.49
C THR A 67 -10.24 -9.40 2.80
N LYS A 68 -11.26 -10.18 2.49
CA LYS A 68 -12.63 -9.79 2.75
C LYS A 68 -12.95 -8.46 2.05
N LEU A 69 -12.53 -8.35 0.79
CA LEU A 69 -12.76 -7.14 0.02
C LEU A 69 -13.91 -7.33 -0.96
N GLN A 70 -14.30 -6.26 -1.64
CA GLN A 70 -15.38 -6.31 -2.61
C GLN A 70 -14.85 -6.26 -4.04
N PRO A 71 -15.47 -7.03 -4.93
CA PRO A 71 -15.07 -7.08 -6.34
C PRO A 71 -15.39 -5.79 -7.08
N ASP A 72 -14.50 -5.39 -7.99
CA ASP A 72 -14.69 -4.17 -8.77
C ASP A 72 -14.82 -2.96 -7.86
N THR A 73 -13.86 -2.78 -6.97
CA THR A 73 -13.87 -1.67 -6.04
C THR A 73 -12.47 -1.06 -5.89
N THR A 74 -12.42 0.26 -5.75
CA THR A 74 -11.15 0.97 -5.60
C THR A 74 -10.75 1.07 -4.13
N TYR A 75 -9.59 0.51 -3.80
CA TYR A 75 -9.10 0.54 -2.43
C TYR A 75 -7.78 1.30 -2.35
N ILE A 76 -7.74 2.32 -1.50
CA ILE A 76 -6.53 3.12 -1.32
C ILE A 76 -5.65 2.56 -0.21
N VAL A 77 -4.35 2.55 -0.45
CA VAL A 77 -3.40 2.04 0.54
C VAL A 77 -2.13 2.87 0.55
N ARG A 78 -1.62 3.16 1.75
CA ARG A 78 -0.41 3.95 1.90
C ARG A 78 0.45 3.42 3.05
N VAL A 79 1.75 3.27 2.79
CA VAL A 79 2.67 2.77 3.80
C VAL A 79 3.81 3.75 4.03
N ARG A 80 4.30 3.81 5.26
CA ARG A 80 5.38 4.71 5.62
C ARG A 80 6.23 4.12 6.74
N THR A 81 7.55 4.33 6.65
CA THR A 81 8.46 3.82 7.66
C THR A 81 8.34 4.59 8.97
N LEU A 82 7.76 3.95 9.98
CA LEU A 82 7.57 4.58 11.28
C LEU A 82 8.91 4.80 11.97
N THR A 83 9.04 5.92 12.66
CA THR A 83 10.27 6.25 13.38
C THR A 83 9.98 6.73 14.78
N PRO A 84 10.94 6.51 15.70
CA PRO A 84 10.81 6.92 17.10
C PRO A 84 10.86 8.43 17.27
N LEU A 85 11.74 9.08 16.53
CA LEU A 85 11.88 10.54 16.59
C LEU A 85 11.72 11.17 15.21
N GLY A 86 10.49 11.56 14.89
CA GLY A 86 10.23 12.17 13.60
C GLY A 86 9.91 11.16 12.52
N PRO A 87 8.65 10.69 12.51
CA PRO A 87 8.19 9.69 11.52
C PRO A 87 8.10 10.27 10.11
N GLY A 88 8.50 9.47 9.13
CA GLY A 88 8.46 9.92 7.75
C GLY A 88 7.04 10.19 7.27
N PRO A 89 6.93 10.87 6.12
CA PRO A 89 5.62 11.22 5.53
C PRO A 89 4.89 9.99 4.99
N PHE A 90 3.58 10.10 4.88
CA PHE A 90 2.76 9.00 4.38
C PHE A 90 2.80 8.94 2.86
N SER A 91 2.78 7.72 2.32
CA SER A 91 2.82 7.52 0.88
C SER A 91 1.59 8.13 0.20
N PRO A 92 1.73 8.46 -1.09
CA PRO A 92 0.64 9.06 -1.87
C PRO A 92 -0.48 8.07 -2.14
N ASP A 93 -1.72 8.53 -1.95
CA ASP A 93 -2.89 7.69 -2.18
C ASP A 93 -2.70 6.81 -3.41
N HIS A 94 -2.45 5.52 -3.19
CA HIS A 94 -2.25 4.58 -4.29
C HIS A 94 -3.59 4.04 -4.78
N GLU A 95 -4.00 4.48 -5.97
CA GLU A 95 -5.27 4.03 -6.55
C GLU A 95 -5.17 2.58 -6.99
N PHE A 96 -5.84 1.70 -6.25
CA PHE A 96 -5.84 0.28 -6.56
C PHE A 96 -7.25 -0.22 -6.82
N ARG A 97 -7.38 -1.15 -7.75
CA ARG A 97 -8.68 -1.72 -8.10
C ARG A 97 -8.63 -3.25 -8.09
N THR A 98 -9.66 -3.86 -7.51
CA THR A 98 -9.74 -5.32 -7.42
C THR A 98 -10.27 -5.91 -8.72
N SER A 99 -9.76 -7.09 -9.07
CA SER A 99 -10.18 -7.77 -10.30
C SER A 99 -11.70 -7.71 -10.47
N PRO A 100 -12.15 -7.53 -11.71
CA PRO A 100 -13.58 -7.46 -12.03
C PRO A 100 -14.29 -8.80 -11.86
N PRO A 101 -15.55 -8.74 -11.41
CA PRO A 101 -16.37 -9.93 -11.19
C PRO A 101 -16.75 -10.63 -12.49
N SER A 102 -17.26 -11.85 -12.37
CA SER A 102 -17.67 -12.62 -13.55
C SER A 102 -16.51 -12.77 -14.53
N GLY A 103 -15.33 -13.07 -14.00
CA GLY A 103 -14.15 -13.24 -14.84
C GLY A 103 -13.55 -11.91 -15.25
N PRO A 104 -12.67 -11.95 -16.26
CA PRO A 104 -12.00 -10.76 -16.77
C PRO A 104 -12.96 -9.83 -17.53
N SER A 105 -13.79 -10.41 -18.38
CA SER A 105 -14.75 -9.64 -19.17
C SER A 105 -15.76 -10.55 -19.83
N SER A 106 -17.04 -10.18 -19.73
CA SER A 106 -18.11 -10.97 -20.33
C SER A 106 -18.99 -10.11 -21.24
N GLY A 107 -19.25 -10.62 -22.44
CA GLY A 107 -20.08 -9.88 -23.38
C GLY A 107 -19.26 -9.28 -24.51
N GLY A 1 11.49 26.78 -8.99
CA GLY A 1 11.12 28.16 -9.22
C GLY A 1 9.97 28.29 -10.21
N SER A 2 8.75 28.28 -9.70
CA SER A 2 7.57 28.41 -10.54
C SER A 2 6.34 28.74 -9.71
N SER A 3 5.31 29.26 -10.37
CA SER A 3 4.07 29.63 -9.69
C SER A 3 3.26 28.39 -9.32
N GLY A 4 3.28 28.04 -8.03
CA GLY A 4 2.55 26.88 -7.57
C GLY A 4 2.92 26.50 -6.14
N SER A 5 2.62 25.25 -5.78
CA SER A 5 2.92 24.76 -4.44
C SER A 5 4.20 23.93 -4.43
N SER A 6 5.33 24.59 -4.22
CA SER A 6 6.62 23.92 -4.20
C SER A 6 6.80 23.13 -2.90
N GLY A 7 7.32 21.92 -3.01
CA GLY A 7 7.54 21.09 -1.84
C GLY A 7 8.35 19.84 -2.15
N ALA A 8 9.33 19.56 -1.31
CA ALA A 8 10.18 18.38 -1.50
C ALA A 8 10.17 17.50 -0.27
N GLU A 9 9.93 16.20 -0.47
CA GLU A 9 9.89 15.25 0.63
C GLU A 9 10.85 14.09 0.37
N SER A 10 11.45 13.57 1.45
CA SER A 10 12.39 12.47 1.34
C SER A 10 11.77 11.17 1.86
N LEU A 11 11.00 10.51 1.01
CA LEU A 11 10.35 9.26 1.38
C LEU A 11 11.08 8.06 0.79
N SER A 12 11.60 7.20 1.66
CA SER A 12 12.32 6.02 1.23
C SER A 12 11.54 5.26 0.15
N GLY A 13 12.23 4.37 -0.55
CA GLY A 13 11.58 3.59 -1.60
C GLY A 13 10.38 2.81 -1.10
N LEU A 14 9.21 3.41 -1.21
CA LEU A 14 7.97 2.77 -0.76
C LEU A 14 6.91 2.81 -1.85
N SER A 15 7.21 2.21 -3.00
CA SER A 15 6.28 2.19 -4.12
C SER A 15 5.36 0.97 -4.04
N LEU A 16 4.19 1.15 -3.46
CA LEU A 16 3.22 0.07 -3.31
C LEU A 16 2.99 -0.63 -4.64
N LYS A 17 3.27 -1.93 -4.68
CA LYS A 17 3.09 -2.73 -5.90
C LYS A 17 2.00 -3.77 -5.70
N LEU A 18 1.13 -3.89 -6.69
CA LEU A 18 0.03 -4.86 -6.64
C LEU A 18 0.50 -6.24 -7.10
N VAL A 19 0.84 -7.10 -6.14
CA VAL A 19 1.29 -8.45 -6.45
C VAL A 19 0.13 -9.40 -6.60
N LYS A 20 -0.86 -9.27 -5.71
CA LYS A 20 -2.03 -10.13 -5.73
C LYS A 20 -3.29 -9.32 -6.06
N LYS A 21 -3.86 -9.58 -7.24
CA LYS A 21 -5.07 -8.88 -7.67
C LYS A 21 -6.28 -9.79 -7.61
N GLU A 22 -6.93 -9.84 -6.45
CA GLU A 22 -8.11 -10.68 -6.27
C GLU A 22 -9.34 -9.83 -5.99
N PRO A 23 -10.53 -10.39 -6.28
CA PRO A 23 -11.81 -9.70 -6.06
C PRO A 23 -12.13 -9.53 -4.58
N ARG A 24 -11.52 -10.36 -3.74
CA ARG A 24 -11.75 -10.30 -2.31
C ARG A 24 -10.43 -10.37 -1.55
N GLN A 25 -9.36 -9.92 -2.19
CA GLN A 25 -8.03 -9.93 -1.57
C GLN A 25 -7.04 -9.11 -2.38
N LEU A 26 -6.03 -8.57 -1.71
CA LEU A 26 -5.01 -7.77 -2.38
C LEU A 26 -3.71 -7.75 -1.58
N GLU A 27 -2.61 -8.10 -2.23
CA GLU A 27 -1.31 -8.12 -1.57
C GLU A 27 -0.39 -7.04 -2.14
N LEU A 28 0.40 -6.43 -1.28
CA LEU A 28 1.33 -5.38 -1.69
C LEU A 28 2.73 -5.63 -1.14
N THR A 29 3.74 -5.13 -1.84
CA THR A 29 5.12 -5.30 -1.42
C THR A 29 5.93 -4.04 -1.67
N TRP A 30 6.58 -3.52 -0.63
CA TRP A 30 7.38 -2.32 -0.75
C TRP A 30 8.80 -2.56 -0.23
N ALA A 31 9.76 -2.66 -1.15
CA ALA A 31 11.15 -2.89 -0.78
C ALA A 31 12.07 -1.90 -1.48
N GLY A 32 13.17 -1.54 -0.82
CA GLY A 32 14.11 -0.60 -1.39
C GLY A 32 15.55 -0.92 -1.00
N SER A 33 16.48 -0.14 -1.54
CA SER A 33 17.90 -0.35 -1.25
C SER A 33 18.15 -0.36 0.25
N ARG A 34 18.65 -1.49 0.75
CA ARG A 34 18.92 -1.64 2.18
C ARG A 34 20.42 -1.48 2.46
N PRO A 35 20.74 -0.69 3.50
CA PRO A 35 22.13 -0.44 3.89
C PRO A 35 22.80 -1.67 4.49
N ARG A 36 24.12 -1.63 4.59
CA ARG A 36 24.88 -2.75 5.14
C ARG A 36 24.36 -3.13 6.52
N ASN A 37 24.19 -2.14 7.39
CA ASN A 37 23.70 -2.37 8.74
C ASN A 37 22.65 -1.33 9.13
N PRO A 38 21.38 -1.75 9.14
CA PRO A 38 20.25 -0.88 9.49
C PRO A 38 20.25 -0.51 10.97
N GLY A 39 20.38 -1.50 11.83
CA GLY A 39 20.40 -1.26 13.25
C GLY A 39 19.02 -0.95 13.80
N GLY A 40 18.42 -1.93 14.49
CA GLY A 40 17.11 -1.74 15.05
C GLY A 40 16.01 -2.28 14.15
N ASN A 41 14.96 -2.83 14.75
CA ASN A 41 13.84 -3.38 13.99
C ASN A 41 12.76 -2.33 13.78
N LEU A 42 12.82 -1.65 12.64
CA LEU A 42 11.83 -0.61 12.32
C LEU A 42 10.49 -1.24 11.97
N SER A 43 9.43 -0.44 12.05
CA SER A 43 8.09 -0.90 11.73
C SER A 43 7.51 -0.14 10.56
N TYR A 44 6.31 -0.53 10.14
CA TYR A 44 5.64 0.12 9.01
C TYR A 44 4.16 0.32 9.30
N GLU A 45 3.67 1.53 9.03
CA GLU A 45 2.27 1.85 9.27
C GLU A 45 1.46 1.76 7.97
N LEU A 46 0.46 0.88 7.97
CA LEU A 46 -0.39 0.70 6.80
C LEU A 46 -1.78 1.29 7.03
N HIS A 47 -2.26 2.06 6.06
CA HIS A 47 -3.57 2.68 6.15
C HIS A 47 -4.35 2.49 4.85
N VAL A 48 -5.41 1.68 4.90
CA VAL A 48 -6.23 1.43 3.73
C VAL A 48 -7.57 2.16 3.83
N LEU A 49 -7.95 2.82 2.74
CA LEU A 49 -9.21 3.56 2.70
C LEU A 49 -10.08 3.10 1.54
N ASN A 50 -11.37 3.42 1.60
CA ASN A 50 -12.31 3.04 0.55
C ASN A 50 -13.44 4.05 0.46
N GLN A 51 -14.40 3.77 -0.43
CA GLN A 51 -15.54 4.65 -0.62
C GLN A 51 -16.18 5.01 0.72
N ASP A 52 -16.63 4.00 1.44
CA ASP A 52 -17.27 4.22 2.74
C ASP A 52 -16.62 3.33 3.81
N GLU A 53 -15.38 2.93 3.55
CA GLU A 53 -14.65 2.07 4.50
C GLU A 53 -13.21 2.55 4.66
N GLU A 54 -12.87 2.99 5.86
CA GLU A 54 -11.53 3.48 6.14
C GLU A 54 -10.94 2.77 7.37
N TRP A 55 -9.87 2.03 7.16
CA TRP A 55 -9.22 1.30 8.24
C TRP A 55 -7.70 1.37 8.11
N HIS A 56 -7.01 1.24 9.24
CA HIS A 56 -5.55 1.30 9.25
C HIS A 56 -4.97 0.27 10.23
N GLN A 57 -3.85 -0.32 9.86
CA GLN A 57 -3.20 -1.31 10.71
C GLN A 57 -1.68 -1.29 10.52
N MET A 58 -0.95 -1.32 11.63
CA MET A 58 0.50 -1.30 11.58
C MET A 58 1.07 -2.69 11.31
N VAL A 59 1.84 -2.81 10.25
CA VAL A 59 2.43 -4.09 9.87
C VAL A 59 3.94 -4.10 10.13
N LEU A 60 4.45 -5.23 10.58
CA LEU A 60 5.88 -5.37 10.86
C LEU A 60 6.60 -6.04 9.70
N GLU A 61 5.97 -6.03 8.53
CA GLU A 61 6.57 -6.64 7.34
C GLU A 61 6.33 -5.75 6.12
N PRO A 62 7.26 -5.83 5.15
CA PRO A 62 7.18 -5.05 3.91
C PRO A 62 6.06 -5.52 3.00
N ARG A 63 5.28 -6.49 3.47
CA ARG A 63 4.17 -7.03 2.71
C ARG A 63 2.91 -7.13 3.56
N VAL A 64 1.78 -6.71 2.98
CA VAL A 64 0.51 -6.75 3.69
C VAL A 64 -0.54 -7.50 2.87
N LEU A 65 -1.29 -8.36 3.54
CA LEU A 65 -2.33 -9.14 2.88
C LEU A 65 -3.72 -8.71 3.36
N LEU A 66 -4.47 -8.05 2.48
CA LEU A 66 -5.81 -7.58 2.83
C LEU A 66 -6.86 -8.59 2.36
N THR A 67 -7.88 -8.78 3.19
CA THR A 67 -8.95 -9.71 2.86
C THR A 67 -10.32 -9.09 3.14
N LYS A 68 -11.38 -9.85 2.83
CA LYS A 68 -12.74 -9.37 3.04
C LYS A 68 -13.00 -8.09 2.25
N LEU A 69 -12.63 -8.11 0.98
CA LEU A 69 -12.82 -6.95 0.11
C LEU A 69 -13.95 -7.20 -0.89
N GLN A 70 -14.38 -6.14 -1.57
CA GLN A 70 -15.44 -6.25 -2.56
C GLN A 70 -14.87 -6.30 -3.98
N PRO A 71 -15.48 -7.12 -4.84
CA PRO A 71 -15.04 -7.28 -6.23
C PRO A 71 -15.33 -6.04 -7.07
N ASP A 72 -14.37 -5.65 -7.89
CA ASP A 72 -14.52 -4.47 -8.75
C ASP A 72 -14.72 -3.21 -7.91
N THR A 73 -13.78 -2.96 -7.00
CA THR A 73 -13.84 -1.79 -6.14
C THR A 73 -12.46 -1.19 -5.92
N THR A 74 -12.38 0.14 -6.01
CA THR A 74 -11.11 0.84 -5.83
C THR A 74 -10.73 0.91 -4.36
N TYR A 75 -9.52 0.45 -4.04
CA TYR A 75 -9.04 0.45 -2.67
C TYR A 75 -7.72 1.22 -2.55
N ILE A 76 -7.72 2.26 -1.72
CA ILE A 76 -6.54 3.08 -1.51
C ILE A 76 -5.69 2.54 -0.37
N VAL A 77 -4.37 2.54 -0.57
CA VAL A 77 -3.44 2.05 0.44
C VAL A 77 -2.20 2.94 0.53
N ARG A 78 -1.63 3.04 1.72
CA ARG A 78 -0.43 3.85 1.93
C ARG A 78 0.38 3.32 3.10
N VAL A 79 1.67 3.09 2.85
CA VAL A 79 2.56 2.58 3.90
C VAL A 79 3.74 3.53 4.11
N ARG A 80 4.19 3.63 5.36
CA ARG A 80 5.31 4.50 5.70
C ARG A 80 6.09 3.94 6.88
N THR A 81 7.37 4.26 6.95
CA THR A 81 8.23 3.79 8.03
C THR A 81 8.11 4.69 9.26
N LEU A 82 8.00 4.06 10.43
CA LEU A 82 7.88 4.80 11.68
C LEU A 82 9.24 5.24 12.19
N THR A 83 9.29 6.40 12.82
CA THR A 83 10.54 6.94 13.37
C THR A 83 10.33 7.50 14.77
N PRO A 84 11.40 7.48 15.57
CA PRO A 84 11.37 7.97 16.95
C PRO A 84 11.23 9.48 17.02
N LEU A 85 11.92 10.18 16.13
CA LEU A 85 11.87 11.64 16.09
C LEU A 85 11.49 12.13 14.70
N GLY A 86 10.20 12.40 14.51
CA GLY A 86 9.73 12.88 13.22
C GLY A 86 9.54 11.76 12.23
N PRO A 87 8.32 11.20 12.18
CA PRO A 87 7.98 10.10 11.27
C PRO A 87 7.93 10.55 9.82
N GLY A 88 8.37 9.68 8.92
CA GLY A 88 8.36 10.01 7.50
C GLY A 88 6.96 10.30 6.98
N PRO A 89 6.89 10.98 5.83
CA PRO A 89 5.61 11.34 5.20
C PRO A 89 4.88 10.13 4.63
N PHE A 90 3.55 10.15 4.72
CA PHE A 90 2.74 9.04 4.22
C PHE A 90 2.74 9.01 2.69
N SER A 91 2.87 7.81 2.13
CA SER A 91 2.88 7.66 0.68
C SER A 91 1.63 8.26 0.05
N PRO A 92 1.75 8.67 -1.22
CA PRO A 92 0.64 9.27 -1.97
C PRO A 92 -0.46 8.25 -2.29
N ASP A 93 -1.71 8.64 -2.05
CA ASP A 93 -2.84 7.77 -2.31
C ASP A 93 -2.62 6.97 -3.59
N HIS A 94 -2.42 5.67 -3.44
CA HIS A 94 -2.20 4.78 -4.59
C HIS A 94 -3.52 4.19 -5.08
N GLU A 95 -3.99 4.68 -6.23
CA GLU A 95 -5.24 4.20 -6.80
C GLU A 95 -5.11 2.76 -7.28
N PHE A 96 -5.76 1.84 -6.56
CA PHE A 96 -5.71 0.42 -6.90
C PHE A 96 -7.11 -0.10 -7.22
N ARG A 97 -7.16 -1.11 -8.08
CA ARG A 97 -8.43 -1.71 -8.47
C ARG A 97 -8.39 -3.23 -8.31
N THR A 98 -9.31 -3.76 -7.52
CA THR A 98 -9.38 -5.20 -7.29
C THR A 98 -9.82 -5.95 -8.55
N SER A 99 -9.66 -7.27 -8.54
CA SER A 99 -10.03 -8.08 -9.68
C SER A 99 -11.54 -8.04 -9.91
N PRO A 100 -11.94 -7.82 -11.17
CA PRO A 100 -13.36 -7.75 -11.55
C PRO A 100 -14.05 -9.10 -11.46
N PRO A 101 -15.35 -9.08 -11.13
CA PRO A 101 -16.16 -10.30 -11.00
C PRO A 101 -16.41 -10.96 -12.35
N SER A 102 -16.94 -12.17 -12.31
CA SER A 102 -17.24 -12.92 -13.53
C SER A 102 -18.14 -12.13 -14.45
N GLY A 103 -17.73 -11.96 -15.70
CA GLY A 103 -18.51 -11.22 -16.66
C GLY A 103 -19.62 -12.05 -17.28
N PRO A 104 -20.46 -11.42 -18.11
CA PRO A 104 -21.57 -12.09 -18.78
C PRO A 104 -21.11 -13.09 -19.84
N SER A 105 -20.82 -14.31 -19.40
CA SER A 105 -20.36 -15.36 -20.31
C SER A 105 -21.27 -16.57 -20.26
N SER A 106 -21.32 -17.22 -19.10
CA SER A 106 -22.16 -18.40 -18.91
C SER A 106 -23.53 -18.19 -19.53
N GLY A 107 -24.24 -17.18 -19.06
CA GLY A 107 -25.57 -16.88 -19.57
C GLY A 107 -26.11 -15.56 -19.08
N GLY A 1 10.31 2.95 -10.74
CA GLY A 1 9.05 2.70 -11.42
C GLY A 1 8.68 3.82 -12.38
N SER A 2 7.63 4.57 -12.04
CA SER A 2 7.17 5.67 -12.88
C SER A 2 8.01 6.92 -12.63
N SER A 3 7.97 7.85 -13.59
CA SER A 3 8.72 9.09 -13.47
C SER A 3 7.84 10.22 -12.94
N GLY A 4 8.47 11.22 -12.35
CA GLY A 4 7.73 12.34 -11.81
C GLY A 4 8.63 13.40 -11.21
N SER A 5 8.20 14.66 -11.27
CA SER A 5 8.97 15.77 -10.73
C SER A 5 8.16 16.57 -9.73
N SER A 6 6.98 17.01 -10.15
CA SER A 6 6.10 17.80 -9.29
C SER A 6 5.00 16.92 -8.70
N GLY A 7 4.85 16.98 -7.37
CA GLY A 7 3.84 16.19 -6.70
C GLY A 7 4.33 14.81 -6.35
N ALA A 8 4.54 13.98 -7.37
CA ALA A 8 5.01 12.61 -7.16
C ALA A 8 6.51 12.49 -7.48
N GLU A 9 7.34 12.96 -6.55
CA GLU A 9 8.78 12.91 -6.74
C GLU A 9 9.37 11.69 -6.03
N SER A 10 10.69 11.55 -6.10
CA SER A 10 11.38 10.42 -5.48
C SER A 10 10.78 10.11 -4.12
N LEU A 11 10.53 8.82 -3.88
CA LEU A 11 9.95 8.38 -2.61
C LEU A 11 11.02 7.75 -1.72
N SER A 12 10.66 7.51 -0.46
CA SER A 12 11.58 6.90 0.50
C SER A 12 11.57 5.38 0.38
N GLY A 13 11.78 4.88 -0.83
CA GLY A 13 11.78 3.44 -1.06
C GLY A 13 10.56 2.77 -0.48
N LEU A 14 9.42 3.44 -0.56
CA LEU A 14 8.17 2.90 -0.04
C LEU A 14 7.05 3.00 -1.07
N SER A 15 7.30 2.48 -2.27
CA SER A 15 6.33 2.51 -3.35
C SER A 15 5.49 1.24 -3.35
N LEU A 16 4.21 1.38 -3.04
CA LEU A 16 3.30 0.24 -3.02
C LEU A 16 3.15 -0.37 -4.40
N LYS A 17 2.97 -1.69 -4.45
CA LYS A 17 2.82 -2.40 -5.71
C LYS A 17 1.74 -3.47 -5.61
N LEU A 18 1.10 -3.77 -6.74
CA LEU A 18 0.03 -4.77 -6.78
C LEU A 18 0.61 -6.15 -7.03
N VAL A 19 0.80 -6.92 -5.96
CA VAL A 19 1.34 -8.27 -6.07
C VAL A 19 0.34 -9.21 -6.73
N LYS A 20 -0.83 -9.34 -6.10
CA LYS A 20 -1.88 -10.21 -6.62
C LYS A 20 -3.24 -9.52 -6.55
N LYS A 21 -3.94 -9.46 -7.68
CA LYS A 21 -5.25 -8.83 -7.74
C LYS A 21 -6.35 -9.86 -7.56
N GLU A 22 -7.21 -9.64 -6.56
CA GLU A 22 -8.31 -10.56 -6.28
C GLU A 22 -9.58 -9.78 -5.93
N PRO A 23 -10.74 -10.44 -6.11
CA PRO A 23 -12.04 -9.84 -5.81
C PRO A 23 -12.26 -9.64 -4.31
N ARG A 24 -11.84 -10.64 -3.53
CA ARG A 24 -12.01 -10.58 -2.08
C ARG A 24 -10.65 -10.63 -1.39
N GLN A 25 -9.61 -10.14 -2.07
CA GLN A 25 -8.27 -10.14 -1.51
C GLN A 25 -7.37 -9.16 -2.27
N LEU A 26 -6.34 -8.65 -1.60
CA LEU A 26 -5.42 -7.72 -2.21
C LEU A 26 -4.04 -7.82 -1.56
N GLU A 27 -3.04 -8.24 -2.34
CA GLU A 27 -1.68 -8.38 -1.84
C GLU A 27 -0.79 -7.27 -2.40
N LEU A 28 0.13 -6.78 -1.57
CA LEU A 28 1.04 -5.73 -1.98
C LEU A 28 2.39 -5.88 -1.27
N THR A 29 3.42 -5.25 -1.83
CA THR A 29 4.75 -5.30 -1.26
C THR A 29 5.58 -4.08 -1.64
N TRP A 30 6.32 -3.54 -0.68
CA TRP A 30 7.15 -2.37 -0.92
C TRP A 30 8.58 -2.60 -0.46
N ALA A 31 9.49 -2.77 -1.41
CA ALA A 31 10.89 -3.00 -1.09
C ALA A 31 11.80 -2.41 -2.16
N GLY A 32 12.98 -1.96 -1.74
CA GLY A 32 13.92 -1.38 -2.68
C GLY A 32 15.08 -0.70 -1.98
N SER A 33 15.20 0.61 -2.19
CA SER A 33 16.29 1.38 -1.57
C SER A 33 16.52 0.93 -0.14
N ARG A 34 17.76 1.11 0.32
CA ARG A 34 18.13 0.73 1.68
C ARG A 34 19.39 1.46 2.14
N PRO A 35 19.42 1.82 3.43
CA PRO A 35 20.55 2.53 4.02
C PRO A 35 21.80 1.66 4.14
N ARG A 36 22.90 2.26 4.57
CA ARG A 36 24.16 1.52 4.71
C ARG A 36 24.03 0.44 5.77
N ASN A 37 23.31 0.73 6.84
CA ASN A 37 23.11 -0.21 7.93
C ASN A 37 21.63 -0.42 8.21
N PRO A 38 21.26 -1.66 8.55
CA PRO A 38 19.87 -2.02 8.86
C PRO A 38 19.38 -1.40 10.17
N GLY A 39 20.32 -1.21 11.11
CA GLY A 39 19.97 -0.63 12.39
C GLY A 39 19.18 -1.60 13.26
N GLY A 40 18.19 -1.07 13.97
CA GLY A 40 17.38 -1.91 14.84
C GLY A 40 16.09 -2.35 14.18
N ASN A 41 15.22 -2.99 14.95
CA ASN A 41 13.94 -3.47 14.44
C ASN A 41 12.95 -2.31 14.29
N LEU A 42 12.59 -2.00 13.05
CA LEU A 42 11.65 -0.93 12.78
C LEU A 42 10.28 -1.49 12.42
N SER A 43 9.30 -0.59 12.27
CA SER A 43 7.94 -0.99 11.92
C SER A 43 7.43 -0.20 10.72
N TYR A 44 6.17 -0.44 10.36
CA TYR A 44 5.56 0.24 9.23
C TYR A 44 4.09 0.51 9.48
N GLU A 45 3.64 1.71 9.14
CA GLU A 45 2.24 2.09 9.34
C GLU A 45 1.45 1.96 8.03
N LEU A 46 0.43 1.12 8.04
CA LEU A 46 -0.40 0.90 6.86
C LEU A 46 -1.80 1.47 7.07
N HIS A 47 -2.27 2.25 6.11
CA HIS A 47 -3.59 2.85 6.18
C HIS A 47 -4.36 2.63 4.88
N VAL A 48 -5.34 1.73 4.92
CA VAL A 48 -6.15 1.42 3.76
C VAL A 48 -7.48 2.15 3.80
N LEU A 49 -7.91 2.68 2.66
CA LEU A 49 -9.16 3.41 2.57
C LEU A 49 -10.06 2.82 1.48
N ASN A 50 -11.35 3.13 1.55
CA ASN A 50 -12.31 2.63 0.57
C ASN A 50 -13.46 3.61 0.40
N GLN A 51 -14.28 3.39 -0.63
CA GLN A 51 -15.42 4.25 -0.90
C GLN A 51 -16.03 4.78 0.38
N ASP A 52 -16.57 3.88 1.19
CA ASP A 52 -17.17 4.25 2.46
C ASP A 52 -16.64 3.40 3.61
N GLU A 53 -15.42 2.88 3.43
CA GLU A 53 -14.79 2.05 4.44
C GLU A 53 -13.31 2.35 4.56
N GLU A 54 -12.91 2.86 5.73
CA GLU A 54 -11.51 3.19 5.97
C GLU A 54 -10.97 2.44 7.19
N TRP A 55 -9.84 1.76 7.00
CA TRP A 55 -9.23 1.00 8.07
C TRP A 55 -7.70 1.00 7.93
N HIS A 56 -7.00 1.10 9.06
CA HIS A 56 -5.55 1.11 9.06
C HIS A 56 -5.00 0.06 10.03
N GLN A 57 -3.80 -0.43 9.74
CA GLN A 57 -3.16 -1.43 10.60
C GLN A 57 -1.65 -1.32 10.53
N MET A 58 -1.01 -1.38 11.70
CA MET A 58 0.45 -1.28 11.78
C MET A 58 1.10 -2.63 11.48
N VAL A 59 1.92 -2.68 10.44
CA VAL A 59 2.60 -3.90 10.05
C VAL A 59 4.11 -3.76 10.21
N LEU A 60 4.76 -4.84 10.63
CA LEU A 60 6.21 -4.84 10.83
C LEU A 60 6.93 -5.26 9.55
N GLU A 61 6.23 -6.00 8.71
CA GLU A 61 6.80 -6.46 7.45
C GLU A 61 6.53 -5.46 6.32
N PRO A 62 7.42 -5.44 5.32
CA PRO A 62 7.29 -4.54 4.17
C PRO A 62 6.13 -4.92 3.27
N ARG A 63 5.37 -5.94 3.66
CA ARG A 63 4.23 -6.39 2.89
C ARG A 63 2.96 -6.38 3.73
N VAL A 64 1.82 -6.50 3.07
CA VAL A 64 0.53 -6.51 3.76
C VAL A 64 -0.51 -7.32 2.98
N LEU A 65 -1.24 -8.16 3.70
CA LEU A 65 -2.27 -9.00 3.08
C LEU A 65 -3.66 -8.51 3.46
N LEU A 66 -4.35 -7.90 2.50
CA LEU A 66 -5.70 -7.40 2.74
C LEU A 66 -6.75 -8.43 2.33
N THR A 67 -7.69 -8.70 3.23
CA THR A 67 -8.75 -9.66 2.97
C THR A 67 -10.12 -9.08 3.31
N LYS A 68 -11.17 -9.83 2.99
CA LYS A 68 -12.53 -9.39 3.26
C LYS A 68 -12.85 -8.10 2.51
N LEU A 69 -12.43 -8.04 1.25
CA LEU A 69 -12.68 -6.87 0.43
C LEU A 69 -13.89 -7.08 -0.48
N GLN A 70 -14.17 -6.09 -1.32
CA GLN A 70 -15.30 -6.16 -2.24
C GLN A 70 -14.82 -6.28 -3.68
N PRO A 71 -15.53 -7.08 -4.48
CA PRO A 71 -15.20 -7.29 -5.90
C PRO A 71 -15.46 -6.05 -6.74
N ASP A 72 -14.51 -5.72 -7.60
CA ASP A 72 -14.63 -4.56 -8.48
C ASP A 72 -14.76 -3.28 -7.65
N THR A 73 -13.85 -3.09 -6.71
CA THR A 73 -13.88 -1.91 -5.86
C THR A 73 -12.48 -1.32 -5.70
N THR A 74 -12.40 0.01 -5.77
CA THR A 74 -11.12 0.69 -5.64
C THR A 74 -10.71 0.84 -4.17
N TYR A 75 -9.52 0.36 -3.84
CA TYR A 75 -9.02 0.43 -2.48
C TYR A 75 -7.68 1.17 -2.42
N ILE A 76 -7.62 2.21 -1.59
CA ILE A 76 -6.40 2.99 -1.44
C ILE A 76 -5.51 2.43 -0.35
N VAL A 77 -4.21 2.43 -0.58
CA VAL A 77 -3.25 1.92 0.40
C VAL A 77 -2.04 2.84 0.50
N ARG A 78 -1.44 2.90 1.68
CA ARG A 78 -0.28 3.73 1.92
C ARG A 78 0.52 3.24 3.12
N VAL A 79 1.81 3.00 2.91
CA VAL A 79 2.69 2.52 3.98
C VAL A 79 3.82 3.51 4.25
N ARG A 80 4.24 3.57 5.51
CA ARG A 80 5.32 4.48 5.90
C ARG A 80 6.32 3.77 6.80
N THR A 81 7.43 4.45 7.09
CA THR A 81 8.47 3.88 7.94
C THR A 81 8.57 4.63 9.26
N LEU A 82 8.09 4.01 10.33
CA LEU A 82 8.12 4.62 11.65
C LEU A 82 9.55 5.01 12.03
N THR A 83 9.68 6.12 12.76
CA THR A 83 10.98 6.61 13.20
C THR A 83 10.87 7.40 14.49
N PRO A 84 11.97 7.43 15.25
CA PRO A 84 12.02 8.15 16.53
C PRO A 84 11.99 9.67 16.35
N LEU A 85 12.59 10.13 15.25
CA LEU A 85 12.63 11.56 14.96
C LEU A 85 12.06 11.85 13.56
N GLY A 86 10.77 12.16 13.51
CA GLY A 86 10.13 12.45 12.25
C GLY A 86 9.88 11.21 11.42
N PRO A 87 8.63 10.71 11.45
CA PRO A 87 8.25 9.51 10.71
C PRO A 87 8.22 9.74 9.21
N GLY A 88 8.31 8.66 8.44
CA GLY A 88 8.31 8.77 6.99
C GLY A 88 7.00 9.35 6.47
N PRO A 89 7.07 10.04 5.33
CA PRO A 89 5.89 10.65 4.70
C PRO A 89 4.93 9.62 4.12
N PHE A 90 3.69 9.67 4.57
CA PHE A 90 2.67 8.73 4.10
C PHE A 90 2.61 8.72 2.58
N SER A 91 3.05 7.61 1.98
CA SER A 91 3.05 7.46 0.53
C SER A 91 1.81 8.10 -0.08
N PRO A 92 1.90 8.49 -1.36
CA PRO A 92 0.79 9.11 -2.08
C PRO A 92 -0.34 8.14 -2.36
N ASP A 93 -1.58 8.59 -2.16
CA ASP A 93 -2.74 7.75 -2.40
C ASP A 93 -2.56 6.89 -3.64
N HIS A 94 -2.29 5.61 -3.43
CA HIS A 94 -2.09 4.68 -4.53
C HIS A 94 -3.42 4.05 -4.95
N GLU A 95 -3.95 4.49 -6.09
CA GLU A 95 -5.21 3.97 -6.60
C GLU A 95 -5.05 2.53 -7.05
N PHE A 96 -5.86 1.64 -6.48
CA PHE A 96 -5.82 0.23 -6.82
C PHE A 96 -7.22 -0.33 -7.05
N ARG A 97 -7.34 -1.27 -7.97
CA ARG A 97 -8.62 -1.87 -8.29
C ARG A 97 -8.57 -3.39 -8.14
N THR A 98 -9.57 -3.96 -7.47
CA THR A 98 -9.62 -5.40 -7.26
C THR A 98 -10.14 -6.12 -8.49
N SER A 99 -9.97 -7.44 -8.53
CA SER A 99 -10.42 -8.25 -9.65
C SER A 99 -11.94 -8.20 -9.77
N PRO A 100 -12.43 -8.17 -11.02
CA PRO A 100 -13.86 -8.13 -11.30
C PRO A 100 -14.57 -9.45 -10.95
N PRO A 101 -15.83 -9.35 -10.53
CA PRO A 101 -16.64 -10.51 -10.16
C PRO A 101 -17.00 -11.37 -11.36
N SER A 102 -16.79 -10.83 -12.55
CA SER A 102 -17.10 -11.54 -13.79
C SER A 102 -15.84 -12.09 -14.43
N GLY A 103 -14.86 -11.21 -14.64
CA GLY A 103 -13.61 -11.62 -15.26
C GLY A 103 -13.03 -12.87 -14.62
N PRO A 104 -12.79 -13.90 -15.44
CA PRO A 104 -12.23 -15.17 -14.97
C PRO A 104 -10.78 -15.05 -14.53
N SER A 105 -9.97 -14.36 -15.34
CA SER A 105 -8.56 -14.17 -15.04
C SER A 105 -8.12 -12.76 -15.43
N SER A 106 -7.22 -12.19 -14.61
CA SER A 106 -6.72 -10.84 -14.87
C SER A 106 -5.79 -10.83 -16.08
N GLY A 107 -4.84 -11.76 -16.09
CA GLY A 107 -3.90 -11.84 -17.20
C GLY A 107 -2.46 -11.68 -16.76
N GLY A 1 -14.80 19.63 -1.03
CA GLY A 1 -13.38 19.73 -0.72
C GLY A 1 -12.73 20.92 -1.38
N SER A 2 -11.40 20.93 -1.38
CA SER A 2 -10.64 22.02 -1.99
C SER A 2 -9.99 21.58 -3.30
N SER A 3 -9.29 20.45 -3.24
CA SER A 3 -8.62 19.91 -4.41
C SER A 3 -7.75 20.97 -5.08
N GLY A 4 -7.05 21.75 -4.26
CA GLY A 4 -6.19 22.81 -4.79
C GLY A 4 -4.97 22.25 -5.50
N SER A 5 -3.84 22.95 -5.38
CA SER A 5 -2.61 22.53 -6.02
C SER A 5 -1.67 21.89 -5.01
N SER A 6 -1.41 20.60 -5.18
CA SER A 6 -0.53 19.86 -4.29
C SER A 6 0.37 18.91 -5.07
N GLY A 7 1.68 19.07 -4.92
CA GLY A 7 2.62 18.22 -5.62
C GLY A 7 3.96 18.15 -4.92
N ALA A 8 3.95 17.77 -3.65
CA ALA A 8 5.17 17.65 -2.87
C ALA A 8 5.37 16.23 -2.35
N GLU A 9 5.86 15.35 -3.23
CA GLU A 9 6.09 13.96 -2.86
C GLU A 9 7.58 13.64 -2.86
N SER A 10 8.21 13.75 -1.70
CA SER A 10 9.64 13.48 -1.57
C SER A 10 9.88 12.10 -0.95
N LEU A 11 9.08 11.13 -1.38
CA LEU A 11 9.20 9.77 -0.86
C LEU A 11 10.62 9.26 -1.00
N SER A 12 11.08 8.52 0.01
CA SER A 12 12.44 7.98 0.00
C SER A 12 12.53 6.75 -0.91
N GLY A 13 11.62 5.80 -0.70
CA GLY A 13 11.62 4.59 -1.51
C GLY A 13 10.54 3.62 -1.09
N LEU A 14 9.31 4.13 -0.94
CA LEU A 14 8.19 3.29 -0.54
C LEU A 14 7.07 3.35 -1.57
N SER A 15 7.35 2.86 -2.77
CA SER A 15 6.37 2.86 -3.85
C SER A 15 5.50 1.60 -3.80
N LEU A 16 4.27 1.76 -3.34
CA LEU A 16 3.34 0.64 -3.24
C LEU A 16 3.30 -0.15 -4.55
N LYS A 17 3.60 -1.44 -4.47
CA LYS A 17 3.59 -2.30 -5.64
C LYS A 17 2.47 -3.32 -5.56
N LEU A 18 1.82 -3.59 -6.69
CA LEU A 18 0.73 -4.54 -6.75
C LEU A 18 1.23 -5.92 -7.16
N VAL A 19 1.55 -6.75 -6.18
CA VAL A 19 2.05 -8.10 -6.45
C VAL A 19 0.96 -8.97 -7.06
N LYS A 20 -0.16 -9.11 -6.34
CA LYS A 20 -1.28 -9.91 -6.81
C LYS A 20 -2.59 -9.38 -6.26
N LYS A 21 -3.45 -8.89 -7.14
CA LYS A 21 -4.74 -8.36 -6.74
C LYS A 21 -5.84 -9.41 -6.87
N GLU A 22 -6.76 -9.42 -5.90
CA GLU A 22 -7.84 -10.39 -5.90
C GLU A 22 -9.19 -9.70 -5.69
N PRO A 23 -10.27 -10.40 -6.04
CA PRO A 23 -11.64 -9.87 -5.89
C PRO A 23 -12.07 -9.75 -4.44
N ARG A 24 -11.41 -10.52 -3.57
CA ARG A 24 -11.73 -10.50 -2.14
C ARG A 24 -10.46 -10.34 -1.31
N GLN A 25 -9.30 -10.34 -1.98
CA GLN A 25 -8.02 -10.20 -1.31
C GLN A 25 -7.09 -9.28 -2.08
N LEU A 26 -5.98 -8.90 -1.46
CA LEU A 26 -5.01 -8.02 -2.09
C LEU A 26 -3.63 -8.19 -1.46
N GLU A 27 -2.67 -8.65 -2.25
CA GLU A 27 -1.32 -8.85 -1.77
C GLU A 27 -0.36 -7.81 -2.36
N LEU A 28 0.16 -6.95 -1.48
CA LEU A 28 1.07 -5.90 -1.92
C LEU A 28 2.42 -6.03 -1.20
N THR A 29 3.44 -5.38 -1.76
CA THR A 29 4.78 -5.43 -1.18
C THR A 29 5.58 -4.19 -1.56
N TRP A 30 6.10 -3.50 -0.55
CA TRP A 30 6.90 -2.29 -0.77
C TRP A 30 8.35 -2.52 -0.38
N ALA A 31 9.21 -2.64 -1.38
CA ALA A 31 10.64 -2.86 -1.14
C ALA A 31 11.49 -1.92 -2.00
N GLY A 32 12.54 -1.37 -1.38
CA GLY A 32 13.41 -0.45 -2.11
C GLY A 32 14.33 0.32 -1.18
N SER A 33 15.34 -0.36 -0.64
CA SER A 33 16.29 0.27 0.27
C SER A 33 17.60 -0.52 0.32
N ARG A 34 18.70 0.21 0.49
CA ARG A 34 20.02 -0.42 0.54
C ARG A 34 20.16 -1.26 1.81
N PRO A 35 20.81 -2.42 1.67
CA PRO A 35 21.03 -3.35 2.79
C PRO A 35 22.03 -2.80 3.81
N ARG A 36 22.52 -1.59 3.55
CA ARG A 36 23.49 -0.94 4.44
C ARG A 36 22.85 -0.64 5.80
N ASN A 37 22.88 -1.64 6.69
CA ASN A 37 22.31 -1.47 8.02
C ASN A 37 22.89 -2.50 8.99
N PRO A 38 23.59 -2.01 10.02
CA PRO A 38 24.21 -2.87 11.03
C PRO A 38 23.18 -3.55 11.93
N GLY A 39 21.90 -3.29 11.65
CA GLY A 39 20.84 -3.89 12.44
C GLY A 39 19.69 -4.37 11.58
N GLY A 40 18.70 -3.51 11.36
CA GLY A 40 17.55 -3.89 10.56
C GLY A 40 16.31 -4.13 11.39
N ASN A 41 15.94 -3.15 12.20
CA ASN A 41 14.77 -3.26 13.07
C ASN A 41 13.86 -2.05 12.90
N LEU A 42 12.89 -2.15 12.01
CA LEU A 42 11.95 -1.06 11.76
C LEU A 42 10.56 -1.60 11.46
N SER A 43 9.55 -0.74 11.65
CA SER A 43 8.17 -1.13 11.40
C SER A 43 7.57 -0.30 10.27
N TYR A 44 6.33 -0.63 9.89
CA TYR A 44 5.65 0.08 8.82
C TYR A 44 4.18 0.28 9.16
N GLU A 45 3.68 1.49 8.92
CA GLU A 45 2.27 1.80 9.19
C GLU A 45 1.44 1.73 7.93
N LEU A 46 0.39 0.91 7.95
CA LEU A 46 -0.49 0.75 6.81
C LEU A 46 -1.85 1.37 7.07
N HIS A 47 -2.36 2.11 6.09
CA HIS A 47 -3.65 2.77 6.21
C HIS A 47 -4.46 2.62 4.94
N VAL A 48 -5.56 1.88 5.01
CA VAL A 48 -6.42 1.66 3.85
C VAL A 48 -7.71 2.47 3.97
N LEU A 49 -8.10 3.12 2.88
CA LEU A 49 -9.32 3.92 2.86
C LEU A 49 -10.29 3.41 1.81
N ASN A 50 -11.48 2.99 2.25
CA ASN A 50 -12.50 2.48 1.35
C ASN A 50 -13.42 3.60 0.89
N GLN A 51 -14.27 3.30 -0.10
CA GLN A 51 -15.22 4.28 -0.63
C GLN A 51 -15.85 5.09 0.50
N ASP A 52 -16.71 4.44 1.27
CA ASP A 52 -17.39 5.10 2.38
C ASP A 52 -16.92 4.54 3.71
N GLU A 53 -15.69 4.02 3.73
CA GLU A 53 -15.12 3.45 4.94
C GLU A 53 -13.62 3.71 5.01
N GLU A 54 -13.06 3.62 6.22
CA GLU A 54 -11.63 3.84 6.41
C GLU A 54 -11.11 2.99 7.57
N TRP A 55 -10.02 2.27 7.31
CA TRP A 55 -9.42 1.41 8.32
C TRP A 55 -7.91 1.31 8.13
N HIS A 56 -7.16 1.33 9.22
CA HIS A 56 -5.71 1.24 9.17
C HIS A 56 -5.20 0.10 10.05
N GLN A 57 -3.99 -0.36 9.77
CA GLN A 57 -3.39 -1.44 10.54
C GLN A 57 -1.86 -1.42 10.42
N MET A 58 -1.19 -1.34 11.57
CA MET A 58 0.26 -1.31 11.59
C MET A 58 0.84 -2.68 11.28
N VAL A 59 1.80 -2.73 10.36
CA VAL A 59 2.43 -3.98 9.97
C VAL A 59 3.94 -3.91 10.17
N LEU A 60 4.56 -5.08 10.33
CA LEU A 60 6.01 -5.16 10.53
C LEU A 60 6.72 -5.54 9.24
N GLU A 61 6.06 -6.37 8.42
CA GLU A 61 6.63 -6.81 7.16
C GLU A 61 6.33 -5.81 6.05
N PRO A 62 7.20 -5.80 5.03
CA PRO A 62 7.06 -4.89 3.88
C PRO A 62 5.87 -5.25 3.00
N ARG A 63 5.10 -6.26 3.43
CA ARG A 63 3.94 -6.69 2.67
C ARG A 63 2.72 -6.78 3.58
N VAL A 64 1.55 -6.51 3.01
CA VAL A 64 0.30 -6.56 3.76
C VAL A 64 -0.75 -7.41 3.05
N LEU A 65 -1.44 -8.25 3.80
CA LEU A 65 -2.46 -9.13 3.25
C LEU A 65 -3.85 -8.69 3.70
N LEU A 66 -4.58 -8.04 2.81
CA LEU A 66 -5.93 -7.57 3.12
C LEU A 66 -6.98 -8.54 2.58
N THR A 67 -7.82 -9.05 3.48
CA THR A 67 -8.87 -9.99 3.10
C THR A 67 -10.25 -9.41 3.37
N LYS A 68 -11.28 -10.20 3.09
CA LYS A 68 -12.66 -9.77 3.32
C LYS A 68 -12.94 -8.47 2.57
N LEU A 69 -12.53 -8.41 1.31
CA LEU A 69 -12.74 -7.22 0.50
C LEU A 69 -13.84 -7.44 -0.53
N GLN A 70 -14.06 -6.46 -1.40
CA GLN A 70 -15.08 -6.56 -2.43
C GLN A 70 -14.47 -6.46 -3.82
N PRO A 71 -15.01 -7.25 -4.76
CA PRO A 71 -14.53 -7.26 -6.15
C PRO A 71 -14.86 -5.97 -6.89
N ASP A 72 -14.08 -5.68 -7.93
CA ASP A 72 -14.29 -4.48 -8.72
C ASP A 72 -14.53 -3.26 -7.82
N THR A 73 -13.63 -3.05 -6.87
CA THR A 73 -13.74 -1.93 -5.94
C THR A 73 -12.42 -1.18 -5.82
N THR A 74 -12.49 0.14 -5.81
CA THR A 74 -11.30 0.97 -5.69
C THR A 74 -10.89 1.15 -4.23
N TYR A 75 -9.68 0.70 -3.90
CA TYR A 75 -9.17 0.80 -2.54
C TYR A 75 -7.87 1.60 -2.50
N ILE A 76 -7.75 2.48 -1.52
CA ILE A 76 -6.56 3.30 -1.37
C ILE A 76 -5.65 2.75 -0.28
N VAL A 77 -4.39 2.52 -0.62
CA VAL A 77 -3.41 2.01 0.32
C VAL A 77 -2.23 2.95 0.47
N ARG A 78 -1.71 3.05 1.68
CA ARG A 78 -0.58 3.94 1.96
C ARG A 78 0.29 3.37 3.09
N VAL A 79 1.56 3.17 2.80
CA VAL A 79 2.50 2.63 3.79
C VAL A 79 3.69 3.56 3.97
N ARG A 80 4.17 3.67 5.20
CA ARG A 80 5.30 4.51 5.52
C ARG A 80 6.14 3.92 6.65
N THR A 81 7.45 4.11 6.58
CA THR A 81 8.36 3.59 7.59
C THR A 81 8.24 4.38 8.90
N LEU A 82 7.98 3.67 9.99
CA LEU A 82 7.84 4.30 11.29
C LEU A 82 9.21 4.45 11.98
N THR A 83 9.43 5.59 12.60
CA THR A 83 10.68 5.85 13.30
C THR A 83 10.44 6.50 14.66
N PRO A 84 11.37 6.26 15.60
CA PRO A 84 11.27 6.81 16.96
C PRO A 84 11.48 8.33 16.98
N LEU A 85 12.35 8.82 16.10
CA LEU A 85 12.63 10.25 16.03
C LEU A 85 12.42 10.77 14.61
N GLY A 86 11.22 11.26 14.35
CA GLY A 86 10.91 11.78 13.02
C GLY A 86 10.45 10.71 12.07
N PRO A 87 9.21 10.24 12.23
CA PRO A 87 8.62 9.20 11.38
C PRO A 87 8.36 9.70 9.96
N GLY A 88 8.70 8.87 8.97
CA GLY A 88 8.50 9.24 7.59
C GLY A 88 7.05 9.59 7.29
N PRO A 89 6.84 10.36 6.21
CA PRO A 89 5.49 10.78 5.80
C PRO A 89 4.66 9.62 5.27
N PHE A 90 3.37 9.86 5.08
CA PHE A 90 2.46 8.83 4.57
C PHE A 90 2.45 8.82 3.05
N SER A 91 2.79 7.66 2.47
CA SER A 91 2.83 7.51 1.03
C SER A 91 1.60 8.16 0.39
N PRO A 92 1.75 8.56 -0.89
CA PRO A 92 0.66 9.18 -1.64
C PRO A 92 -0.47 8.22 -1.96
N ASP A 93 -1.70 8.67 -1.75
CA ASP A 93 -2.88 7.85 -2.02
C ASP A 93 -2.69 7.03 -3.30
N HIS A 94 -2.54 5.72 -3.15
CA HIS A 94 -2.35 4.84 -4.30
C HIS A 94 -3.69 4.23 -4.74
N GLU A 95 -4.18 4.67 -5.89
CA GLU A 95 -5.44 4.18 -6.42
C GLU A 95 -5.29 2.74 -6.92
N PHE A 96 -5.92 1.81 -6.22
CA PHE A 96 -5.86 0.39 -6.59
C PHE A 96 -7.24 -0.14 -6.94
N ARG A 97 -7.28 -1.23 -7.69
CA ARG A 97 -8.54 -1.84 -8.08
C ARG A 97 -8.47 -3.36 -7.98
N THR A 98 -9.45 -3.95 -7.29
CA THR A 98 -9.50 -5.39 -7.10
C THR A 98 -9.90 -6.09 -8.39
N SER A 99 -9.89 -7.42 -8.36
CA SER A 99 -10.26 -8.21 -9.53
C SER A 99 -11.77 -8.23 -9.72
N PRO A 100 -12.21 -8.13 -10.98
CA PRO A 100 -13.64 -8.13 -11.33
C PRO A 100 -14.29 -9.49 -11.11
N PRO A 101 -15.58 -9.48 -10.75
CA PRO A 101 -16.34 -10.70 -10.50
C PRO A 101 -16.60 -11.50 -11.78
N SER A 102 -17.11 -10.81 -12.80
CA SER A 102 -17.41 -11.45 -14.08
C SER A 102 -16.21 -11.37 -15.02
N GLY A 103 -16.19 -12.24 -16.02
CA GLY A 103 -15.09 -12.25 -16.97
C GLY A 103 -15.36 -13.18 -18.14
N PRO A 104 -15.96 -12.63 -19.21
CA PRO A 104 -16.27 -13.40 -20.41
C PRO A 104 -15.03 -13.81 -21.20
N SER A 105 -14.14 -12.83 -21.43
CA SER A 105 -12.90 -13.09 -22.16
C SER A 105 -11.97 -13.98 -21.36
N SER A 106 -11.67 -13.56 -20.13
CA SER A 106 -10.78 -14.31 -19.26
C SER A 106 -11.51 -15.49 -18.62
N GLY A 107 -11.02 -16.70 -18.88
CA GLY A 107 -11.64 -17.89 -18.33
C GLY A 107 -12.20 -18.80 -19.41
N GLY A 1 -11.76 11.32 -11.08
CA GLY A 1 -10.55 10.86 -10.41
C GLY A 1 -9.93 11.94 -9.54
N SER A 2 -8.71 12.34 -9.88
CA SER A 2 -8.00 13.36 -9.12
C SER A 2 -7.10 14.19 -10.02
N SER A 3 -7.01 15.49 -9.73
CA SER A 3 -6.19 16.40 -10.53
C SER A 3 -4.74 16.34 -10.07
N GLY A 4 -3.82 16.59 -11.00
CA GLY A 4 -2.41 16.58 -10.68
C GLY A 4 -1.86 17.95 -10.38
N SER A 5 -2.39 18.59 -9.34
CA SER A 5 -1.96 19.93 -8.95
C SER A 5 -1.14 19.88 -7.66
N SER A 6 0.14 19.56 -7.78
CA SER A 6 1.02 19.48 -6.62
C SER A 6 2.48 19.64 -7.05
N GLY A 7 3.36 19.80 -6.06
CA GLY A 7 4.77 19.95 -6.34
C GLY A 7 5.42 18.64 -6.76
N ALA A 8 6.74 18.56 -6.56
CA ALA A 8 7.47 17.35 -6.91
C ALA A 8 7.96 16.62 -5.66
N GLU A 9 7.17 15.69 -5.18
CA GLU A 9 7.52 14.92 -3.99
C GLU A 9 8.38 13.71 -4.36
N SER A 10 9.31 13.37 -3.47
CA SER A 10 10.21 12.24 -3.70
C SER A 10 9.95 11.12 -2.69
N LEU A 11 10.30 9.89 -3.07
CA LEU A 11 10.10 8.74 -2.20
C LEU A 11 11.40 7.95 -2.05
N SER A 12 11.75 7.64 -0.82
CA SER A 12 12.97 6.89 -0.53
C SER A 12 12.96 5.55 -1.26
N GLY A 13 11.91 4.77 -1.05
CA GLY A 13 11.79 3.47 -1.69
C GLY A 13 10.63 2.66 -1.16
N LEU A 14 9.43 3.25 -1.21
CA LEU A 14 8.23 2.58 -0.72
C LEU A 14 7.13 2.61 -1.78
N SER A 15 7.43 2.07 -2.96
CA SER A 15 6.48 2.03 -4.05
C SER A 15 5.57 0.81 -3.94
N LEU A 16 4.37 1.02 -3.41
CA LEU A 16 3.40 -0.07 -3.26
C LEU A 16 3.22 -0.82 -4.57
N LYS A 17 3.66 -2.08 -4.59
CA LYS A 17 3.54 -2.92 -5.77
C LYS A 17 2.35 -3.87 -5.65
N LEU A 18 1.54 -3.95 -6.70
CA LEU A 18 0.38 -4.82 -6.72
C LEU A 18 0.77 -6.24 -7.11
N VAL A 19 1.06 -7.07 -6.12
CA VAL A 19 1.44 -8.46 -6.36
C VAL A 19 0.33 -9.22 -7.08
N LYS A 20 -0.85 -9.22 -6.47
CA LYS A 20 -2.01 -9.90 -7.05
C LYS A 20 -3.27 -9.07 -6.91
N LYS A 21 -4.08 -9.03 -7.96
CA LYS A 21 -5.31 -8.27 -7.95
C LYS A 21 -6.53 -9.20 -7.93
N GLU A 22 -6.99 -9.53 -6.73
CA GLU A 22 -8.14 -10.42 -6.56
C GLU A 22 -9.37 -9.62 -6.16
N PRO A 23 -10.56 -10.20 -6.41
CA PRO A 23 -11.84 -9.56 -6.09
C PRO A 23 -12.09 -9.49 -4.59
N ARG A 24 -11.58 -10.49 -3.87
CA ARG A 24 -11.75 -10.55 -2.43
C ARG A 24 -10.40 -10.70 -1.72
N GLN A 25 -9.36 -10.17 -2.35
CA GLN A 25 -8.01 -10.25 -1.79
C GLN A 25 -7.07 -9.29 -2.51
N LEU A 26 -6.14 -8.71 -1.75
CA LEU A 26 -5.18 -7.77 -2.31
C LEU A 26 -3.94 -7.66 -1.42
N GLU A 27 -2.80 -8.09 -1.96
CA GLU A 27 -1.55 -8.04 -1.22
C GLU A 27 -0.61 -6.97 -1.80
N LEU A 28 0.33 -6.53 -0.98
CA LEU A 28 1.29 -5.51 -1.41
C LEU A 28 2.66 -5.76 -0.78
N THR A 29 3.72 -5.37 -1.50
CA THR A 29 5.08 -5.54 -1.01
C THR A 29 5.93 -4.33 -1.33
N TRP A 30 6.45 -3.69 -0.29
CA TRP A 30 7.28 -2.51 -0.46
C TRP A 30 8.71 -2.77 0.04
N ALA A 31 9.63 -2.98 -0.89
CA ALA A 31 11.02 -3.23 -0.54
C ALA A 31 11.97 -2.69 -1.60
N GLY A 32 12.99 -1.96 -1.17
CA GLY A 32 13.95 -1.41 -2.10
C GLY A 32 15.37 -1.50 -1.60
N SER A 33 16.15 -2.40 -2.19
CA SER A 33 17.54 -2.58 -1.78
C SER A 33 18.29 -3.44 -2.80
N ARG A 34 19.22 -2.82 -3.52
CA ARG A 34 20.00 -3.52 -4.53
C ARG A 34 21.16 -4.28 -3.88
N PRO A 35 22.12 -3.54 -3.32
CA PRO A 35 23.29 -4.12 -2.65
C PRO A 35 22.93 -4.83 -1.34
N ARG A 36 22.20 -4.13 -0.48
CA ARG A 36 21.79 -4.68 0.80
C ARG A 36 20.80 -3.76 1.50
N ASN A 37 19.92 -4.34 2.31
CA ASN A 37 18.93 -3.57 3.05
C ASN A 37 19.41 -3.26 4.46
N PRO A 38 19.08 -2.05 4.94
CA PRO A 38 19.47 -1.61 6.28
C PRO A 38 18.72 -2.37 7.38
N GLY A 39 19.31 -2.41 8.57
CA GLY A 39 18.69 -3.10 9.69
C GLY A 39 18.38 -2.17 10.84
N GLY A 40 17.58 -2.65 11.79
CA GLY A 40 17.22 -1.84 12.95
C GLY A 40 15.74 -1.93 13.27
N ASN A 41 15.43 -2.03 14.57
CA ASN A 41 14.05 -2.13 15.02
C ASN A 41 13.20 -1.03 14.39
N LEU A 42 12.53 -1.36 13.30
CA LEU A 42 11.68 -0.39 12.61
C LEU A 42 10.33 -1.02 12.27
N SER A 43 9.30 -0.17 12.19
CA SER A 43 7.95 -0.64 11.88
C SER A 43 7.38 0.12 10.68
N TYR A 44 6.20 -0.29 10.24
CA TYR A 44 5.54 0.35 9.11
C TYR A 44 4.06 0.56 9.39
N GLU A 45 3.57 1.76 9.05
CA GLU A 45 2.16 2.09 9.26
C GLU A 45 1.35 1.91 7.98
N LEU A 46 0.35 1.05 8.03
CA LEU A 46 -0.50 0.79 6.87
C LEU A 46 -1.91 1.35 7.10
N HIS A 47 -2.40 2.09 6.11
CA HIS A 47 -3.74 2.68 6.19
C HIS A 47 -4.50 2.46 4.89
N VAL A 48 -5.57 1.68 4.97
CA VAL A 48 -6.39 1.41 3.78
C VAL A 48 -7.71 2.17 3.84
N LEU A 49 -8.12 2.73 2.71
CA LEU A 49 -9.36 3.48 2.63
C LEU A 49 -10.25 2.94 1.52
N ASN A 50 -11.57 3.04 1.72
CA ASN A 50 -12.54 2.56 0.74
C ASN A 50 -13.69 3.54 0.60
N GLN A 51 -14.56 3.27 -0.37
CA GLN A 51 -15.72 4.13 -0.62
C GLN A 51 -16.24 4.72 0.68
N ASP A 52 -16.79 3.87 1.54
CA ASP A 52 -17.33 4.32 2.83
C ASP A 52 -16.77 3.47 3.97
N GLU A 53 -15.57 2.94 3.77
CA GLU A 53 -14.93 2.11 4.79
C GLU A 53 -13.44 2.42 4.89
N GLU A 54 -13.02 2.96 6.03
CA GLU A 54 -11.63 3.30 6.25
C GLU A 54 -11.07 2.58 7.47
N TRP A 55 -9.97 1.86 7.27
CA TRP A 55 -9.33 1.12 8.35
C TRP A 55 -7.82 1.05 8.16
N HIS A 56 -7.08 1.29 9.23
CA HIS A 56 -5.62 1.25 9.18
C HIS A 56 -5.07 0.25 10.17
N GLN A 57 -3.95 -0.37 9.82
CA GLN A 57 -3.32 -1.37 10.68
C GLN A 57 -1.79 -1.33 10.53
N MET A 58 -1.10 -1.22 11.66
CA MET A 58 0.35 -1.17 11.66
C MET A 58 0.94 -2.56 11.46
N VAL A 59 1.81 -2.70 10.46
CA VAL A 59 2.44 -3.98 10.16
C VAL A 59 3.95 -3.90 10.40
N LEU A 60 4.52 -5.01 10.87
CA LEU A 60 5.95 -5.07 11.15
C LEU A 60 6.72 -5.49 9.89
N GLU A 61 6.07 -6.28 9.04
CA GLU A 61 6.70 -6.75 7.81
C GLU A 61 6.47 -5.76 6.68
N PRO A 62 7.41 -5.74 5.71
CA PRO A 62 7.33 -4.84 4.55
C PRO A 62 6.20 -5.21 3.61
N ARG A 63 5.42 -6.22 3.98
CA ARG A 63 4.31 -6.68 3.16
C ARG A 63 3.01 -6.73 3.97
N VAL A 64 1.88 -6.65 3.28
CA VAL A 64 0.58 -6.68 3.94
C VAL A 64 -0.41 -7.52 3.15
N LEU A 65 -1.31 -8.20 3.86
CA LEU A 65 -2.32 -9.04 3.21
C LEU A 65 -3.72 -8.59 3.60
N LEU A 66 -4.46 -8.05 2.64
CA LEU A 66 -5.82 -7.59 2.89
C LEU A 66 -6.84 -8.58 2.34
N THR A 67 -7.85 -8.90 3.14
CA THR A 67 -8.88 -9.84 2.74
C THR A 67 -10.28 -9.25 2.97
N LYS A 68 -11.31 -10.03 2.64
CA LYS A 68 -12.68 -9.59 2.83
C LYS A 68 -12.94 -8.29 2.09
N LEU A 69 -12.47 -8.20 0.85
CA LEU A 69 -12.65 -7.01 0.03
C LEU A 69 -13.84 -7.17 -0.91
N GLN A 70 -14.08 -6.14 -1.71
CA GLN A 70 -15.19 -6.17 -2.67
C GLN A 70 -14.68 -6.15 -4.10
N PRO A 71 -15.30 -6.95 -4.97
CA PRO A 71 -14.94 -7.05 -6.38
C PRO A 71 -15.26 -5.78 -7.16
N ASP A 72 -14.34 -5.37 -8.02
CA ASP A 72 -14.53 -4.17 -8.83
C ASP A 72 -14.72 -2.95 -7.94
N THR A 73 -13.82 -2.76 -6.99
CA THR A 73 -13.89 -1.64 -6.08
C THR A 73 -12.51 -1.03 -5.85
N THR A 74 -12.43 0.29 -5.97
CA THR A 74 -11.17 1.01 -5.79
C THR A 74 -10.78 1.05 -4.31
N TYR A 75 -9.54 0.65 -4.02
CA TYR A 75 -9.04 0.63 -2.65
C TYR A 75 -7.72 1.38 -2.55
N ILE A 76 -7.66 2.35 -1.64
CA ILE A 76 -6.44 3.14 -1.43
C ILE A 76 -5.61 2.58 -0.28
N VAL A 77 -4.34 2.33 -0.55
CA VAL A 77 -3.43 1.80 0.47
C VAL A 77 -2.16 2.63 0.56
N ARG A 78 -1.71 2.87 1.78
CA ARG A 78 -0.50 3.67 2.02
C ARG A 78 0.37 3.02 3.08
N VAL A 79 1.69 3.15 2.92
CA VAL A 79 2.64 2.57 3.86
C VAL A 79 3.89 3.45 3.99
N ARG A 80 4.50 3.43 5.17
CA ARG A 80 5.69 4.22 5.41
C ARG A 80 6.61 3.52 6.42
N THR A 81 7.79 4.10 6.64
CA THR A 81 8.76 3.52 7.57
C THR A 81 8.87 4.36 8.84
N LEU A 82 8.16 3.94 9.88
CA LEU A 82 8.18 4.66 11.15
C LEU A 82 9.60 5.01 11.56
N THR A 83 9.75 6.07 12.34
CA THR A 83 11.06 6.52 12.80
C THR A 83 11.05 6.82 14.30
N PRO A 84 12.22 6.72 14.93
CA PRO A 84 12.36 6.99 16.37
C PRO A 84 12.20 8.47 16.70
N LEU A 85 12.74 9.33 15.84
CA LEU A 85 12.65 10.77 16.04
C LEU A 85 12.04 11.45 14.82
N GLY A 86 10.79 11.89 14.95
CA GLY A 86 10.12 12.56 13.85
C GLY A 86 9.76 11.61 12.72
N PRO A 87 8.51 11.10 12.75
CA PRO A 87 8.03 10.17 11.73
C PRO A 87 7.82 10.84 10.38
N GLY A 88 8.06 10.08 9.31
CA GLY A 88 7.91 10.61 7.97
C GLY A 88 6.46 10.73 7.56
N PRO A 89 6.22 11.28 6.36
CA PRO A 89 4.86 11.45 5.82
C PRO A 89 4.22 10.12 5.44
N PHE A 90 3.06 10.20 4.80
CA PHE A 90 2.33 9.00 4.39
C PHE A 90 2.34 8.86 2.87
N SER A 91 2.71 7.66 2.40
CA SER A 91 2.77 7.39 0.97
C SER A 91 1.58 8.03 0.25
N PRO A 92 1.76 8.29 -1.05
CA PRO A 92 0.71 8.89 -1.89
C PRO A 92 -0.45 7.94 -2.14
N ASP A 93 -1.67 8.46 -2.01
CA ASP A 93 -2.87 7.66 -2.23
C ASP A 93 -2.71 6.77 -3.45
N HIS A 94 -2.42 5.49 -3.22
CA HIS A 94 -2.24 4.53 -4.31
C HIS A 94 -3.60 4.01 -4.80
N GLU A 95 -4.00 4.46 -5.98
CA GLU A 95 -5.27 4.04 -6.57
C GLU A 95 -5.19 2.60 -7.07
N PHE A 96 -5.82 1.68 -6.34
CA PHE A 96 -5.82 0.28 -6.73
C PHE A 96 -7.24 -0.21 -7.01
N ARG A 97 -7.34 -1.24 -7.84
CA ARG A 97 -8.65 -1.80 -8.20
C ARG A 97 -8.61 -3.32 -8.14
N THR A 98 -9.63 -3.92 -7.53
CA THR A 98 -9.72 -5.36 -7.40
C THR A 98 -10.28 -6.00 -8.68
N SER A 99 -10.01 -7.28 -8.86
CA SER A 99 -10.49 -8.00 -10.04
C SER A 99 -12.00 -7.86 -10.18
N PRO A 100 -12.47 -7.76 -11.44
CA PRO A 100 -13.90 -7.63 -11.74
C PRO A 100 -14.68 -8.90 -11.44
N PRO A 101 -15.94 -8.75 -11.02
CA PRO A 101 -16.82 -9.88 -10.70
C PRO A 101 -17.23 -10.68 -11.93
N SER A 102 -18.04 -11.70 -11.73
CA SER A 102 -18.50 -12.54 -12.83
C SER A 102 -19.33 -11.73 -13.82
N GLY A 103 -18.87 -11.69 -15.06
CA GLY A 103 -19.58 -10.94 -16.09
C GLY A 103 -18.93 -11.07 -17.45
N PRO A 104 -19.69 -11.62 -18.42
CA PRO A 104 -19.20 -11.80 -19.79
C PRO A 104 -19.03 -10.49 -20.53
N SER A 105 -18.30 -10.53 -21.64
CA SER A 105 -18.05 -9.33 -22.44
C SER A 105 -18.77 -9.42 -23.78
N SER A 106 -19.94 -8.80 -23.86
CA SER A 106 -20.74 -8.81 -25.09
C SER A 106 -19.90 -8.33 -26.27
N GLY A 107 -19.27 -7.19 -26.12
CA GLY A 107 -18.45 -6.64 -27.19
C GLY A 107 -19.22 -6.46 -28.47
N GLY A 1 4.26 -6.18 -22.62
CA GLY A 1 5.18 -5.05 -22.56
C GLY A 1 5.22 -4.42 -21.18
N SER A 2 5.86 -3.26 -21.09
CA SER A 2 5.97 -2.54 -19.82
C SER A 2 5.45 -1.11 -19.95
N SER A 3 4.39 -0.82 -19.20
CA SER A 3 3.79 0.52 -19.23
C SER A 3 2.79 0.68 -18.09
N GLY A 4 2.31 1.91 -17.91
CA GLY A 4 1.36 2.19 -16.86
C GLY A 4 1.99 2.89 -15.67
N SER A 5 2.03 4.22 -15.74
CA SER A 5 2.62 5.02 -14.67
C SER A 5 1.98 6.40 -14.60
N SER A 6 2.09 7.04 -13.44
CA SER A 6 1.50 8.37 -13.23
C SER A 6 2.56 9.34 -12.73
N GLY A 7 3.34 8.91 -11.74
CA GLY A 7 4.36 9.76 -11.17
C GLY A 7 4.71 9.38 -9.74
N ALA A 8 5.90 9.77 -9.31
CA ALA A 8 6.34 9.48 -7.95
C ALA A 8 6.66 10.75 -7.19
N GLU A 9 5.89 11.01 -6.13
CA GLU A 9 6.08 12.21 -5.31
C GLU A 9 7.13 11.95 -4.23
N SER A 10 7.43 12.99 -3.46
CA SER A 10 8.41 12.89 -2.38
C SER A 10 8.22 11.60 -1.60
N LEU A 11 9.33 10.93 -1.29
CA LEU A 11 9.28 9.68 -0.54
C LEU A 11 10.69 9.21 -0.18
N SER A 12 10.87 8.78 1.06
CA SER A 12 12.17 8.29 1.52
C SER A 12 12.67 7.15 0.64
N GLY A 13 11.84 6.12 0.49
CA GLY A 13 12.21 4.99 -0.34
C GLY A 13 11.22 3.84 -0.22
N LEU A 14 9.98 4.09 -0.65
CA LEU A 14 8.94 3.08 -0.59
C LEU A 14 8.12 3.07 -1.89
N SER A 15 7.44 1.97 -2.13
CA SER A 15 6.61 1.84 -3.34
C SER A 15 5.66 0.64 -3.21
N LEU A 16 4.37 0.93 -3.17
CA LEU A 16 3.36 -0.11 -3.06
C LEU A 16 3.15 -0.83 -4.40
N LYS A 17 3.49 -2.11 -4.44
CA LYS A 17 3.34 -2.91 -5.65
C LYS A 17 2.19 -3.90 -5.51
N LEU A 18 1.37 -4.00 -6.54
CA LEU A 18 0.23 -4.91 -6.54
C LEU A 18 0.66 -6.32 -6.96
N VAL A 19 1.05 -7.13 -5.98
CA VAL A 19 1.48 -8.49 -6.25
C VAL A 19 0.35 -9.32 -6.85
N LYS A 20 -0.78 -9.37 -6.14
CA LYS A 20 -1.94 -10.12 -6.61
C LYS A 20 -3.17 -9.23 -6.70
N LYS A 21 -3.94 -9.39 -7.77
CA LYS A 21 -5.15 -8.59 -7.97
C LYS A 21 -6.39 -9.47 -7.90
N GLU A 22 -6.86 -9.71 -6.68
CA GLU A 22 -8.04 -10.54 -6.48
C GLU A 22 -9.24 -9.69 -6.05
N PRO A 23 -10.45 -10.19 -6.32
CA PRO A 23 -11.69 -9.49 -5.98
C PRO A 23 -11.93 -9.44 -4.47
N ARG A 24 -11.36 -10.41 -3.75
CA ARG A 24 -11.52 -10.47 -2.31
C ARG A 24 -10.16 -10.64 -1.63
N GLN A 25 -9.12 -10.12 -2.26
CA GLN A 25 -7.77 -10.22 -1.72
C GLN A 25 -6.82 -9.30 -2.47
N LEU A 26 -5.93 -8.63 -1.73
CA LEU A 26 -4.97 -7.72 -2.33
C LEU A 26 -3.75 -7.54 -1.41
N GLU A 27 -2.59 -7.95 -1.90
CA GLU A 27 -1.35 -7.83 -1.13
C GLU A 27 -0.41 -6.81 -1.76
N LEU A 28 0.50 -6.28 -0.96
CA LEU A 28 1.46 -5.29 -1.44
C LEU A 28 2.85 -5.57 -0.88
N THR A 29 3.87 -5.20 -1.64
CA THR A 29 5.26 -5.40 -1.23
C THR A 29 6.12 -4.20 -1.57
N TRP A 30 6.67 -3.56 -0.54
CA TRP A 30 7.53 -2.40 -0.73
C TRP A 30 8.92 -2.63 -0.16
N ALA A 31 9.90 -2.83 -1.03
CA ALA A 31 11.28 -3.06 -0.60
C ALA A 31 12.24 -2.17 -1.37
N GLY A 32 13.10 -1.46 -0.63
CA GLY A 32 14.06 -0.57 -1.25
C GLY A 32 15.16 -1.33 -1.97
N SER A 33 15.20 -1.21 -3.29
CA SER A 33 16.21 -1.90 -4.08
C SER A 33 17.59 -1.28 -3.85
N ARG A 34 18.38 -1.94 -2.99
CA ARG A 34 19.72 -1.47 -2.68
C ARG A 34 20.60 -2.61 -2.20
N PRO A 35 21.91 -2.49 -2.44
CA PRO A 35 22.89 -3.51 -2.04
C PRO A 35 23.07 -3.59 -0.53
N ARG A 36 22.41 -2.68 0.18
CA ARG A 36 22.51 -2.64 1.63
C ARG A 36 21.28 -1.96 2.24
N ASN A 37 20.54 -2.71 3.05
CA ASN A 37 19.33 -2.17 3.69
C ASN A 37 19.51 -2.11 5.20
N PRO A 38 19.96 -0.95 5.70
CA PRO A 38 20.18 -0.74 7.14
C PRO A 38 18.87 -0.68 7.92
N GLY A 39 18.67 -1.65 8.81
CA GLY A 39 17.46 -1.70 9.61
C GLY A 39 17.27 -3.02 10.30
N GLY A 40 16.36 -3.07 11.27
CA GLY A 40 16.11 -4.29 12.00
C GLY A 40 14.80 -4.25 12.77
N ASN A 41 14.82 -3.59 13.93
CA ASN A 41 13.62 -3.49 14.76
C ASN A 41 12.73 -2.35 14.27
N LEU A 42 12.63 -2.20 12.96
CA LEU A 42 11.81 -1.15 12.37
C LEU A 42 10.38 -1.64 12.16
N SER A 43 9.46 -0.70 11.92
CA SER A 43 8.06 -1.03 11.70
C SER A 43 7.47 -0.20 10.56
N TYR A 44 6.24 -0.48 10.20
CA TYR A 44 5.56 0.24 9.13
C TYR A 44 4.07 0.38 9.43
N GLU A 45 3.52 1.55 9.10
CA GLU A 45 2.11 1.83 9.33
C GLU A 45 1.32 1.71 8.03
N LEU A 46 0.34 0.81 8.03
CA LEU A 46 -0.50 0.61 6.84
C LEU A 46 -1.89 1.21 7.06
N HIS A 47 -2.39 1.90 6.03
CA HIS A 47 -3.70 2.52 6.10
C HIS A 47 -4.48 2.27 4.80
N VAL A 48 -5.61 1.58 4.93
CA VAL A 48 -6.45 1.27 3.77
C VAL A 48 -7.80 1.96 3.88
N LEU A 49 -8.19 2.66 2.81
CA LEU A 49 -9.47 3.37 2.79
C LEU A 49 -10.39 2.79 1.71
N ASN A 50 -11.58 2.36 2.12
CA ASN A 50 -12.54 1.79 1.19
C ASN A 50 -13.55 2.85 0.75
N GLN A 51 -14.36 2.51 -0.25
CA GLN A 51 -15.36 3.42 -0.77
C GLN A 51 -16.05 4.17 0.36
N ASP A 52 -16.86 3.46 1.14
CA ASP A 52 -17.57 4.05 2.26
C ASP A 52 -17.02 3.55 3.58
N GLU A 53 -15.71 3.32 3.64
CA GLU A 53 -15.07 2.83 4.85
C GLU A 53 -13.61 3.27 4.90
N GLU A 54 -13.01 3.19 6.09
CA GLU A 54 -11.62 3.58 6.28
C GLU A 54 -11.02 2.90 7.51
N TRP A 55 -10.05 2.03 7.28
CA TRP A 55 -9.40 1.31 8.37
C TRP A 55 -7.88 1.33 8.20
N HIS A 56 -7.17 1.43 9.32
CA HIS A 56 -5.71 1.45 9.30
C HIS A 56 -5.14 0.44 10.28
N GLN A 57 -4.03 -0.19 9.90
CA GLN A 57 -3.39 -1.18 10.74
C GLN A 57 -1.86 -1.14 10.57
N MET A 58 -1.15 -1.09 11.69
CA MET A 58 0.30 -1.04 11.67
C MET A 58 0.89 -2.44 11.43
N VAL A 59 1.72 -2.57 10.41
CA VAL A 59 2.35 -3.84 10.07
C VAL A 59 3.84 -3.82 10.42
N LEU A 60 4.37 -4.98 10.79
CA LEU A 60 5.78 -5.10 11.14
C LEU A 60 6.62 -5.44 9.91
N GLU A 61 5.97 -6.00 8.90
CA GLU A 61 6.65 -6.36 7.66
C GLU A 61 6.20 -5.49 6.50
N PRO A 62 7.08 -5.32 5.50
CA PRO A 62 6.79 -4.50 4.32
C PRO A 62 5.74 -5.13 3.42
N ARG A 63 5.22 -6.29 3.84
CA ARG A 63 4.21 -7.00 3.07
C ARG A 63 2.91 -7.11 3.85
N VAL A 64 1.85 -6.52 3.32
CA VAL A 64 0.54 -6.55 3.97
C VAL A 64 -0.46 -7.35 3.15
N LEU A 65 -1.23 -8.19 3.82
CA LEU A 65 -2.23 -9.02 3.15
C LEU A 65 -3.64 -8.54 3.49
N LEU A 66 -4.29 -7.91 2.51
CA LEU A 66 -5.66 -7.41 2.70
C LEU A 66 -6.67 -8.39 2.14
N THR A 67 -7.65 -8.75 2.97
CA THR A 67 -8.69 -9.69 2.56
C THR A 67 -10.08 -9.13 2.88
N LYS A 68 -11.11 -9.91 2.58
CA LYS A 68 -12.48 -9.50 2.83
C LYS A 68 -12.80 -8.19 2.13
N LEU A 69 -12.32 -8.05 0.90
CA LEU A 69 -12.55 -6.85 0.11
C LEU A 69 -13.75 -7.02 -0.81
N GLN A 70 -14.02 -6.01 -1.63
CA GLN A 70 -15.14 -6.06 -2.57
C GLN A 70 -14.64 -6.08 -4.01
N PRO A 71 -15.28 -6.92 -4.84
CA PRO A 71 -14.92 -7.05 -6.26
C PRO A 71 -15.29 -5.81 -7.07
N ASP A 72 -14.41 -5.44 -7.99
CA ASP A 72 -14.63 -4.27 -8.84
C ASP A 72 -14.76 -3.01 -7.99
N THR A 73 -13.82 -2.80 -7.08
CA THR A 73 -13.83 -1.64 -6.22
C THR A 73 -12.42 -1.10 -5.99
N THR A 74 -12.29 0.22 -5.92
CA THR A 74 -11.00 0.86 -5.71
C THR A 74 -10.68 0.96 -4.23
N TYR A 75 -9.51 0.44 -3.85
CA TYR A 75 -9.07 0.47 -2.46
C TYR A 75 -7.77 1.25 -2.31
N ILE A 76 -7.83 2.36 -1.59
CA ILE A 76 -6.67 3.21 -1.37
C ILE A 76 -5.80 2.66 -0.23
N VAL A 77 -4.50 2.59 -0.46
CA VAL A 77 -3.58 2.10 0.55
C VAL A 77 -2.31 2.95 0.60
N ARG A 78 -1.72 3.05 1.78
CA ARG A 78 -0.51 3.85 1.97
C ARG A 78 0.34 3.29 3.12
N VAL A 79 1.61 3.04 2.83
CA VAL A 79 2.52 2.51 3.84
C VAL A 79 3.75 3.40 4.00
N ARG A 80 4.23 3.54 5.23
CA ARG A 80 5.39 4.36 5.52
C ARG A 80 6.29 3.69 6.56
N THR A 81 7.61 3.86 6.40
CA THR A 81 8.56 3.27 7.33
C THR A 81 8.74 4.14 8.56
N LEU A 82 8.07 3.76 9.65
CA LEU A 82 8.15 4.51 10.90
C LEU A 82 9.55 4.42 11.49
N THR A 83 9.83 5.28 12.47
CA THR A 83 11.13 5.30 13.12
C THR A 83 11.00 5.71 14.59
N PRO A 84 12.03 5.39 15.38
CA PRO A 84 12.06 5.72 16.81
C PRO A 84 12.20 7.22 17.06
N LEU A 85 12.75 7.93 16.08
CA LEU A 85 12.94 9.37 16.19
C LEU A 85 12.31 10.09 15.01
N GLY A 86 11.05 10.49 15.18
CA GLY A 86 10.34 11.19 14.12
C GLY A 86 9.94 10.27 12.98
N PRO A 87 8.67 9.87 12.95
CA PRO A 87 8.13 8.98 11.92
C PRO A 87 8.04 9.66 10.56
N GLY A 88 8.39 8.93 9.50
CA GLY A 88 8.33 9.50 8.17
C GLY A 88 6.91 9.79 7.72
N PRO A 89 6.79 10.43 6.54
CA PRO A 89 5.48 10.78 5.98
C PRO A 89 4.69 9.57 5.51
N PHE A 90 3.57 9.81 4.83
CA PHE A 90 2.73 8.73 4.34
C PHE A 90 2.79 8.65 2.81
N SER A 91 3.03 7.45 2.29
CA SER A 91 3.11 7.24 0.85
C SER A 91 1.96 7.94 0.14
N PRO A 92 2.17 8.26 -1.15
CA PRO A 92 1.16 8.92 -1.97
C PRO A 92 -0.02 8.02 -2.30
N ASP A 93 -1.22 8.57 -2.20
CA ASP A 93 -2.43 7.82 -2.48
C ASP A 93 -2.23 6.89 -3.66
N HIS A 94 -2.31 5.58 -3.41
CA HIS A 94 -2.13 4.58 -4.47
C HIS A 94 -3.48 4.03 -4.92
N GLU A 95 -3.90 4.42 -6.12
CA GLU A 95 -5.17 3.96 -6.68
C GLU A 95 -5.08 2.50 -7.09
N PHE A 96 -5.67 1.62 -6.30
CA PHE A 96 -5.67 0.19 -6.59
C PHE A 96 -7.07 -0.30 -6.94
N ARG A 97 -7.15 -1.25 -7.87
CA ARG A 97 -8.42 -1.80 -8.30
C ARG A 97 -8.44 -3.32 -8.11
N THR A 98 -9.58 -3.83 -7.68
CA THR A 98 -9.74 -5.27 -7.46
C THR A 98 -10.35 -5.95 -8.68
N SER A 99 -9.90 -7.17 -8.95
CA SER A 99 -10.40 -7.93 -10.09
C SER A 99 -11.93 -7.87 -10.15
N PRO A 100 -12.47 -7.80 -11.38
CA PRO A 100 -13.91 -7.73 -11.61
C PRO A 100 -14.61 -9.05 -11.28
N PRO A 101 -15.90 -8.98 -10.93
CA PRO A 101 -16.70 -10.16 -10.59
C PRO A 101 -16.99 -11.04 -11.80
N SER A 102 -17.30 -12.30 -11.54
CA SER A 102 -17.59 -13.25 -12.62
C SER A 102 -18.84 -12.83 -13.38
N GLY A 103 -18.96 -13.34 -14.61
CA GLY A 103 -20.12 -13.01 -15.43
C GLY A 103 -20.19 -11.54 -15.76
N PRO A 104 -20.42 -11.23 -17.04
CA PRO A 104 -20.52 -9.84 -17.52
C PRO A 104 -21.78 -9.15 -17.02
N SER A 105 -21.61 -8.03 -16.32
CA SER A 105 -22.73 -7.28 -15.79
C SER A 105 -23.51 -6.60 -16.91
N SER A 106 -24.77 -6.27 -16.64
CA SER A 106 -25.63 -5.63 -17.62
C SER A 106 -26.32 -4.42 -17.02
N GLY A 107 -25.82 -3.23 -17.35
CA GLY A 107 -26.41 -2.01 -16.83
C GLY A 107 -25.49 -0.81 -16.97
N GLY A 1 1.53 6.28 -17.69
CA GLY A 1 1.19 7.66 -17.43
C GLY A 1 -0.14 7.81 -16.73
N SER A 2 -0.16 7.50 -15.44
CA SER A 2 -1.38 7.60 -14.65
C SER A 2 -1.53 8.98 -14.03
N SER A 3 -0.52 9.40 -13.27
CA SER A 3 -0.54 10.70 -12.62
C SER A 3 -0.10 11.79 -13.59
N GLY A 4 -0.24 13.05 -13.16
CA GLY A 4 0.15 14.17 -14.00
C GLY A 4 1.15 15.09 -13.33
N SER A 5 0.81 15.54 -12.13
CA SER A 5 1.69 16.43 -11.38
C SER A 5 2.70 15.65 -10.56
N SER A 6 3.97 16.04 -10.67
CA SER A 6 5.04 15.37 -9.95
C SER A 6 5.65 16.29 -8.89
N GLY A 7 6.45 15.72 -8.01
CA GLY A 7 7.09 16.50 -6.96
C GLY A 7 8.31 15.82 -6.39
N ALA A 8 9.03 16.54 -5.54
CA ALA A 8 10.24 16.00 -4.91
C ALA A 8 10.01 14.58 -4.40
N GLU A 9 11.09 13.82 -4.28
CA GLU A 9 10.99 12.44 -3.80
C GLU A 9 10.99 12.40 -2.27
N SER A 10 10.26 13.33 -1.66
CA SER A 10 10.17 13.39 -0.21
C SER A 10 10.07 12.00 0.40
N LEU A 11 9.11 11.22 -0.09
CA LEU A 11 8.91 9.86 0.41
C LEU A 11 10.23 9.09 0.45
N SER A 12 10.37 8.21 1.43
CA SER A 12 11.59 7.41 1.58
C SER A 12 11.49 6.11 0.78
N GLY A 13 11.59 6.22 -0.55
CA GLY A 13 11.50 5.05 -1.39
C GLY A 13 10.49 4.05 -0.90
N LEU A 14 9.21 4.41 -1.01
CA LEU A 14 8.13 3.53 -0.56
C LEU A 14 7.01 3.47 -1.60
N SER A 15 7.36 3.02 -2.81
CA SER A 15 6.39 2.92 -3.89
C SER A 15 5.71 1.55 -3.88
N LEU A 16 4.56 1.48 -3.20
CA LEU A 16 3.81 0.24 -3.11
C LEU A 16 3.68 -0.43 -4.48
N LYS A 17 3.32 -1.70 -4.48
CA LYS A 17 3.15 -2.46 -5.72
C LYS A 17 2.00 -3.45 -5.61
N LEU A 18 1.45 -3.82 -6.75
CA LEU A 18 0.33 -4.76 -6.79
C LEU A 18 0.80 -6.14 -7.26
N VAL A 19 1.04 -7.03 -6.30
CA VAL A 19 1.48 -8.38 -6.61
C VAL A 19 0.38 -9.18 -7.31
N LYS A 20 -0.63 -9.56 -6.54
CA LYS A 20 -1.75 -10.34 -7.08
C LYS A 20 -3.08 -9.78 -6.58
N LYS A 21 -3.73 -8.98 -7.41
CA LYS A 21 -5.02 -8.39 -7.06
C LYS A 21 -6.12 -9.43 -7.07
N GLU A 22 -6.99 -9.38 -6.07
CA GLU A 22 -8.10 -10.32 -5.96
C GLU A 22 -9.42 -9.59 -5.69
N PRO A 23 -10.53 -10.22 -6.08
CA PRO A 23 -11.87 -9.66 -5.89
C PRO A 23 -12.29 -9.64 -4.43
N ARG A 24 -11.56 -10.39 -3.60
CA ARG A 24 -11.86 -10.46 -2.18
C ARG A 24 -10.60 -10.25 -1.35
N GLN A 25 -9.45 -10.21 -2.02
CA GLN A 25 -8.17 -10.01 -1.35
C GLN A 25 -7.28 -9.06 -2.13
N LEU A 26 -6.19 -8.62 -1.50
CA LEU A 26 -5.26 -7.70 -2.15
C LEU A 26 -3.91 -7.70 -1.42
N GLU A 27 -2.88 -8.18 -2.10
CA GLU A 27 -1.54 -8.23 -1.52
C GLU A 27 -0.66 -7.13 -2.10
N LEU A 28 0.30 -6.67 -1.30
CA LEU A 28 1.22 -5.62 -1.73
C LEU A 28 2.58 -5.78 -1.06
N THR A 29 3.61 -5.25 -1.70
CA THR A 29 4.97 -5.32 -1.17
C THR A 29 5.80 -4.13 -1.61
N TRP A 30 6.45 -3.47 -0.65
CA TRP A 30 7.28 -2.31 -0.95
C TRP A 30 8.73 -2.56 -0.52
N ALA A 31 9.58 -2.80 -1.50
CA ALA A 31 11.00 -3.04 -1.22
C ALA A 31 11.89 -2.05 -1.96
N GLY A 32 11.59 -1.83 -3.24
CA GLY A 32 12.36 -0.91 -4.04
C GLY A 32 13.62 -1.54 -4.60
N SER A 33 14.54 -0.71 -5.06
CA SER A 33 15.79 -1.20 -5.63
C SER A 33 16.99 -0.56 -4.94
N ARG A 34 17.35 -1.11 -3.78
CA ARG A 34 18.49 -0.59 -3.02
C ARG A 34 18.90 -1.58 -1.93
N PRO A 35 20.19 -1.88 -1.86
CA PRO A 35 20.74 -2.81 -0.86
C PRO A 35 20.71 -2.23 0.54
N ARG A 36 19.82 -2.75 1.38
CA ARG A 36 19.70 -2.28 2.76
C ARG A 36 20.37 -3.25 3.72
N ASN A 37 20.72 -2.75 4.90
CA ASN A 37 21.38 -3.56 5.92
C ASN A 37 20.47 -4.71 6.36
N PRO A 38 21.09 -5.81 6.80
CA PRO A 38 20.36 -7.00 7.26
C PRO A 38 19.64 -6.76 8.58
N GLY A 39 19.75 -5.54 9.09
CA GLY A 39 19.11 -5.21 10.35
C GLY A 39 18.26 -3.95 10.26
N GLY A 40 17.91 -3.39 11.40
CA GLY A 40 17.11 -2.18 11.43
C GLY A 40 15.93 -2.28 12.38
N ASN A 41 15.22 -3.40 12.32
CA ASN A 41 14.07 -3.62 13.19
C ASN A 41 13.09 -2.44 13.10
N LEU A 42 12.86 -1.96 11.88
CA LEU A 42 11.95 -0.85 11.67
C LEU A 42 10.53 -1.34 11.39
N SER A 43 9.54 -0.55 11.80
CA SER A 43 8.15 -0.91 11.60
C SER A 43 7.55 -0.13 10.43
N TYR A 44 6.33 -0.50 10.05
CA TYR A 44 5.65 0.17 8.95
C TYR A 44 4.15 0.31 9.24
N GLU A 45 3.62 1.51 9.00
CA GLU A 45 2.21 1.78 9.23
C GLU A 45 1.41 1.70 7.93
N LEU A 46 0.43 0.81 7.90
CA LEU A 46 -0.41 0.63 6.71
C LEU A 46 -1.79 1.22 6.93
N HIS A 47 -2.28 1.95 5.95
CA HIS A 47 -3.61 2.57 6.03
C HIS A 47 -4.37 2.39 4.72
N VAL A 48 -5.51 1.72 4.80
CA VAL A 48 -6.34 1.49 3.61
C VAL A 48 -7.67 2.22 3.72
N LEU A 49 -8.04 2.93 2.67
CA LEU A 49 -9.29 3.68 2.64
C LEU A 49 -10.18 3.21 1.50
N ASN A 50 -11.48 3.38 1.65
CA ASN A 50 -12.44 2.98 0.63
C ASN A 50 -13.58 3.99 0.53
N GLN A 51 -14.41 3.85 -0.51
CA GLN A 51 -15.53 4.75 -0.72
C GLN A 51 -16.13 5.20 0.61
N ASP A 52 -16.67 4.24 1.36
CA ASP A 52 -17.27 4.54 2.65
C ASP A 52 -16.73 3.61 3.74
N GLU A 53 -15.46 3.24 3.60
CA GLU A 53 -14.83 2.35 4.57
C GLU A 53 -13.35 2.71 4.75
N GLU A 54 -12.99 3.11 5.97
CA GLU A 54 -11.60 3.48 6.27
C GLU A 54 -11.07 2.66 7.43
N TRP A 55 -9.97 1.95 7.18
CA TRP A 55 -9.35 1.12 8.21
C TRP A 55 -7.83 1.09 8.05
N HIS A 56 -7.12 1.16 9.16
CA HIS A 56 -5.67 1.14 9.15
C HIS A 56 -5.12 -0.03 9.97
N GLN A 57 -3.97 -0.55 9.56
CA GLN A 57 -3.35 -1.67 10.27
C GLN A 57 -1.83 -1.56 10.22
N MET A 58 -1.21 -1.47 11.40
CA MET A 58 0.24 -1.36 11.49
C MET A 58 0.90 -2.71 11.22
N VAL A 59 1.92 -2.71 10.37
CA VAL A 59 2.64 -3.93 10.03
C VAL A 59 4.14 -3.76 10.26
N LEU A 60 4.79 -4.82 10.73
CA LEU A 60 6.22 -4.79 10.98
C LEU A 60 7.00 -5.19 9.73
N GLU A 61 6.33 -5.83 8.79
CA GLU A 61 6.96 -6.27 7.55
C GLU A 61 6.53 -5.37 6.39
N PRO A 62 7.39 -5.28 5.36
CA PRO A 62 7.13 -4.47 4.17
C PRO A 62 6.01 -5.05 3.31
N ARG A 63 5.41 -6.14 3.78
CA ARG A 63 4.33 -6.78 3.05
C ARG A 63 3.08 -6.89 3.92
N VAL A 64 1.94 -6.51 3.34
CA VAL A 64 0.67 -6.56 4.07
C VAL A 64 -0.37 -7.35 3.29
N LEU A 65 -1.18 -8.12 4.00
CA LEU A 65 -2.23 -8.92 3.37
C LEU A 65 -3.62 -8.44 3.79
N LEU A 66 -4.34 -7.86 2.84
CA LEU A 66 -5.69 -7.36 3.12
C LEU A 66 -6.74 -8.36 2.68
N THR A 67 -7.66 -8.68 3.59
CA THR A 67 -8.73 -9.63 3.30
C THR A 67 -10.10 -9.03 3.56
N LYS A 68 -11.15 -9.77 3.23
CA LYS A 68 -12.52 -9.30 3.44
C LYS A 68 -12.78 -8.02 2.65
N LEU A 69 -12.30 -7.99 1.41
CA LEU A 69 -12.48 -6.83 0.55
C LEU A 69 -13.60 -7.07 -0.46
N GLN A 70 -14.00 -6.01 -1.16
CA GLN A 70 -15.06 -6.10 -2.16
C GLN A 70 -14.48 -6.00 -3.57
N PRO A 71 -15.01 -6.82 -4.48
CA PRO A 71 -14.56 -6.83 -5.88
C PRO A 71 -14.98 -5.57 -6.63
N ASP A 72 -14.33 -5.32 -7.76
CA ASP A 72 -14.63 -4.14 -8.57
C ASP A 72 -14.72 -2.89 -7.71
N THR A 73 -13.79 -2.76 -6.77
CA THR A 73 -13.76 -1.61 -5.88
C THR A 73 -12.35 -1.06 -5.74
N THR A 74 -12.24 0.27 -5.68
CA THR A 74 -10.95 0.93 -5.55
C THR A 74 -10.60 1.16 -4.08
N TYR A 75 -9.56 0.46 -3.62
CA TYR A 75 -9.13 0.59 -2.23
C TYR A 75 -7.78 1.30 -2.15
N ILE A 76 -7.78 2.51 -1.59
CA ILE A 76 -6.56 3.29 -1.45
C ILE A 76 -5.61 2.65 -0.45
N VAL A 77 -4.32 2.71 -0.74
CA VAL A 77 -3.31 2.14 0.14
C VAL A 77 -2.15 3.10 0.35
N ARG A 78 -1.54 3.05 1.54
CA ARG A 78 -0.42 3.92 1.86
C ARG A 78 0.37 3.38 3.04
N VAL A 79 1.67 3.21 2.85
CA VAL A 79 2.54 2.69 3.90
C VAL A 79 3.69 3.65 4.18
N ARG A 80 4.13 3.69 5.43
CA ARG A 80 5.23 4.56 5.83
C ARG A 80 6.08 3.91 6.91
N THR A 81 7.39 4.13 6.85
CA THR A 81 8.31 3.55 7.82
C THR A 81 8.26 4.33 9.13
N LEU A 82 7.85 3.64 10.20
CA LEU A 82 7.76 4.27 11.52
C LEU A 82 9.14 4.43 12.13
N THR A 83 9.36 5.57 12.78
CA THR A 83 10.65 5.86 13.41
C THR A 83 10.45 6.42 14.82
N PRO A 84 11.45 6.18 15.69
CA PRO A 84 11.41 6.65 17.07
C PRO A 84 11.54 8.17 17.17
N LEU A 85 12.38 8.75 16.32
CA LEU A 85 12.61 10.19 16.32
C LEU A 85 12.35 10.76 14.92
N GLY A 86 11.13 11.20 14.68
CA GLY A 86 10.79 11.78 13.39
C GLY A 86 10.36 10.73 12.38
N PRO A 87 9.10 10.29 12.48
CA PRO A 87 8.54 9.28 11.58
C PRO A 87 8.35 9.81 10.16
N GLY A 88 8.62 8.95 9.17
CA GLY A 88 8.48 9.34 7.78
C GLY A 88 7.05 9.68 7.42
N PRO A 89 6.88 10.43 6.32
CA PRO A 89 5.55 10.84 5.85
C PRO A 89 4.74 9.67 5.30
N PHE A 90 3.44 9.86 5.16
CA PHE A 90 2.56 8.81 4.64
C PHE A 90 2.56 8.81 3.12
N SER A 91 2.97 7.68 2.54
CA SER A 91 3.02 7.54 1.09
C SER A 91 1.85 8.26 0.43
N PRO A 92 2.02 8.64 -0.85
CA PRO A 92 0.99 9.33 -1.62
C PRO A 92 -0.20 8.43 -1.94
N ASP A 93 -1.40 8.91 -1.66
CA ASP A 93 -2.62 8.16 -1.92
C ASP A 93 -2.55 7.47 -3.29
N HIS A 94 -2.25 6.18 -3.28
CA HIS A 94 -2.14 5.41 -4.52
C HIS A 94 -3.53 4.98 -4.99
N GLU A 95 -3.55 4.21 -6.09
CA GLU A 95 -4.81 3.73 -6.65
C GLU A 95 -4.76 2.22 -6.87
N PHE A 96 -5.59 1.49 -6.14
CA PHE A 96 -5.64 0.04 -6.27
C PHE A 96 -7.08 -0.44 -6.50
N ARG A 97 -7.22 -1.43 -7.38
CA ARG A 97 -8.54 -1.98 -7.69
C ARG A 97 -8.53 -3.50 -7.63
N THR A 98 -9.66 -4.08 -7.25
CA THR A 98 -9.78 -5.53 -7.13
C THR A 98 -10.34 -6.14 -8.43
N SER A 99 -9.94 -7.37 -8.70
CA SER A 99 -10.40 -8.06 -9.91
C SER A 99 -11.92 -8.03 -10.01
N PRO A 100 -12.43 -8.07 -11.25
CA PRO A 100 -13.87 -8.05 -11.50
C PRO A 100 -14.57 -9.33 -11.07
N PRO A 101 -15.82 -9.21 -10.64
CA PRO A 101 -16.62 -10.35 -10.19
C PRO A 101 -17.00 -11.29 -11.32
N SER A 102 -17.49 -12.47 -10.98
CA SER A 102 -17.90 -13.46 -11.98
C SER A 102 -16.70 -13.88 -12.84
N GLY A 103 -15.55 -14.08 -12.18
CA GLY A 103 -14.36 -14.48 -12.89
C GLY A 103 -14.41 -15.93 -13.34
N PRO A 104 -13.82 -16.83 -12.54
CA PRO A 104 -13.79 -18.26 -12.83
C PRO A 104 -15.16 -18.91 -12.71
N SER A 105 -15.26 -20.17 -13.14
CA SER A 105 -16.52 -20.90 -13.08
C SER A 105 -17.14 -20.79 -11.69
N SER A 106 -18.25 -20.05 -11.60
CA SER A 106 -18.93 -19.87 -10.33
C SER A 106 -19.79 -21.08 -10.00
N GLY A 107 -20.71 -21.42 -10.91
CA GLY A 107 -21.58 -22.56 -10.70
C GLY A 107 -22.39 -22.91 -11.93
N GLY A 1 -5.88 12.04 -17.46
CA GLY A 1 -5.94 12.59 -16.12
C GLY A 1 -4.61 12.55 -15.41
N SER A 2 -4.23 13.68 -14.82
CA SER A 2 -2.96 13.77 -14.10
C SER A 2 -3.04 14.82 -12.99
N SER A 3 -3.00 14.35 -11.75
CA SER A 3 -3.06 15.23 -10.59
C SER A 3 -1.68 15.46 -9.99
N GLY A 4 -1.33 16.73 -9.78
CA GLY A 4 -0.04 17.06 -9.21
C GLY A 4 0.80 17.90 -10.14
N SER A 5 0.47 19.19 -10.24
CA SER A 5 1.20 20.10 -11.10
C SER A 5 2.70 19.81 -11.06
N SER A 6 3.26 19.77 -9.86
CA SER A 6 4.69 19.50 -9.69
C SER A 6 4.92 18.09 -9.15
N GLY A 7 6.16 17.67 -9.14
CA GLY A 7 6.50 16.34 -8.65
C GLY A 7 7.69 16.35 -7.71
N ALA A 8 7.64 17.19 -6.69
CA ALA A 8 8.72 17.29 -5.73
C ALA A 8 8.29 16.77 -4.36
N GLU A 9 8.48 15.47 -4.15
CA GLU A 9 8.11 14.85 -2.88
C GLU A 9 9.35 14.32 -2.15
N SER A 10 9.26 14.24 -0.83
CA SER A 10 10.37 13.75 -0.02
C SER A 10 10.03 12.42 0.63
N LEU A 11 10.18 11.34 -0.14
CA LEU A 11 9.89 10.00 0.37
C LEU A 11 11.16 9.17 0.49
N SER A 12 11.54 8.87 1.73
CA SER A 12 12.74 8.08 1.99
C SER A 12 12.94 7.03 0.89
N GLY A 13 11.92 6.22 0.67
CA GLY A 13 12.01 5.18 -0.34
C GLY A 13 10.94 4.12 -0.18
N LEU A 14 9.75 4.40 -0.69
CA LEU A 14 8.63 3.45 -0.60
C LEU A 14 7.76 3.51 -1.85
N SER A 15 7.39 2.34 -2.36
CA SER A 15 6.57 2.26 -3.56
C SER A 15 5.62 1.07 -3.47
N LEU A 16 4.33 1.37 -3.30
CA LEU A 16 3.31 0.34 -3.20
C LEU A 16 3.16 -0.41 -4.53
N LYS A 17 3.54 -1.67 -4.54
CA LYS A 17 3.46 -2.49 -5.75
C LYS A 17 2.35 -3.54 -5.61
N LEU A 18 1.58 -3.72 -6.67
CA LEU A 18 0.48 -4.69 -6.67
C LEU A 18 0.98 -6.07 -7.11
N VAL A 19 1.06 -6.98 -6.15
CA VAL A 19 1.52 -8.34 -6.43
C VAL A 19 0.35 -9.23 -6.86
N LYS A 20 -0.76 -9.12 -6.15
CA LYS A 20 -1.94 -9.92 -6.44
C LYS A 20 -3.20 -9.05 -6.44
N LYS A 21 -3.99 -9.15 -7.51
CA LYS A 21 -5.21 -8.38 -7.62
C LYS A 21 -6.44 -9.30 -7.62
N GLU A 22 -6.94 -9.60 -6.43
CA GLU A 22 -8.10 -10.46 -6.29
C GLU A 22 -9.35 -9.65 -5.93
N PRO A 23 -10.53 -10.20 -6.22
CA PRO A 23 -11.81 -9.55 -5.93
C PRO A 23 -12.10 -9.49 -4.42
N ARG A 24 -11.46 -10.37 -3.66
CA ARG A 24 -11.65 -10.40 -2.22
C ARG A 24 -10.31 -10.54 -1.50
N GLN A 25 -9.26 -10.02 -2.12
CA GLN A 25 -7.92 -10.08 -1.55
C GLN A 25 -6.95 -9.19 -2.31
N LEU A 26 -5.97 -8.65 -1.60
CA LEU A 26 -4.98 -7.77 -2.22
C LEU A 26 -3.68 -7.76 -1.40
N GLU A 27 -2.57 -8.03 -2.06
CA GLU A 27 -1.27 -8.05 -1.40
C GLU A 27 -0.35 -6.98 -1.98
N LEU A 28 0.44 -6.36 -1.11
CA LEU A 28 1.37 -5.31 -1.53
C LEU A 28 2.75 -5.52 -0.92
N THR A 29 3.77 -5.01 -1.60
CA THR A 29 5.14 -5.16 -1.12
C THR A 29 5.94 -3.87 -1.36
N TRP A 30 6.56 -3.38 -0.29
CA TRP A 30 7.34 -2.15 -0.37
C TRP A 30 8.75 -2.37 0.18
N ALA A 31 9.72 -2.48 -0.72
CA ALA A 31 11.11 -2.69 -0.32
C ALA A 31 12.07 -1.96 -1.26
N GLY A 32 12.66 -0.88 -0.76
CA GLY A 32 13.58 -0.11 -1.56
C GLY A 32 14.94 -0.79 -1.70
N SER A 33 15.90 -0.34 -0.90
CA SER A 33 17.25 -0.90 -0.94
C SER A 33 17.68 -1.36 0.44
N ARG A 34 18.39 -2.49 0.49
CA ARG A 34 18.86 -3.05 1.76
C ARG A 34 19.87 -2.11 2.42
N PRO A 35 19.81 -2.02 3.75
CA PRO A 35 20.71 -1.16 4.53
C PRO A 35 22.15 -1.69 4.52
N ARG A 36 23.08 -0.82 4.88
CA ARG A 36 24.49 -1.19 4.93
C ARG A 36 24.80 -1.99 6.19
N ASN A 37 24.42 -1.45 7.34
CA ASN A 37 24.66 -2.11 8.61
C ASN A 37 23.41 -2.85 9.09
N PRO A 38 23.53 -4.16 9.27
CA PRO A 38 22.41 -5.00 9.72
C PRO A 38 22.04 -4.74 11.18
N GLY A 39 21.07 -5.49 11.68
CA GLY A 39 20.64 -5.32 13.06
C GLY A 39 19.84 -4.06 13.27
N GLY A 40 18.52 -4.19 13.28
CA GLY A 40 17.65 -3.03 13.47
C GLY A 40 16.25 -3.28 12.95
N ASN A 41 15.41 -3.90 13.79
CA ASN A 41 14.03 -4.18 13.41
C ASN A 41 13.22 -2.91 13.28
N LEU A 42 12.52 -2.76 12.16
CA LEU A 42 11.70 -1.58 11.92
C LEU A 42 10.25 -1.96 11.68
N SER A 43 9.36 -0.98 11.81
CA SER A 43 7.94 -1.22 11.60
C SER A 43 7.41 -0.39 10.44
N TYR A 44 6.10 -0.47 10.20
CA TYR A 44 5.47 0.26 9.10
C TYR A 44 3.99 0.47 9.38
N GLU A 45 3.50 1.67 9.06
CA GLU A 45 2.09 1.99 9.26
C GLU A 45 1.30 1.83 7.97
N LEU A 46 0.27 1.00 8.01
CA LEU A 46 -0.58 0.76 6.84
C LEU A 46 -1.95 1.39 7.02
N HIS A 47 -2.41 2.10 5.99
CA HIS A 47 -3.71 2.75 6.03
C HIS A 47 -4.50 2.49 4.75
N VAL A 48 -5.59 1.73 4.88
CA VAL A 48 -6.43 1.41 3.73
C VAL A 48 -7.74 2.16 3.78
N LEU A 49 -8.16 2.68 2.63
CA LEU A 49 -9.41 3.43 2.53
C LEU A 49 -10.33 2.83 1.47
N ASN A 50 -11.63 2.92 1.70
CA ASN A 50 -12.61 2.40 0.75
C ASN A 50 -13.80 3.34 0.62
N GLN A 51 -14.71 3.01 -0.29
CA GLN A 51 -15.90 3.83 -0.51
C GLN A 51 -16.48 4.31 0.81
N ASP A 52 -16.90 3.37 1.65
CA ASP A 52 -17.47 3.71 2.95
C ASP A 52 -16.77 2.94 4.07
N GLU A 53 -15.55 2.47 3.79
CA GLU A 53 -14.78 1.73 4.76
C GLU A 53 -13.32 2.17 4.76
N GLU A 54 -12.88 2.76 5.86
CA GLU A 54 -11.50 3.23 5.99
C GLU A 54 -10.91 2.82 7.34
N TRP A 55 -9.91 1.93 7.28
CA TRP A 55 -9.25 1.46 8.49
C TRP A 55 -7.74 1.51 8.34
N HIS A 56 -7.03 1.51 9.47
CA HIS A 56 -5.58 1.56 9.46
C HIS A 56 -5.00 0.51 10.41
N GLN A 57 -4.00 -0.22 9.93
CA GLN A 57 -3.35 -1.25 10.74
C GLN A 57 -1.84 -1.22 10.56
N MET A 58 -1.12 -1.19 11.67
CA MET A 58 0.34 -1.16 11.63
C MET A 58 0.91 -2.56 11.44
N VAL A 59 1.78 -2.72 10.45
CA VAL A 59 2.39 -4.01 10.16
C VAL A 59 3.90 -3.96 10.39
N LEU A 60 4.44 -5.02 10.99
CA LEU A 60 5.87 -5.10 11.27
C LEU A 60 6.64 -5.51 10.02
N GLU A 61 5.98 -6.26 9.14
CA GLU A 61 6.60 -6.71 7.91
C GLU A 61 6.30 -5.76 6.76
N PRO A 62 7.25 -5.66 5.81
CA PRO A 62 7.11 -4.78 4.65
C PRO A 62 6.05 -5.27 3.67
N ARG A 63 5.37 -6.35 4.03
CA ARG A 63 4.33 -6.92 3.19
C ARG A 63 3.03 -7.10 3.97
N VAL A 64 1.94 -6.58 3.43
CA VAL A 64 0.63 -6.67 4.09
C VAL A 64 -0.33 -7.48 3.23
N LEU A 65 -1.20 -8.26 3.90
CA LEU A 65 -2.17 -9.08 3.20
C LEU A 65 -3.59 -8.70 3.62
N LEU A 66 -4.32 -8.05 2.72
CA LEU A 66 -5.69 -7.64 2.99
C LEU A 66 -6.69 -8.62 2.40
N THR A 67 -7.73 -8.92 3.16
CA THR A 67 -8.76 -9.86 2.71
C THR A 67 -10.16 -9.33 3.02
N LYS A 68 -11.17 -10.01 2.52
CA LYS A 68 -12.56 -9.62 2.75
C LYS A 68 -12.90 -8.36 1.96
N LEU A 69 -12.16 -8.12 0.88
CA LEU A 69 -12.39 -6.95 0.04
C LEU A 69 -13.56 -7.17 -0.91
N GLN A 70 -13.94 -6.12 -1.62
CA GLN A 70 -15.04 -6.20 -2.57
C GLN A 70 -14.53 -6.17 -4.01
N PRO A 71 -15.17 -6.95 -4.89
CA PRO A 71 -14.79 -7.03 -6.31
C PRO A 71 -15.13 -5.75 -7.07
N ASP A 72 -14.32 -5.43 -8.07
CA ASP A 72 -14.53 -4.23 -8.87
C ASP A 72 -14.71 -3.01 -7.98
N THR A 73 -13.79 -2.82 -7.04
CA THR A 73 -13.85 -1.70 -6.12
C THR A 73 -12.47 -1.09 -5.90
N THR A 74 -12.36 0.23 -6.05
CA THR A 74 -11.11 0.93 -5.87
C THR A 74 -10.72 0.99 -4.39
N TYR A 75 -9.55 0.46 -4.06
CA TYR A 75 -9.07 0.46 -2.69
C TYR A 75 -7.76 1.23 -2.58
N ILE A 76 -7.76 2.28 -1.77
CA ILE A 76 -6.58 3.10 -1.57
C ILE A 76 -5.74 2.59 -0.40
N VAL A 77 -4.43 2.48 -0.62
CA VAL A 77 -3.52 2.00 0.41
C VAL A 77 -2.27 2.85 0.47
N ARG A 78 -1.83 3.15 1.69
CA ARG A 78 -0.63 3.97 1.88
C ARG A 78 0.22 3.42 3.02
N VAL A 79 1.46 3.07 2.71
CA VAL A 79 2.38 2.52 3.70
C VAL A 79 3.57 3.45 3.92
N ARG A 80 4.07 3.48 5.15
CA ARG A 80 5.21 4.33 5.49
C ARG A 80 6.06 3.69 6.58
N THR A 81 7.38 3.74 6.40
CA THR A 81 8.30 3.16 7.38
C THR A 81 8.44 4.06 8.60
N LEU A 82 8.26 3.48 9.79
CA LEU A 82 8.38 4.23 11.02
C LEU A 82 9.81 4.24 11.54
N THR A 83 10.11 5.16 12.43
CA THR A 83 11.45 5.27 13.00
C THR A 83 11.40 5.70 14.47
N PRO A 84 12.51 5.47 15.19
CA PRO A 84 12.61 5.81 16.61
C PRO A 84 12.65 7.32 16.84
N LEU A 85 13.09 8.05 15.82
CA LEU A 85 13.18 9.50 15.91
C LEU A 85 12.43 10.17 14.76
N GLY A 86 11.15 10.47 14.98
CA GLY A 86 10.35 11.11 13.95
C GLY A 86 10.06 10.18 12.79
N PRO A 87 8.88 9.56 12.80
CA PRO A 87 8.46 8.64 11.74
C PRO A 87 8.18 9.35 10.42
N GLY A 88 8.58 8.72 9.32
CA GLY A 88 8.37 9.31 8.01
C GLY A 88 6.91 9.59 7.73
N PRO A 89 6.64 10.40 6.68
CA PRO A 89 5.28 10.76 6.29
C PRO A 89 4.51 9.57 5.71
N PHE A 90 3.31 9.85 5.22
CA PHE A 90 2.48 8.80 4.63
C PHE A 90 2.56 8.82 3.11
N SER A 91 2.64 7.65 2.51
CA SER A 91 2.73 7.52 1.05
C SER A 91 1.51 8.15 0.39
N PRO A 92 1.68 8.57 -0.88
CA PRO A 92 0.61 9.19 -1.67
C PRO A 92 -0.48 8.20 -2.04
N ASP A 93 -1.73 8.61 -1.91
CA ASP A 93 -2.86 7.76 -2.25
C ASP A 93 -2.59 6.97 -3.52
N HIS A 94 -2.61 5.64 -3.41
CA HIS A 94 -2.36 4.77 -4.54
C HIS A 94 -3.67 4.19 -5.08
N GLU A 95 -4.10 4.69 -6.24
CA GLU A 95 -5.34 4.21 -6.85
C GLU A 95 -5.20 2.77 -7.32
N PHE A 96 -5.82 1.85 -6.58
CA PHE A 96 -5.76 0.44 -6.93
C PHE A 96 -7.15 -0.10 -7.27
N ARG A 97 -7.19 -1.09 -8.16
CA ARG A 97 -8.46 -1.69 -8.57
C ARG A 97 -8.42 -3.20 -8.42
N THR A 98 -9.48 -3.76 -7.82
CA THR A 98 -9.56 -5.20 -7.61
C THR A 98 -10.03 -5.92 -8.88
N SER A 99 -9.92 -7.24 -8.87
CA SER A 99 -10.33 -8.03 -10.02
C SER A 99 -11.83 -7.92 -10.27
N PRO A 100 -12.22 -7.89 -11.55
CA PRO A 100 -13.62 -7.78 -11.96
C PRO A 100 -14.42 -9.04 -11.63
N PRO A 101 -15.63 -8.85 -11.08
CA PRO A 101 -16.51 -9.96 -10.71
C PRO A 101 -17.09 -10.67 -11.93
N SER A 102 -17.19 -9.94 -13.04
CA SER A 102 -17.72 -10.51 -14.28
C SER A 102 -17.08 -9.84 -15.49
N GLY A 103 -16.67 -10.65 -16.46
CA GLY A 103 -16.06 -10.11 -17.66
C GLY A 103 -15.72 -11.20 -18.68
N PRO A 104 -16.03 -10.93 -19.95
CA PRO A 104 -15.78 -11.89 -21.04
C PRO A 104 -14.29 -12.04 -21.33
N SER A 105 -13.82 -13.29 -21.33
CA SER A 105 -12.41 -13.57 -21.59
C SER A 105 -12.08 -13.37 -23.06
N SER A 106 -10.78 -13.34 -23.37
CA SER A 106 -10.34 -13.16 -24.75
C SER A 106 -10.00 -14.49 -25.40
N GLY A 107 -9.25 -15.31 -24.67
CA GLY A 107 -8.86 -16.62 -25.18
C GLY A 107 -9.25 -17.75 -24.26
N GLY A 1 24.28 18.79 2.41
CA GLY A 1 23.95 19.98 1.66
C GLY A 1 23.04 20.93 2.42
N SER A 2 21.86 20.46 2.77
CA SER A 2 20.90 21.28 3.50
C SER A 2 20.33 20.50 4.69
N SER A 3 19.61 21.22 5.56
CA SER A 3 19.01 20.60 6.74
C SER A 3 17.97 19.57 6.34
N GLY A 4 18.27 18.30 6.61
CA GLY A 4 17.34 17.23 6.27
C GLY A 4 18.05 15.94 5.92
N SER A 5 19.09 16.04 5.11
CA SER A 5 19.86 14.87 4.69
C SER A 5 21.31 14.98 5.16
N SER A 6 21.51 15.44 6.38
CA SER A 6 22.84 15.59 6.94
C SER A 6 23.64 14.30 6.81
N GLY A 7 23.08 13.21 7.32
CA GLY A 7 23.75 11.92 7.25
C GLY A 7 23.27 11.09 6.07
N ALA A 8 23.15 9.78 6.30
CA ALA A 8 22.70 8.87 5.25
C ALA A 8 21.44 8.13 5.67
N GLU A 9 20.30 8.58 5.17
CA GLU A 9 19.02 7.97 5.49
C GLU A 9 17.97 8.29 4.43
N SER A 10 17.62 7.28 3.64
CA SER A 10 16.63 7.45 2.59
C SER A 10 15.49 6.45 2.74
N LEU A 11 14.49 6.57 1.88
CA LEU A 11 13.33 5.67 1.92
C LEU A 11 13.56 4.44 1.06
N SER A 12 13.76 3.30 1.71
CA SER A 12 14.00 2.05 1.00
C SER A 12 13.21 2.00 -0.31
N GLY A 13 11.96 2.45 -0.25
CA GLY A 13 11.12 2.45 -1.44
C GLY A 13 9.64 2.52 -1.10
N LEU A 14 9.23 1.76 -0.09
CA LEU A 14 7.84 1.73 0.33
C LEU A 14 6.91 1.94 -0.86
N SER A 15 7.19 1.25 -1.96
CA SER A 15 6.38 1.38 -3.17
C SER A 15 5.33 0.27 -3.23
N LEU A 16 4.10 0.62 -2.89
CA LEU A 16 3.01 -0.35 -2.90
C LEU A 16 2.82 -0.95 -4.28
N LYS A 17 3.22 -2.21 -4.43
CA LYS A 17 3.10 -2.91 -5.70
C LYS A 17 1.97 -3.93 -5.67
N LEU A 18 1.21 -4.01 -6.75
CA LEU A 18 0.10 -4.95 -6.85
C LEU A 18 0.58 -6.33 -7.31
N VAL A 19 0.84 -7.20 -6.36
CA VAL A 19 1.30 -8.56 -6.67
C VAL A 19 0.13 -9.47 -7.03
N LYS A 20 -0.90 -9.45 -6.19
CA LYS A 20 -2.08 -10.27 -6.42
C LYS A 20 -3.34 -9.40 -6.52
N LYS A 21 -3.98 -9.42 -7.68
CA LYS A 21 -5.20 -8.65 -7.89
C LYS A 21 -6.43 -9.53 -7.80
N GLU A 22 -6.96 -9.69 -6.58
CA GLU A 22 -8.15 -10.51 -6.37
C GLU A 22 -9.34 -9.64 -5.98
N PRO A 23 -10.55 -10.12 -6.32
CA PRO A 23 -11.80 -9.41 -6.02
C PRO A 23 -12.11 -9.40 -4.53
N ARG A 24 -11.56 -10.37 -3.80
CA ARG A 24 -11.78 -10.45 -2.37
C ARG A 24 -10.46 -10.47 -1.61
N GLN A 25 -9.36 -10.22 -2.33
CA GLN A 25 -8.04 -10.20 -1.72
C GLN A 25 -7.12 -9.25 -2.48
N LEU A 26 -6.09 -8.77 -1.79
CA LEU A 26 -5.13 -7.85 -2.39
C LEU A 26 -3.82 -7.82 -1.58
N GLU A 27 -2.74 -8.25 -2.22
CA GLU A 27 -1.43 -8.27 -1.57
C GLU A 27 -0.54 -7.17 -2.10
N LEU A 28 0.31 -6.63 -1.25
CA LEU A 28 1.23 -5.56 -1.63
C LEU A 28 2.63 -5.80 -1.06
N THR A 29 3.64 -5.62 -1.91
CA THR A 29 5.02 -5.82 -1.49
C THR A 29 5.89 -4.62 -1.89
N TRP A 30 6.41 -3.93 -0.89
CA TRP A 30 7.26 -2.76 -1.13
C TRP A 30 8.67 -3.00 -0.59
N ALA A 31 9.60 -3.26 -1.49
CA ALA A 31 10.99 -3.51 -1.10
C ALA A 31 11.95 -3.11 -2.23
N GLY A 32 13.23 -2.99 -1.89
CA GLY A 32 14.22 -2.62 -2.87
C GLY A 32 15.59 -3.22 -2.57
N SER A 33 16.15 -2.87 -1.43
CA SER A 33 17.47 -3.37 -1.04
C SER A 33 17.37 -4.18 0.26
N ARG A 34 18.17 -5.23 0.34
CA ARG A 34 18.18 -6.10 1.52
C ARG A 34 19.46 -5.91 2.32
N PRO A 35 19.31 -5.51 3.59
CA PRO A 35 20.44 -5.29 4.49
C PRO A 35 21.14 -6.60 4.87
N ARG A 36 22.46 -6.60 4.78
CA ARG A 36 23.24 -7.78 5.12
C ARG A 36 23.93 -7.61 6.48
N ASN A 37 23.21 -7.01 7.42
CA ASN A 37 23.74 -6.79 8.75
C ASN A 37 22.64 -6.40 9.73
N PRO A 38 22.46 -7.21 10.78
CA PRO A 38 21.44 -6.98 11.80
C PRO A 38 21.75 -5.77 12.66
N GLY A 39 20.72 -5.19 13.28
CA GLY A 39 20.90 -4.02 14.12
C GLY A 39 19.83 -2.98 13.90
N GLY A 40 19.11 -2.63 14.97
CA GLY A 40 18.06 -1.64 14.86
C GLY A 40 16.80 -2.19 14.24
N ASN A 41 15.68 -2.08 14.97
CA ASN A 41 14.40 -2.58 14.47
C ASN A 41 13.48 -1.43 14.10
N LEU A 42 12.70 -1.62 13.04
CA LEU A 42 11.77 -0.58 12.59
C LEU A 42 10.46 -1.21 12.11
N SER A 43 9.37 -0.46 12.23
CA SER A 43 8.05 -0.95 11.82
C SER A 43 7.48 -0.07 10.72
N TYR A 44 6.34 -0.48 10.18
CA TYR A 44 5.69 0.28 9.10
C TYR A 44 4.20 0.45 9.40
N GLU A 45 3.69 1.65 9.09
CA GLU A 45 2.28 1.94 9.32
C GLU A 45 1.48 1.84 8.03
N LEU A 46 0.48 0.96 8.02
CA LEU A 46 -0.37 0.77 6.85
C LEU A 46 -1.75 1.37 7.07
N HIS A 47 -2.23 2.10 6.06
CA HIS A 47 -3.54 2.73 6.14
C HIS A 47 -4.34 2.50 4.86
N VAL A 48 -5.41 1.72 4.96
CA VAL A 48 -6.24 1.42 3.81
C VAL A 48 -7.58 2.16 3.88
N LEU A 49 -7.99 2.72 2.76
CA LEU A 49 -9.25 3.46 2.69
C LEU A 49 -10.19 2.86 1.66
N ASN A 50 -11.40 2.52 2.08
CA ASN A 50 -12.39 1.93 1.19
C ASN A 50 -13.34 3.00 0.65
N GLN A 51 -14.17 2.62 -0.31
CA GLN A 51 -15.12 3.55 -0.91
C GLN A 51 -15.76 4.44 0.16
N ASP A 52 -16.60 3.84 0.99
CA ASP A 52 -17.27 4.58 2.05
C ASP A 52 -16.79 4.12 3.42
N GLU A 53 -15.52 3.72 3.50
CA GLU A 53 -14.94 3.26 4.76
C GLU A 53 -13.44 3.53 4.79
N GLU A 54 -12.87 3.48 5.99
CA GLU A 54 -11.44 3.72 6.16
C GLU A 54 -10.91 2.98 7.39
N TRP A 55 -9.85 2.21 7.20
CA TRP A 55 -9.25 1.45 8.29
C TRP A 55 -7.73 1.45 8.18
N HIS A 56 -7.05 1.37 9.31
CA HIS A 56 -5.60 1.35 9.34
C HIS A 56 -5.07 0.18 10.16
N GLN A 57 -3.90 -0.32 9.80
CA GLN A 57 -3.29 -1.44 10.51
C GLN A 57 -1.77 -1.42 10.38
N MET A 58 -1.09 -1.50 11.51
CA MET A 58 0.37 -1.49 11.52
C MET A 58 0.93 -2.88 11.20
N VAL A 59 1.89 -2.92 10.28
CA VAL A 59 2.51 -4.18 9.89
C VAL A 59 4.00 -4.18 10.18
N LEU A 60 4.51 -5.32 10.64
CA LEU A 60 5.93 -5.45 10.96
C LEU A 60 6.70 -6.04 9.78
N GLU A 61 6.12 -5.95 8.59
CA GLU A 61 6.75 -6.47 7.39
C GLU A 61 6.43 -5.60 6.18
N PRO A 62 7.34 -5.62 5.19
CA PRO A 62 7.16 -4.84 3.96
C PRO A 62 6.04 -5.36 3.09
N ARG A 63 5.35 -6.39 3.57
CA ARG A 63 4.25 -6.99 2.82
C ARG A 63 3.00 -7.11 3.70
N VAL A 64 1.87 -6.65 3.18
CA VAL A 64 0.61 -6.71 3.92
C VAL A 64 -0.44 -7.48 3.14
N LEU A 65 -1.17 -8.35 3.83
CA LEU A 65 -2.21 -9.15 3.20
C LEU A 65 -3.60 -8.64 3.60
N LEU A 66 -4.29 -8.03 2.64
CA LEU A 66 -5.63 -7.49 2.87
C LEU A 66 -6.69 -8.48 2.40
N THR A 67 -7.59 -8.84 3.31
CA THR A 67 -8.67 -9.78 2.98
C THR A 67 -10.03 -9.15 3.22
N LYS A 68 -11.09 -9.90 2.94
CA LYS A 68 -12.46 -9.42 3.14
C LYS A 68 -12.70 -8.17 2.30
N LEU A 69 -12.28 -8.20 1.05
CA LEU A 69 -12.47 -7.07 0.14
C LEU A 69 -13.70 -7.27 -0.74
N GLN A 70 -14.02 -6.25 -1.53
CA GLN A 70 -15.17 -6.32 -2.43
C GLN A 70 -14.73 -6.22 -3.89
N PRO A 71 -15.40 -6.99 -4.75
CA PRO A 71 -15.09 -7.02 -6.19
C PRO A 71 -15.48 -5.72 -6.88
N ASP A 72 -14.66 -5.30 -7.83
CA ASP A 72 -14.92 -4.08 -8.58
C ASP A 72 -14.99 -2.88 -7.63
N THR A 73 -13.98 -2.73 -6.78
CA THR A 73 -13.94 -1.63 -5.83
C THR A 73 -12.52 -1.09 -5.68
N THR A 74 -12.39 0.23 -5.61
CA THR A 74 -11.09 0.86 -5.46
C THR A 74 -10.66 0.91 -4.00
N TYR A 75 -9.46 0.41 -3.72
CA TYR A 75 -8.94 0.40 -2.35
C TYR A 75 -7.61 1.15 -2.27
N ILE A 76 -7.63 2.28 -1.58
CA ILE A 76 -6.43 3.10 -1.43
C ILE A 76 -5.58 2.61 -0.25
N VAL A 77 -4.26 2.59 -0.45
CA VAL A 77 -3.35 2.14 0.59
C VAL A 77 -2.11 3.02 0.63
N ARG A 78 -1.62 3.29 1.84
CA ARG A 78 -0.43 4.12 2.02
C ARG A 78 0.41 3.62 3.20
N VAL A 79 1.66 3.28 2.91
CA VAL A 79 2.57 2.79 3.95
C VAL A 79 3.74 3.75 4.16
N ARG A 80 4.16 3.89 5.40
CA ARG A 80 5.27 4.78 5.74
C ARG A 80 6.06 4.24 6.92
N THR A 81 7.39 4.37 6.85
CA THR A 81 8.25 3.89 7.91
C THR A 81 8.10 4.75 9.17
N LEU A 82 7.82 4.08 10.30
CA LEU A 82 7.65 4.77 11.57
C LEU A 82 8.99 5.04 12.23
N THR A 83 9.12 6.20 12.86
CA THR A 83 10.36 6.58 13.53
C THR A 83 10.08 7.12 14.93
N PRO A 84 11.07 6.98 15.83
CA PRO A 84 10.94 7.45 17.21
C PRO A 84 10.95 8.98 17.31
N LEU A 85 11.83 9.61 16.55
CA LEU A 85 11.93 11.07 16.53
C LEU A 85 11.80 11.61 15.12
N GLY A 86 10.57 11.97 14.74
CA GLY A 86 10.33 12.50 13.41
C GLY A 86 10.01 11.42 12.40
N PRO A 87 8.76 10.96 12.39
CA PRO A 87 8.30 9.91 11.48
C PRO A 87 8.23 10.41 10.03
N GLY A 88 8.47 9.50 9.09
CA GLY A 88 8.43 9.85 7.68
C GLY A 88 7.02 10.17 7.21
N PRO A 89 6.92 10.82 6.04
CA PRO A 89 5.64 11.19 5.45
C PRO A 89 4.85 9.97 4.97
N PHE A 90 3.54 10.15 4.81
CA PHE A 90 2.68 9.06 4.35
C PHE A 90 2.72 8.95 2.83
N SER A 91 2.99 7.75 2.33
CA SER A 91 3.06 7.50 0.90
C SER A 91 1.86 8.13 0.19
N PRO A 92 2.04 8.43 -1.12
CA PRO A 92 0.99 9.03 -1.94
C PRO A 92 -0.17 8.07 -2.21
N ASP A 93 -1.39 8.57 -2.06
CA ASP A 93 -2.58 7.75 -2.29
C ASP A 93 -2.39 6.83 -3.49
N HIS A 94 -2.26 5.53 -3.23
CA HIS A 94 -2.07 4.55 -4.28
C HIS A 94 -3.41 4.01 -4.77
N GLU A 95 -3.87 4.50 -5.92
CA GLU A 95 -5.13 4.07 -6.49
C GLU A 95 -5.05 2.63 -6.97
N PHE A 96 -5.77 1.74 -6.30
CA PHE A 96 -5.78 0.32 -6.66
C PHE A 96 -7.19 -0.15 -6.98
N ARG A 97 -7.28 -1.16 -7.85
CA ARG A 97 -8.58 -1.70 -8.25
C ARG A 97 -8.57 -3.23 -8.18
N THR A 98 -9.54 -3.79 -7.45
CA THR A 98 -9.64 -5.23 -7.30
C THR A 98 -10.27 -5.87 -8.53
N SER A 99 -9.91 -7.12 -8.80
CA SER A 99 -10.44 -7.84 -9.95
C SER A 99 -11.96 -7.83 -9.94
N PRO A 100 -12.56 -7.94 -11.14
CA PRO A 100 -14.02 -7.94 -11.30
C PRO A 100 -14.66 -9.23 -10.75
N PRO A 101 -15.95 -9.14 -10.40
CA PRO A 101 -16.70 -10.27 -9.86
C PRO A 101 -16.96 -11.36 -10.90
N SER A 102 -17.20 -12.58 -10.45
CA SER A 102 -17.46 -13.69 -11.35
C SER A 102 -18.75 -13.47 -12.12
N GLY A 103 -19.86 -13.34 -11.40
CA GLY A 103 -21.15 -13.13 -12.03
C GLY A 103 -21.07 -12.14 -13.18
N PRO A 104 -21.08 -12.66 -14.42
CA PRO A 104 -21.02 -11.83 -15.62
C PRO A 104 -22.29 -11.03 -15.85
N SER A 105 -22.21 -10.03 -16.73
CA SER A 105 -23.36 -9.19 -17.02
C SER A 105 -23.12 -8.37 -18.29
N SER A 106 -24.19 -7.93 -18.92
CA SER A 106 -24.10 -7.14 -20.15
C SER A 106 -23.72 -5.70 -19.82
N GLY A 107 -24.52 -5.06 -18.99
CA GLY A 107 -24.24 -3.67 -18.62
C GLY A 107 -25.45 -2.77 -18.82
#